data_2LML
#
_entry.id   2LML
#
loop_
_entity.id
_entity.type
_entity.pdbx_description
1 polymer 'Putative acyl carrier protein'
2 non-polymer "4'-PHOSPHOPANTETHEINE"
#
_entity_poly.entity_id   1
_entity_poly.type   'polypeptide(L)'
_entity_poly.pdbx_seq_one_letter_code
;MPTLDALTPIFRQVFDDDSIVLTRETSANDIDAWDSLSHMNLIVSLEVHYKIKFALGELQKLKNVGDLADLVDKKLARKL
EHHHHHH
;
_entity_poly.pdbx_strand_id   A
#
# COMPACT_ATOMS: atom_id res chain seq x y z
N MET A 1 0.65 10.85 8.37
CA MET A 1 0.33 9.86 7.32
C MET A 1 0.60 10.45 5.91
N PRO A 2 1.88 10.35 5.41
CA PRO A 2 2.26 10.81 4.05
C PRO A 2 2.23 9.65 3.03
N THR A 3 1.27 8.73 3.24
CA THR A 3 1.28 7.40 2.61
C THR A 3 0.82 7.43 1.14
N LEU A 4 -0.40 7.96 0.83
CA LEU A 4 -0.92 8.02 -0.57
C LEU A 4 0.10 8.67 -1.53
N ASP A 5 0.77 9.72 -1.03
CA ASP A 5 1.90 10.40 -1.73
C ASP A 5 3.00 9.40 -2.11
N ALA A 6 3.47 8.66 -1.08
CA ALA A 6 4.55 7.67 -1.23
C ALA A 6 4.12 6.44 -2.03
N LEU A 7 2.82 6.12 -1.99
CA LEU A 7 2.26 4.89 -2.57
C LEU A 7 1.94 5.07 -4.07
N THR A 8 1.65 6.30 -4.54
CA THR A 8 1.27 6.55 -5.96
C THR A 8 2.34 6.03 -6.98
N PRO A 9 3.68 6.32 -6.80
CA PRO A 9 4.74 5.70 -7.65
C PRO A 9 4.76 4.15 -7.57
N ILE A 10 4.43 3.59 -6.38
CA ILE A 10 4.45 2.12 -6.13
C ILE A 10 3.34 1.43 -6.96
N PHE A 11 2.11 1.95 -6.86
CA PHE A 11 0.92 1.39 -7.55
C PHE A 11 1.03 1.62 -9.07
N ARG A 12 1.55 2.79 -9.48
CA ARG A 12 1.84 3.10 -10.90
C ARG A 12 2.90 2.12 -11.47
N GLN A 13 3.82 1.65 -10.62
CA GLN A 13 4.88 0.73 -11.03
C GLN A 13 4.31 -0.71 -11.21
N VAL A 14 3.64 -1.21 -10.15
CA VAL A 14 3.06 -2.57 -10.09
C VAL A 14 2.08 -2.81 -11.25
N PHE A 15 1.10 -1.91 -11.37
CA PHE A 15 0.03 -2.00 -12.37
C PHE A 15 0.45 -1.40 -13.71
N ASP A 16 1.70 -0.86 -13.79
CA ASP A 16 2.34 -0.34 -15.02
C ASP A 16 1.43 0.65 -15.76
N ASP A 17 1.35 1.87 -15.19
CA ASP A 17 0.40 2.89 -15.65
C ASP A 17 0.91 4.29 -15.23
N ASP A 18 0.28 5.33 -15.77
CA ASP A 18 0.68 6.74 -15.58
C ASP A 18 -0.51 7.58 -15.08
N SER A 19 -1.72 7.12 -15.44
CA SER A 19 -2.98 7.82 -15.13
C SER A 19 -3.53 7.46 -13.74
N ILE A 20 -3.01 6.36 -13.12
CA ILE A 20 -3.41 5.97 -11.76
C ILE A 20 -2.93 7.02 -10.73
N VAL A 21 -3.90 7.72 -10.13
CA VAL A 21 -3.66 8.65 -9.03
C VAL A 21 -4.45 8.10 -7.84
N LEU A 22 -3.78 7.90 -6.71
CA LEU A 22 -4.41 7.27 -5.55
C LEU A 22 -5.25 8.27 -4.76
N THR A 23 -6.44 7.81 -4.40
CA THR A 23 -7.35 8.47 -3.46
C THR A 23 -7.80 7.39 -2.47
N ARG A 24 -8.37 7.81 -1.34
CA ARG A 24 -8.81 6.88 -0.30
C ARG A 24 -10.01 6.01 -0.74
N GLU A 25 -10.70 6.42 -1.82
CA GLU A 25 -11.89 5.73 -2.34
C GLU A 25 -11.54 4.76 -3.48
N THR A 26 -10.32 4.89 -4.07
CA THR A 26 -9.87 4.02 -5.18
C THR A 26 -9.70 2.57 -4.68
N SER A 27 -10.29 1.62 -5.41
CA SER A 27 -10.20 0.18 -5.10
C SER A 27 -9.84 -0.60 -6.38
N ALA A 28 -9.80 -1.94 -6.25
CA ALA A 28 -9.64 -2.84 -7.40
C ALA A 28 -10.79 -2.68 -8.41
N ASN A 29 -12.00 -2.35 -7.91
CA ASN A 29 -13.19 -2.16 -8.77
C ASN A 29 -13.04 -0.91 -9.66
N ASP A 30 -12.21 0.06 -9.23
CA ASP A 30 -11.90 1.27 -10.01
C ASP A 30 -10.82 1.00 -11.07
N ILE A 31 -10.02 -0.07 -10.87
CA ILE A 31 -8.85 -0.37 -11.72
C ILE A 31 -9.04 -1.75 -12.40
N ASP A 32 -9.57 -1.73 -13.64
CA ASP A 32 -9.63 -2.91 -14.53
C ASP A 32 -8.21 -3.24 -15.01
N ALA A 33 -7.57 -4.15 -14.26
CA ALA A 33 -6.12 -4.47 -14.30
C ALA A 33 -5.75 -5.16 -12.97
N TRP A 34 -6.33 -4.60 -11.89
CA TRP A 34 -6.13 -5.08 -10.51
C TRP A 34 -6.98 -6.34 -10.30
N ASP A 35 -6.33 -7.47 -10.05
CA ASP A 35 -6.98 -8.75 -9.74
C ASP A 35 -6.23 -9.40 -8.56
N SER A 36 -6.53 -10.67 -8.23
CA SER A 36 -5.87 -11.45 -7.15
C SER A 36 -4.33 -11.44 -7.28
N LEU A 37 -3.84 -11.79 -8.47
CA LEU A 37 -2.39 -11.91 -8.75
C LEU A 37 -1.71 -10.53 -8.61
N SER A 38 -2.34 -9.49 -9.16
CA SER A 38 -1.79 -8.11 -9.15
C SER A 38 -1.89 -7.47 -7.74
N HIS A 39 -2.87 -7.93 -6.95
CA HIS A 39 -3.07 -7.54 -5.54
C HIS A 39 -1.94 -8.09 -4.68
N MET A 40 -1.55 -9.35 -4.96
CA MET A 40 -0.41 -9.99 -4.29
C MET A 40 0.90 -9.31 -4.70
N ASN A 41 0.99 -8.92 -6.00
CA ASN A 41 2.13 -8.17 -6.55
C ASN A 41 2.26 -6.82 -5.84
N LEU A 42 1.11 -6.18 -5.56
CA LEU A 42 1.05 -4.88 -4.86
C LEU A 42 1.57 -4.99 -3.43
N ILE A 43 1.06 -5.99 -2.67
CA ILE A 43 1.43 -6.18 -1.25
C ILE A 43 2.93 -6.57 -1.14
N VAL A 44 3.45 -7.47 -2.01
CA VAL A 44 4.87 -7.90 -1.95
C VAL A 44 5.82 -6.74 -2.29
N SER A 45 5.35 -5.77 -3.10
CA SER A 45 6.07 -4.51 -3.37
C SER A 45 6.19 -3.68 -2.09
N LEU A 46 5.13 -3.64 -1.29
CA LEU A 46 5.13 -2.91 0.00
C LEU A 46 6.04 -3.63 1.04
N GLU A 47 6.05 -4.98 0.95
CA GLU A 47 6.89 -5.86 1.79
C GLU A 47 8.38 -5.55 1.58
N VAL A 48 8.83 -5.50 0.31
CA VAL A 48 10.24 -5.26 -0.02
C VAL A 48 10.65 -3.78 0.15
N HIS A 49 9.83 -2.85 -0.39
CA HIS A 49 10.14 -1.40 -0.41
C HIS A 49 10.14 -0.77 0.99
N TYR A 50 9.01 -0.88 1.71
CA TYR A 50 8.83 -0.24 3.03
C TYR A 50 9.22 -1.19 4.18
N LYS A 51 9.52 -2.46 3.82
CA LYS A 51 9.92 -3.53 4.78
C LYS A 51 8.75 -3.92 5.71
N ILE A 52 7.52 -3.59 5.30
CA ILE A 52 6.33 -3.67 6.17
C ILE A 52 5.53 -4.94 5.90
N LYS A 53 4.99 -5.54 6.97
CA LYS A 53 4.30 -6.85 6.94
C LYS A 53 2.77 -6.67 6.97
N PHE A 54 2.06 -7.25 6.00
CA PHE A 54 0.58 -7.31 6.00
C PHE A 54 0.14 -8.75 6.28
N ALA A 55 -0.84 -8.89 7.16
CA ALA A 55 -1.49 -10.17 7.47
C ALA A 55 -2.76 -10.27 6.61
N LEU A 56 -3.11 -11.50 6.18
CA LEU A 56 -4.31 -11.76 5.35
C LEU A 56 -5.59 -11.30 6.09
N GLY A 57 -5.55 -11.34 7.44
CA GLY A 57 -6.62 -10.79 8.28
C GLY A 57 -6.83 -9.28 8.08
N GLU A 58 -5.72 -8.57 7.83
CA GLU A 58 -5.73 -7.13 7.52
C GLU A 58 -6.10 -6.89 6.05
N LEU A 59 -5.80 -7.87 5.17
CA LEU A 59 -6.25 -7.87 3.76
C LEU A 59 -7.80 -7.93 3.68
N GLN A 60 -8.42 -8.67 4.63
CA GLN A 60 -9.90 -8.67 4.84
C GLN A 60 -10.44 -7.23 5.13
N LYS A 61 -9.56 -6.38 5.65
CA LYS A 61 -9.86 -4.96 5.96
C LYS A 61 -9.42 -4.00 4.83
N LEU A 62 -8.63 -4.49 3.85
CA LEU A 62 -8.08 -3.65 2.76
C LEU A 62 -9.05 -3.65 1.56
N LYS A 63 -10.12 -2.84 1.63
CA LYS A 63 -11.12 -2.74 0.53
C LYS A 63 -10.65 -1.68 -0.48
N ASN A 64 -9.99 -0.62 0.01
CA ASN A 64 -9.54 0.51 -0.81
C ASN A 64 -8.08 0.86 -0.48
N VAL A 65 -7.51 1.74 -1.31
CA VAL A 65 -6.15 2.30 -1.12
C VAL A 65 -6.11 3.24 0.11
N GLY A 66 -7.30 3.69 0.56
CA GLY A 66 -7.43 4.43 1.81
C GLY A 66 -7.14 3.56 3.02
N ASP A 67 -7.58 2.30 2.94
CA ASP A 67 -7.27 1.26 3.94
C ASP A 67 -5.77 0.95 3.92
N LEU A 68 -5.15 0.95 2.71
CA LEU A 68 -3.68 0.84 2.58
C LEU A 68 -2.99 2.06 3.19
N ALA A 69 -3.56 3.25 3.01
CA ALA A 69 -2.98 4.50 3.56
C ALA A 69 -2.86 4.40 5.10
N ASP A 70 -3.92 3.84 5.71
CA ASP A 70 -3.98 3.54 7.15
C ASP A 70 -2.92 2.49 7.52
N LEU A 71 -3.03 1.32 6.86
CA LEU A 71 -2.27 0.10 7.18
C LEU A 71 -0.75 0.34 7.01
N VAL A 72 -0.34 0.79 5.81
CA VAL A 72 1.05 1.18 5.50
C VAL A 72 1.62 2.12 6.58
N ASP A 73 0.84 3.16 6.97
CA ASP A 73 1.30 4.15 7.98
C ASP A 73 1.42 3.51 9.38
N LYS A 74 0.52 2.57 9.70
CA LYS A 74 0.54 1.87 11.01
C LYS A 74 1.76 0.96 11.10
N LYS A 75 2.16 0.38 9.97
CA LYS A 75 3.34 -0.48 9.85
C LYS A 75 4.62 0.37 9.92
N LEU A 76 4.55 1.56 9.32
CA LEU A 76 5.63 2.56 9.37
C LEU A 76 5.78 3.12 10.80
N ALA A 77 4.66 3.14 11.55
CA ALA A 77 4.66 3.48 13.00
C ALA A 77 5.39 2.37 13.77
N ARG A 78 5.21 1.11 13.34
CA ARG A 78 5.93 -0.05 13.92
C ARG A 78 7.42 -0.04 13.50
N LYS A 79 7.76 0.74 12.46
CA LYS A 79 9.16 0.97 12.04
C LYS A 79 9.84 2.04 12.91
N LEU A 80 9.07 2.96 13.50
CA LEU A 80 9.60 3.88 14.53
C LEU A 80 9.89 3.09 15.83
N GLU A 81 9.06 2.05 16.08
CA GLU A 81 9.36 1.03 17.10
C GLU A 81 10.59 0.25 16.62
N HIS A 82 11.74 0.45 17.33
CA HIS A 82 13.10 0.13 16.82
C HIS A 82 13.31 -1.37 16.52
N HIS A 83 12.85 -1.79 15.33
CA HIS A 83 13.03 -3.13 14.76
C HIS A 83 13.26 -2.93 13.23
N HIS A 84 14.51 -2.61 12.86
CA HIS A 84 14.88 -2.28 11.47
C HIS A 84 15.62 -3.46 10.82
N HIS A 85 15.07 -3.96 9.72
CA HIS A 85 15.68 -5.03 8.91
C HIS A 85 15.31 -4.78 7.44
N HIS A 86 16.33 -4.84 6.56
CA HIS A 86 16.16 -4.51 5.12
C HIS A 86 15.55 -5.68 4.34
N HIS A 87 15.26 -5.41 3.05
CA HIS A 87 14.84 -6.43 2.05
C HIS A 87 15.57 -6.14 0.72
N MET A 1 2.58 12.48 7.38
CA MET A 1 2.43 11.06 7.00
C MET A 1 2.45 10.93 5.46
N PRO A 2 3.39 10.11 4.89
CA PRO A 2 3.53 9.92 3.43
C PRO A 2 2.72 8.71 2.95
N THR A 3 1.48 8.60 3.44
CA THR A 3 0.65 7.39 3.27
C THR A 3 0.31 7.13 1.77
N LEU A 4 -0.66 7.90 1.20
CA LEU A 4 -1.03 7.79 -0.24
C LEU A 4 0.18 8.18 -1.10
N ASP A 5 0.94 9.18 -0.60
CA ASP A 5 2.10 9.80 -1.27
C ASP A 5 3.16 8.77 -1.71
N ALA A 6 3.55 7.90 -0.76
CA ALA A 6 4.59 6.87 -0.98
C ALA A 6 4.01 5.66 -1.73
N LEU A 7 2.69 5.45 -1.57
CA LEU A 7 1.99 4.36 -2.26
C LEU A 7 1.85 4.65 -3.77
N THR A 8 1.66 5.94 -4.14
CA THR A 8 1.37 6.34 -5.55
C THR A 8 2.44 5.80 -6.57
N PRO A 9 3.80 5.99 -6.36
CA PRO A 9 4.83 5.38 -7.25
C PRO A 9 4.78 3.84 -7.28
N ILE A 10 4.34 3.20 -6.17
CA ILE A 10 4.27 1.72 -6.06
C ILE A 10 3.18 1.17 -6.99
N PHE A 11 1.98 1.79 -6.93
CA PHE A 11 0.82 1.38 -7.75
C PHE A 11 1.08 1.69 -9.24
N ARG A 12 1.69 2.85 -9.51
CA ARG A 12 2.16 3.25 -10.85
C ARG A 12 3.11 2.21 -11.47
N GLN A 13 3.91 1.57 -10.62
CA GLN A 13 4.89 0.54 -11.04
C GLN A 13 4.20 -0.82 -11.27
N VAL A 14 3.51 -1.32 -10.23
CA VAL A 14 2.86 -2.65 -10.21
C VAL A 14 1.85 -2.81 -11.37
N PHE A 15 0.90 -1.88 -11.44
CA PHE A 15 -0.20 -1.93 -12.42
C PHE A 15 0.24 -1.35 -13.77
N ASP A 16 1.37 -0.62 -13.77
CA ASP A 16 2.01 -0.04 -14.97
C ASP A 16 1.11 1.06 -15.59
N ASP A 17 1.20 2.27 -15.00
CA ASP A 17 0.48 3.47 -15.45
C ASP A 17 0.90 4.66 -14.58
N ASP A 18 1.58 5.66 -15.18
CA ASP A 18 2.07 6.85 -14.45
C ASP A 18 0.93 7.86 -14.15
N SER A 19 -0.25 7.62 -14.74
CA SER A 19 -1.42 8.51 -14.59
C SER A 19 -2.18 8.22 -13.28
N ILE A 20 -1.86 7.08 -12.61
CA ILE A 20 -2.43 6.70 -11.31
C ILE A 20 -2.20 7.81 -10.25
N VAL A 21 -3.31 8.38 -9.75
CA VAL A 21 -3.32 9.39 -8.68
C VAL A 21 -4.29 8.88 -7.60
N LEU A 22 -3.72 8.27 -6.56
CA LEU A 22 -4.47 7.59 -5.50
C LEU A 22 -5.33 8.55 -4.66
N THR A 23 -6.50 8.07 -4.26
CA THR A 23 -7.41 8.75 -3.33
C THR A 23 -7.77 7.75 -2.22
N ARG A 24 -8.61 8.18 -1.27
CA ARG A 24 -9.16 7.31 -0.22
C ARG A 24 -9.89 6.11 -0.84
N GLU A 25 -10.87 6.42 -1.71
CA GLU A 25 -11.83 5.44 -2.25
C GLU A 25 -11.40 4.90 -3.63
N THR A 26 -10.11 5.11 -4.00
CA THR A 26 -9.44 4.30 -5.03
C THR A 26 -9.34 2.85 -4.51
N SER A 27 -9.55 1.86 -5.38
CA SER A 27 -9.65 0.46 -4.97
C SER A 27 -9.56 -0.46 -6.20
N ALA A 28 -9.77 -1.76 -5.96
CA ALA A 28 -9.87 -2.76 -7.02
C ALA A 28 -11.12 -2.57 -7.92
N ASN A 29 -12.10 -1.79 -7.45
CA ASN A 29 -13.30 -1.45 -8.24
C ASN A 29 -13.02 -0.20 -9.10
N ASP A 30 -12.26 0.75 -8.52
CA ASP A 30 -11.86 1.99 -9.20
C ASP A 30 -10.75 1.73 -10.24
N ILE A 31 -10.06 0.59 -10.15
CA ILE A 31 -9.01 0.19 -11.09
C ILE A 31 -9.45 -1.13 -11.75
N ASP A 32 -9.86 -1.05 -13.03
CA ASP A 32 -10.29 -2.22 -13.83
C ASP A 32 -9.13 -3.21 -14.02
N ALA A 33 -7.92 -2.66 -14.23
CA ALA A 33 -6.68 -3.46 -14.39
C ALA A 33 -6.25 -4.18 -13.09
N TRP A 34 -6.92 -3.86 -11.96
CA TRP A 34 -6.69 -4.52 -10.69
C TRP A 34 -7.31 -5.92 -10.73
N ASP A 35 -6.44 -6.93 -10.73
CA ASP A 35 -6.79 -8.35 -10.74
C ASP A 35 -6.26 -8.98 -9.44
N SER A 36 -6.67 -10.23 -9.13
CA SER A 36 -6.12 -11.02 -8.00
C SER A 36 -4.58 -11.01 -7.99
N LEU A 37 -4.00 -11.40 -9.13
CA LEU A 37 -2.53 -11.52 -9.29
C LEU A 37 -1.83 -10.15 -9.24
N SER A 38 -2.50 -9.10 -9.74
CA SER A 38 -2.00 -7.70 -9.69
C SER A 38 -1.96 -7.20 -8.23
N HIS A 39 -2.97 -7.64 -7.44
CA HIS A 39 -3.07 -7.35 -5.99
C HIS A 39 -1.92 -8.02 -5.23
N MET A 40 -1.61 -9.27 -5.62
CA MET A 40 -0.50 -10.03 -5.03
C MET A 40 0.84 -9.33 -5.30
N ASN A 41 0.99 -8.82 -6.55
CA ASN A 41 2.17 -8.02 -6.95
C ASN A 41 2.27 -6.73 -6.11
N LEU A 42 1.11 -6.11 -5.84
CA LEU A 42 1.03 -4.84 -5.08
C LEU A 42 1.54 -5.01 -3.65
N ILE A 43 0.98 -6.03 -2.95
CA ILE A 43 1.31 -6.32 -1.54
C ILE A 43 2.80 -6.68 -1.39
N VAL A 44 3.32 -7.59 -2.25
CA VAL A 44 4.72 -8.05 -2.16
C VAL A 44 5.72 -6.94 -2.48
N SER A 45 5.29 -5.95 -3.30
CA SER A 45 6.09 -4.74 -3.58
C SER A 45 6.22 -3.87 -2.31
N LEU A 46 5.13 -3.76 -1.53
CA LEU A 46 5.14 -3.04 -0.24
C LEU A 46 6.00 -3.79 0.80
N GLU A 47 5.94 -5.13 0.75
CA GLU A 47 6.70 -6.03 1.64
C GLU A 47 8.21 -5.88 1.42
N VAL A 48 8.66 -5.89 0.14
CA VAL A 48 10.10 -5.80 -0.19
C VAL A 48 10.64 -4.37 -0.01
N HIS A 49 9.88 -3.36 -0.49
CA HIS A 49 10.30 -1.94 -0.43
C HIS A 49 10.44 -1.45 1.01
N TYR A 50 9.34 -1.53 1.77
CA TYR A 50 9.26 -0.97 3.13
C TYR A 50 9.72 -1.99 4.18
N LYS A 51 10.14 -3.22 3.71
CA LYS A 51 10.52 -4.38 4.56
C LYS A 51 9.61 -4.55 5.79
N ILE A 52 8.30 -4.69 5.49
CA ILE A 52 7.21 -4.78 6.48
C ILE A 52 6.54 -6.17 6.38
N LYS A 53 5.47 -6.39 7.17
CA LYS A 53 4.73 -7.67 7.17
C LYS A 53 3.21 -7.42 7.27
N PHE A 54 2.49 -7.68 6.18
CA PHE A 54 1.01 -7.76 6.17
C PHE A 54 0.57 -9.20 6.55
N ALA A 55 -0.48 -9.29 7.37
CA ALA A 55 -1.19 -10.56 7.64
C ALA A 55 -2.45 -10.59 6.75
N LEU A 56 -2.94 -11.81 6.44
CA LEU A 56 -4.17 -12.01 5.62
C LEU A 56 -5.38 -11.30 6.26
N GLY A 57 -5.43 -11.31 7.61
CA GLY A 57 -6.46 -10.59 8.38
C GLY A 57 -6.43 -9.07 8.14
N GLU A 58 -5.20 -8.54 7.96
CA GLU A 58 -4.95 -7.11 7.68
C GLU A 58 -5.19 -6.78 6.20
N LEU A 59 -5.16 -7.82 5.33
CA LEU A 59 -5.50 -7.68 3.90
C LEU A 59 -7.04 -7.62 3.74
N GLN A 60 -7.76 -8.30 4.64
CA GLN A 60 -9.24 -8.20 4.76
C GLN A 60 -9.67 -6.79 5.25
N LYS A 61 -8.72 -6.05 5.87
CA LYS A 61 -8.96 -4.66 6.31
C LYS A 61 -8.85 -3.68 5.11
N LEU A 62 -8.29 -4.16 3.98
CA LEU A 62 -8.02 -3.32 2.81
C LEU A 62 -9.20 -3.37 1.83
N LYS A 63 -10.18 -2.48 2.01
CA LYS A 63 -11.29 -2.30 1.04
C LYS A 63 -10.82 -1.33 -0.05
N ASN A 64 -10.04 -0.32 0.36
CA ASN A 64 -9.56 0.76 -0.52
C ASN A 64 -8.11 1.17 -0.16
N VAL A 65 -7.53 2.06 -0.98
CA VAL A 65 -6.15 2.59 -0.81
C VAL A 65 -6.08 3.56 0.39
N GLY A 66 -7.24 4.06 0.83
CA GLY A 66 -7.34 4.79 2.09
C GLY A 66 -7.07 3.87 3.27
N ASP A 67 -7.51 2.59 3.15
CA ASP A 67 -7.20 1.54 4.14
C ASP A 67 -5.73 1.13 4.04
N LEU A 68 -5.15 1.13 2.81
CA LEU A 68 -3.69 0.96 2.62
C LEU A 68 -2.94 2.10 3.30
N ALA A 69 -3.50 3.32 3.21
CA ALA A 69 -2.90 4.52 3.80
C ALA A 69 -2.74 4.35 5.33
N ASP A 70 -3.84 3.87 5.95
CA ASP A 70 -3.86 3.55 7.39
C ASP A 70 -2.90 2.39 7.71
N LEU A 71 -3.05 1.28 6.96
CA LEU A 71 -2.38 -0.02 7.26
C LEU A 71 -0.85 0.12 7.16
N VAL A 72 -0.37 0.65 6.03
CA VAL A 72 1.06 0.92 5.78
C VAL A 72 1.62 1.93 6.81
N ASP A 73 0.80 2.94 7.21
CA ASP A 73 1.20 3.94 8.25
C ASP A 73 1.29 3.28 9.65
N LYS A 74 0.51 2.21 9.87
CA LYS A 74 0.56 1.42 11.11
C LYS A 74 1.85 0.56 11.13
N LYS A 75 2.34 0.19 9.92
CA LYS A 75 3.64 -0.49 9.75
C LYS A 75 4.78 0.51 9.95
N LEU A 76 4.56 1.76 9.49
CA LEU A 76 5.49 2.88 9.70
C LEU A 76 5.44 3.35 11.17
N ALA A 77 4.35 3.03 11.88
CA ALA A 77 4.26 3.21 13.34
C ALA A 77 5.18 2.21 14.05
N ARG A 78 5.26 0.99 13.49
CA ARG A 78 6.18 -0.07 13.98
C ARG A 78 7.66 0.29 13.71
N LYS A 79 7.92 1.05 12.63
CA LYS A 79 9.30 1.45 12.24
C LYS A 79 9.74 2.69 13.02
N LEU A 80 8.87 3.72 13.02
CA LEU A 80 9.08 4.98 13.76
C LEU A 80 8.79 4.78 15.27
N GLU A 81 8.54 3.52 15.68
CA GLU A 81 8.62 3.09 17.08
C GLU A 81 10.05 3.38 17.59
N HIS A 82 10.16 4.42 18.43
CA HIS A 82 11.41 4.84 19.05
C HIS A 82 11.17 4.94 20.56
N HIS A 83 11.30 3.79 21.23
CA HIS A 83 11.21 3.68 22.70
C HIS A 83 12.63 3.62 23.29
N HIS A 84 12.87 4.45 24.31
CA HIS A 84 14.16 4.57 24.98
C HIS A 84 13.96 5.44 26.23
N HIS A 85 13.41 6.65 26.02
CA HIS A 85 13.07 7.58 27.11
C HIS A 85 11.95 7.00 27.98
N HIS A 86 12.18 6.94 29.32
CA HIS A 86 11.23 6.44 30.34
C HIS A 86 11.03 4.91 30.19
N HIS A 87 10.37 4.53 29.09
CA HIS A 87 10.25 3.15 28.64
C HIS A 87 10.12 3.18 27.11
N MET A 1 1.01 11.04 8.32
CA MET A 1 0.44 10.04 7.38
C MET A 1 0.95 10.31 5.96
N PRO A 2 2.15 9.76 5.60
CA PRO A 2 2.78 9.97 4.28
C PRO A 2 2.44 8.86 3.26
N THR A 3 1.33 8.15 3.55
CA THR A 3 1.01 6.86 2.93
C THR A 3 0.66 6.97 1.44
N LEU A 4 -0.43 7.68 1.09
CA LEU A 4 -0.94 7.80 -0.30
C LEU A 4 0.20 8.21 -1.27
N ASP A 5 1.03 9.16 -0.81
CA ASP A 5 2.21 9.65 -1.56
C ASP A 5 3.29 8.57 -1.72
N ALA A 6 3.64 7.90 -0.61
CA ALA A 6 4.61 6.78 -0.61
C ALA A 6 4.14 5.60 -1.48
N LEU A 7 2.82 5.40 -1.52
CA LEU A 7 2.18 4.31 -2.27
C LEU A 7 2.08 4.66 -3.76
N THR A 8 2.16 5.96 -4.11
CA THR A 8 2.06 6.43 -5.51
C THR A 8 3.12 5.72 -6.43
N PRO A 9 4.48 5.73 -6.12
CA PRO A 9 5.50 4.98 -6.92
C PRO A 9 5.25 3.45 -6.93
N ILE A 10 4.67 2.92 -5.83
CA ILE A 10 4.34 1.49 -5.70
C ILE A 10 3.33 1.06 -6.78
N PHE A 11 2.15 1.71 -6.78
CA PHE A 11 1.05 1.39 -7.71
C PHE A 11 1.45 1.68 -9.16
N ARG A 12 2.13 2.83 -9.38
CA ARG A 12 2.65 3.21 -10.71
C ARG A 12 3.60 2.14 -11.28
N GLN A 13 4.41 1.49 -10.42
CA GLN A 13 5.33 0.43 -10.87
C GLN A 13 4.58 -0.90 -11.13
N VAL A 14 3.78 -1.34 -10.13
CA VAL A 14 3.00 -2.60 -10.17
C VAL A 14 2.10 -2.70 -11.43
N PHE A 15 1.25 -1.69 -11.64
CA PHE A 15 0.30 -1.64 -12.77
C PHE A 15 1.00 -1.18 -14.07
N ASP A 16 2.22 -0.59 -13.93
CA ASP A 16 3.03 -0.06 -15.03
C ASP A 16 2.26 1.10 -15.70
N ASP A 17 2.25 2.25 -15.00
CA ASP A 17 1.38 3.40 -15.31
C ASP A 17 1.92 4.65 -14.57
N ASP A 18 1.21 5.77 -14.65
CA ASP A 18 1.60 7.06 -14.01
C ASP A 18 0.34 7.88 -13.68
N SER A 19 -0.72 7.67 -14.49
CA SER A 19 -1.98 8.44 -14.40
C SER A 19 -2.84 8.01 -13.19
N ILE A 20 -2.50 6.84 -12.59
CA ILE A 20 -3.11 6.38 -11.31
C ILE A 20 -2.90 7.45 -10.23
N VAL A 21 -4.01 7.99 -9.72
CA VAL A 21 -4.00 8.99 -8.63
C VAL A 21 -4.78 8.39 -7.47
N LEU A 22 -4.05 8.05 -6.41
CA LEU A 22 -4.60 7.40 -5.22
C LEU A 22 -5.41 8.39 -4.40
N THR A 23 -6.63 7.97 -4.09
CA THR A 23 -7.53 8.66 -3.16
C THR A 23 -7.97 7.63 -2.12
N ARG A 24 -8.56 8.10 -1.01
CA ARG A 24 -9.02 7.22 0.07
C ARG A 24 -10.06 6.20 -0.42
N GLU A 25 -10.86 6.57 -1.42
CA GLU A 25 -11.97 5.74 -1.92
C GLU A 25 -11.52 4.70 -2.99
N THR A 26 -10.32 4.91 -3.59
CA THR A 26 -9.84 4.08 -4.73
C THR A 26 -9.68 2.60 -4.33
N SER A 27 -10.46 1.72 -4.96
CA SER A 27 -10.38 0.26 -4.73
C SER A 27 -10.19 -0.46 -6.06
N ALA A 28 -10.20 -1.80 -6.00
CA ALA A 28 -10.06 -2.68 -7.17
C ALA A 28 -11.19 -2.48 -8.21
N ASN A 29 -12.34 -1.94 -7.80
CA ASN A 29 -13.46 -1.66 -8.75
C ASN A 29 -13.19 -0.36 -9.54
N ASP A 30 -12.38 0.55 -8.97
CA ASP A 30 -12.01 1.84 -9.59
C ASP A 30 -10.89 1.66 -10.63
N ILE A 31 -10.16 0.54 -10.54
CA ILE A 31 -9.08 0.18 -11.49
C ILE A 31 -9.40 -1.19 -12.12
N ASP A 32 -9.76 -1.19 -13.41
CA ASP A 32 -10.11 -2.39 -14.18
C ASP A 32 -8.92 -3.37 -14.29
N ALA A 33 -7.70 -2.82 -14.27
CA ALA A 33 -6.46 -3.63 -14.29
C ALA A 33 -6.19 -4.36 -12.96
N TRP A 34 -6.83 -3.88 -11.87
CA TRP A 34 -6.62 -4.41 -10.51
C TRP A 34 -7.44 -5.71 -10.31
N ASP A 35 -6.72 -6.82 -10.13
CA ASP A 35 -7.27 -8.16 -9.82
C ASP A 35 -6.64 -8.65 -8.51
N SER A 36 -7.08 -9.83 -8.02
CA SER A 36 -6.47 -10.51 -6.87
C SER A 36 -4.96 -10.76 -7.11
N LEU A 37 -4.63 -11.03 -8.39
CA LEU A 37 -3.23 -11.20 -8.85
C LEU A 37 -2.45 -9.89 -8.69
N SER A 38 -3.07 -8.76 -9.05
CA SER A 38 -2.45 -7.43 -8.93
C SER A 38 -2.24 -7.05 -7.45
N HIS A 39 -3.13 -7.59 -6.58
CA HIS A 39 -2.97 -7.51 -5.11
C HIS A 39 -1.70 -8.25 -4.66
N MET A 40 -1.46 -9.46 -5.20
CA MET A 40 -0.24 -10.25 -4.88
C MET A 40 1.03 -9.44 -5.17
N ASN A 41 1.02 -8.72 -6.31
CA ASN A 41 2.10 -7.82 -6.72
C ASN A 41 2.18 -6.58 -5.81
N LEU A 42 1.01 -6.09 -5.34
CA LEU A 42 0.91 -4.96 -4.38
C LEU A 42 1.67 -5.28 -3.08
N ILE A 43 1.25 -6.38 -2.41
CA ILE A 43 1.77 -6.78 -1.09
C ILE A 43 3.29 -6.98 -1.16
N VAL A 44 3.77 -7.81 -2.11
CA VAL A 44 5.21 -8.14 -2.22
C VAL A 44 6.09 -6.89 -2.46
N SER A 45 5.55 -5.88 -3.16
CA SER A 45 6.22 -4.58 -3.35
C SER A 45 6.31 -3.82 -2.01
N LEU A 46 5.21 -3.83 -1.26
CA LEU A 46 5.12 -3.14 0.05
C LEU A 46 6.05 -3.81 1.09
N GLU A 47 6.20 -5.14 0.96
CA GLU A 47 7.08 -5.96 1.81
C GLU A 47 8.56 -5.56 1.60
N VAL A 48 9.01 -5.67 0.33
CA VAL A 48 10.43 -5.49 -0.01
C VAL A 48 10.92 -4.03 0.15
N HIS A 49 10.05 -3.06 -0.21
CA HIS A 49 10.40 -1.63 -0.13
C HIS A 49 10.42 -1.12 1.32
N TYR A 50 9.33 -1.32 2.06
CA TYR A 50 9.17 -0.73 3.42
C TYR A 50 9.78 -1.64 4.51
N LYS A 51 10.03 -2.93 4.16
CA LYS A 51 10.44 -3.99 5.11
C LYS A 51 9.44 -4.11 6.26
N ILE A 52 8.15 -4.16 5.89
CA ILE A 52 7.02 -4.31 6.83
C ILE A 52 6.30 -5.63 6.55
N LYS A 53 5.21 -5.89 7.26
CA LYS A 53 4.49 -7.17 7.23
C LYS A 53 3.01 -6.93 6.92
N PHE A 54 2.49 -7.55 5.86
CA PHE A 54 1.03 -7.64 5.58
C PHE A 54 0.62 -9.11 5.60
N ALA A 55 -0.46 -9.41 6.34
CA ALA A 55 -1.14 -10.71 6.29
C ALA A 55 -2.34 -10.56 5.35
N LEU A 56 -2.59 -11.56 4.50
CA LEU A 56 -3.71 -11.56 3.53
C LEU A 56 -5.06 -11.44 4.28
N GLY A 57 -5.09 -11.94 5.54
CA GLY A 57 -6.23 -11.74 6.45
C GLY A 57 -6.49 -10.26 6.77
N GLU A 58 -5.41 -9.46 6.91
CA GLU A 58 -5.50 -7.98 7.08
C GLU A 58 -6.02 -7.34 5.79
N LEU A 59 -5.60 -7.89 4.64
CA LEU A 59 -6.03 -7.41 3.29
C LEU A 59 -7.53 -7.60 3.08
N GLN A 60 -8.11 -8.66 3.71
CA GLN A 60 -9.56 -8.91 3.67
C GLN A 60 -10.34 -7.77 4.33
N LYS A 61 -9.70 -7.10 5.31
CA LYS A 61 -10.29 -5.97 6.06
C LYS A 61 -10.17 -4.67 5.23
N LEU A 62 -9.27 -4.66 4.23
CA LEU A 62 -8.94 -3.46 3.46
C LEU A 62 -9.82 -3.37 2.21
N LYS A 63 -10.77 -2.43 2.23
CA LYS A 63 -11.72 -2.22 1.13
C LYS A 63 -11.14 -1.33 0.02
N ASN A 64 -10.17 -0.45 0.37
CA ASN A 64 -9.60 0.52 -0.60
C ASN A 64 -8.24 1.06 -0.14
N VAL A 65 -7.69 2.03 -0.91
CA VAL A 65 -6.37 2.67 -0.65
C VAL A 65 -6.45 3.61 0.59
N GLY A 66 -7.69 3.92 1.03
CA GLY A 66 -7.92 4.60 2.30
C GLY A 66 -7.71 3.67 3.47
N ASP A 67 -8.11 2.40 3.29
CA ASP A 67 -7.81 1.33 4.26
C ASP A 67 -6.32 1.00 4.26
N LEU A 68 -5.68 1.06 3.06
CA LEU A 68 -4.21 0.98 2.93
C LEU A 68 -3.56 2.21 3.58
N ALA A 69 -4.22 3.38 3.53
CA ALA A 69 -3.72 4.61 4.16
C ALA A 69 -3.59 4.39 5.68
N ASP A 70 -4.66 3.81 6.27
CA ASP A 70 -4.66 3.39 7.68
C ASP A 70 -3.54 2.36 7.94
N LEU A 71 -3.62 1.25 7.19
CA LEU A 71 -2.88 0.00 7.48
C LEU A 71 -1.35 0.19 7.31
N VAL A 72 -0.93 0.79 6.17
CA VAL A 72 0.49 1.13 5.91
C VAL A 72 1.01 2.11 6.99
N ASP A 73 0.18 3.10 7.39
CA ASP A 73 0.56 4.08 8.46
C ASP A 73 0.69 3.38 9.82
N LYS A 74 -0.12 2.32 10.03
CA LYS A 74 -0.08 1.50 11.27
C LYS A 74 1.30 0.82 11.39
N LYS A 75 1.78 0.27 10.25
CA LYS A 75 3.06 -0.44 10.19
C LYS A 75 4.23 0.52 10.39
N LEU A 76 4.17 1.67 9.69
CA LEU A 76 5.22 2.71 9.75
C LEU A 76 5.23 3.41 11.12
N ALA A 77 4.09 3.37 11.83
CA ALA A 77 3.98 3.80 13.25
C ALA A 77 4.75 2.83 14.18
N ARG A 78 4.60 1.51 13.90
CA ARG A 78 5.26 0.44 14.68
C ARG A 78 6.77 0.37 14.37
N LYS A 79 7.13 0.75 13.13
CA LYS A 79 8.52 0.73 12.67
C LYS A 79 9.22 2.02 13.11
N LEU A 80 8.82 3.11 12.45
CA LEU A 80 9.45 4.44 12.54
C LEU A 80 10.96 4.32 12.21
N GLU A 81 11.78 3.95 13.23
CA GLU A 81 13.25 3.86 13.13
C GLU A 81 13.83 5.26 12.85
N HIS A 82 13.81 5.65 11.56
CA HIS A 82 14.17 7.00 11.10
C HIS A 82 12.89 7.78 10.75
N HIS A 83 13.05 9.07 10.49
CA HIS A 83 11.93 9.98 10.18
C HIS A 83 11.38 9.72 8.76
N HIS A 84 12.27 9.21 7.84
CA HIS A 84 11.93 8.96 6.41
C HIS A 84 11.63 10.31 5.71
N HIS A 85 12.28 11.37 6.25
CA HIS A 85 12.10 12.81 5.89
C HIS A 85 10.73 13.34 6.42
N HIS A 86 9.63 12.62 6.08
CA HIS A 86 8.28 12.82 6.69
C HIS A 86 7.67 14.17 6.30
N HIS A 87 6.91 14.20 5.19
CA HIS A 87 6.18 15.40 4.74
C HIS A 87 4.88 15.56 5.57
N MET A 1 2.09 11.88 7.64
CA MET A 1 1.65 10.72 6.85
C MET A 1 1.48 11.12 5.36
N PRO A 2 2.51 10.88 4.49
CA PRO A 2 2.40 11.06 3.03
C PRO A 2 2.06 9.73 2.34
N THR A 3 1.29 8.88 3.04
CA THR A 3 1.18 7.45 2.76
C THR A 3 0.62 7.17 1.35
N LEU A 4 -0.52 7.81 1.00
CA LEU A 4 -1.20 7.59 -0.31
C LEU A 4 -0.27 7.89 -1.50
N ASP A 5 0.33 9.10 -1.48
CA ASP A 5 1.18 9.58 -2.59
C ASP A 5 2.53 8.84 -2.63
N ALA A 6 3.03 8.40 -1.46
CA ALA A 6 4.25 7.57 -1.35
C ALA A 6 4.01 6.15 -1.91
N LEU A 7 2.76 5.66 -1.73
CA LEU A 7 2.32 4.38 -2.29
C LEU A 7 2.13 4.50 -3.82
N THR A 8 1.80 5.71 -4.32
CA THR A 8 1.42 5.91 -5.75
C THR A 8 2.50 5.39 -6.77
N PRO A 9 3.85 5.70 -6.63
CA PRO A 9 4.89 5.14 -7.53
C PRO A 9 5.02 3.60 -7.44
N ILE A 10 4.63 3.01 -6.28
CA ILE A 10 4.63 1.53 -6.09
C ILE A 10 3.56 0.90 -7.01
N PHE A 11 2.35 1.48 -6.95
CA PHE A 11 1.17 1.00 -7.67
C PHE A 11 1.33 1.24 -9.19
N ARG A 12 1.84 2.42 -9.54
CA ARG A 12 2.17 2.79 -10.94
C ARG A 12 3.19 1.81 -11.56
N GLN A 13 4.21 1.43 -10.75
CA GLN A 13 5.27 0.50 -11.16
C GLN A 13 4.67 -0.87 -11.56
N VAL A 14 3.78 -1.39 -10.67
CA VAL A 14 3.09 -2.67 -10.87
C VAL A 14 2.31 -2.72 -12.20
N PHE A 15 1.47 -1.71 -12.44
CA PHE A 15 0.54 -1.69 -13.60
C PHE A 15 1.16 -1.04 -14.84
N ASP A 16 2.45 -0.61 -14.74
CA ASP A 16 3.18 0.14 -15.80
C ASP A 16 2.44 1.46 -16.17
N ASP A 17 1.60 1.94 -15.23
CA ASP A 17 0.65 3.05 -15.45
C ASP A 17 1.18 4.35 -14.83
N ASP A 18 0.50 5.47 -15.09
CA ASP A 18 0.91 6.81 -14.61
C ASP A 18 -0.32 7.67 -14.25
N SER A 19 -1.49 7.31 -14.81
CA SER A 19 -2.77 8.00 -14.59
C SER A 19 -3.35 7.61 -13.21
N ILE A 20 -2.86 6.49 -12.64
CA ILE A 20 -3.21 6.06 -11.28
C ILE A 20 -2.59 7.04 -10.27
N VAL A 21 -3.46 7.88 -9.68
CA VAL A 21 -3.10 8.82 -8.61
C VAL A 21 -3.93 8.41 -7.37
N LEU A 22 -3.26 7.90 -6.33
CA LEU A 22 -3.93 7.30 -5.19
C LEU A 22 -4.60 8.35 -4.30
N THR A 23 -5.79 7.98 -3.83
CA THR A 23 -6.65 8.79 -2.98
C THR A 23 -7.29 7.82 -1.94
N ARG A 24 -7.99 8.37 -0.94
CA ARG A 24 -8.59 7.58 0.16
C ARG A 24 -9.57 6.47 -0.31
N GLU A 25 -10.24 6.67 -1.47
CA GLU A 25 -11.23 5.70 -1.99
C GLU A 25 -10.82 5.12 -3.35
N THR A 26 -9.58 5.38 -3.81
CA THR A 26 -9.00 4.68 -4.97
C THR A 26 -8.92 3.17 -4.65
N SER A 27 -9.32 2.33 -5.60
CA SER A 27 -9.46 0.88 -5.37
C SER A 27 -9.32 0.10 -6.68
N ALA A 28 -9.36 -1.23 -6.55
CA ALA A 28 -9.31 -2.16 -7.68
C ALA A 28 -10.62 -2.20 -8.47
N ASN A 29 -11.67 -1.58 -7.93
CA ASN A 29 -12.97 -1.43 -8.60
C ASN A 29 -13.03 -0.05 -9.30
N ASP A 30 -12.34 0.94 -8.68
CA ASP A 30 -12.23 2.33 -9.18
C ASP A 30 -11.45 2.42 -10.52
N ILE A 31 -10.55 1.44 -10.77
CA ILE A 31 -9.62 1.47 -11.94
C ILE A 31 -9.77 0.16 -12.76
N ASP A 32 -10.02 0.31 -14.08
CA ASP A 32 -10.15 -0.82 -15.03
C ASP A 32 -8.81 -1.54 -15.24
N ALA A 33 -7.71 -0.76 -15.22
CA ALA A 33 -6.31 -1.28 -15.36
C ALA A 33 -5.90 -2.17 -14.17
N TRP A 34 -6.66 -2.09 -13.07
CA TRP A 34 -6.35 -2.83 -11.83
C TRP A 34 -7.04 -4.21 -11.88
N ASP A 35 -6.23 -5.26 -11.71
CA ASP A 35 -6.66 -6.67 -11.69
C ASP A 35 -6.36 -7.31 -10.32
N SER A 36 -7.33 -8.14 -9.85
CA SER A 36 -7.22 -9.02 -8.66
C SER A 36 -5.82 -9.65 -8.48
N LEU A 37 -5.39 -10.45 -9.47
CA LEU A 37 -4.11 -11.20 -9.43
C LEU A 37 -2.88 -10.26 -9.32
N SER A 38 -3.01 -9.04 -9.87
CA SER A 38 -1.92 -8.04 -9.86
C SER A 38 -1.72 -7.41 -8.47
N HIS A 39 -2.74 -7.53 -7.58
CA HIS A 39 -2.64 -7.16 -6.14
C HIS A 39 -1.42 -7.81 -5.46
N MET A 40 -1.08 -9.05 -5.83
CA MET A 40 0.04 -9.80 -5.22
C MET A 40 1.40 -9.09 -5.42
N ASN A 41 1.53 -8.38 -6.56
CA ASN A 41 2.72 -7.54 -6.85
C ASN A 41 2.80 -6.38 -5.85
N LEU A 42 1.63 -5.83 -5.45
CA LEU A 42 1.55 -4.76 -4.45
C LEU A 42 2.05 -5.25 -3.12
N ILE A 43 1.45 -6.37 -2.61
CA ILE A 43 1.75 -6.92 -1.27
C ILE A 43 3.26 -7.09 -1.08
N VAL A 44 3.91 -7.88 -1.97
CA VAL A 44 5.35 -8.18 -1.87
C VAL A 44 6.22 -6.89 -1.95
N SER A 45 5.76 -5.90 -2.75
CA SER A 45 6.42 -4.58 -2.87
C SER A 45 6.27 -3.74 -1.58
N LEU A 46 5.10 -3.79 -0.95
CA LEU A 46 4.81 -3.01 0.28
C LEU A 46 5.61 -3.58 1.46
N GLU A 47 5.75 -4.91 1.48
CA GLU A 47 6.50 -5.67 2.50
C GLU A 47 7.98 -5.25 2.49
N VAL A 48 8.61 -5.30 1.31
CA VAL A 48 10.05 -5.03 1.17
C VAL A 48 10.40 -3.51 1.24
N HIS A 49 9.60 -2.66 0.55
CA HIS A 49 9.85 -1.18 0.49
C HIS A 49 9.65 -0.52 1.86
N TYR A 50 8.51 -0.83 2.51
CA TYR A 50 8.13 -0.21 3.81
C TYR A 50 8.58 -1.06 5.02
N LYS A 51 9.13 -2.26 4.73
CA LYS A 51 9.65 -3.22 5.77
C LYS A 51 8.52 -3.65 6.72
N ILE A 52 7.27 -3.63 6.22
CA ILE A 52 6.08 -3.93 7.04
C ILE A 52 5.63 -5.37 6.76
N LYS A 53 4.57 -5.82 7.46
CA LYS A 53 4.08 -7.20 7.34
C LYS A 53 2.57 -7.27 7.52
N PHE A 54 1.84 -7.48 6.42
CA PHE A 54 0.39 -7.74 6.43
C PHE A 54 0.14 -9.23 6.67
N ALA A 55 -0.89 -9.52 7.46
CA ALA A 55 -1.52 -10.84 7.52
C ALA A 55 -2.67 -10.85 6.50
N LEU A 56 -3.14 -12.04 6.08
CA LEU A 56 -4.29 -12.17 5.17
C LEU A 56 -5.57 -11.59 5.85
N GLY A 57 -5.61 -11.60 7.19
CA GLY A 57 -6.67 -10.95 7.95
C GLY A 57 -6.72 -9.44 7.74
N GLU A 58 -5.53 -8.82 7.56
CA GLU A 58 -5.41 -7.37 7.22
C GLU A 58 -5.92 -7.15 5.78
N LEU A 59 -5.56 -8.08 4.87
CA LEU A 59 -5.98 -8.09 3.45
C LEU A 59 -7.51 -8.03 3.32
N GLN A 60 -8.20 -8.87 4.13
CA GLN A 60 -9.68 -8.94 4.19
C GLN A 60 -10.34 -7.56 4.48
N LYS A 61 -9.59 -6.68 5.15
CA LYS A 61 -10.09 -5.35 5.59
C LYS A 61 -9.69 -4.22 4.60
N LEU A 62 -8.83 -4.55 3.62
CA LEU A 62 -8.32 -3.58 2.62
C LEU A 62 -9.35 -3.46 1.47
N LYS A 63 -10.32 -2.54 1.60
CA LYS A 63 -11.35 -2.31 0.56
C LYS A 63 -10.85 -1.28 -0.47
N ASN A 64 -10.06 -0.31 0.00
CA ASN A 64 -9.46 0.75 -0.83
C ASN A 64 -8.02 1.02 -0.34
N VAL A 65 -7.33 1.92 -1.06
CA VAL A 65 -5.97 2.39 -0.72
C VAL A 65 -5.98 3.27 0.55
N GLY A 66 -7.17 3.75 0.95
CA GLY A 66 -7.32 4.46 2.24
C GLY A 66 -7.11 3.51 3.40
N ASP A 67 -7.61 2.26 3.24
CA ASP A 67 -7.37 1.16 4.20
C ASP A 67 -5.87 0.80 4.25
N LEU A 68 -5.20 0.76 3.07
CA LEU A 68 -3.74 0.61 3.00
C LEU A 68 -3.04 1.73 3.77
N ALA A 69 -3.51 2.98 3.57
CA ALA A 69 -2.92 4.16 4.21
C ALA A 69 -2.98 4.04 5.74
N ASP A 70 -4.06 3.44 6.25
CA ASP A 70 -4.24 3.13 7.67
C ASP A 70 -3.19 2.09 8.14
N LEU A 71 -3.24 0.88 7.53
CA LEU A 71 -2.43 -0.27 8.01
C LEU A 71 -0.91 -0.01 7.85
N VAL A 72 -0.49 0.49 6.67
CA VAL A 72 0.91 0.90 6.41
C VAL A 72 1.39 1.91 7.48
N ASP A 73 0.53 2.91 7.81
CA ASP A 73 0.81 3.92 8.87
C ASP A 73 1.00 3.26 10.26
N LYS A 74 0.15 2.27 10.56
CA LYS A 74 0.16 1.57 11.88
C LYS A 74 1.44 0.75 12.06
N LYS A 75 1.88 0.11 10.98
CA LYS A 75 3.06 -0.76 10.96
C LYS A 75 4.35 0.06 10.87
N LEU A 76 4.25 1.29 10.28
CA LEU A 76 5.35 2.28 10.27
C LEU A 76 5.39 3.06 11.59
N ALA A 77 4.28 3.04 12.35
CA ALA A 77 4.26 3.50 13.76
C ALA A 77 5.03 2.50 14.65
N ARG A 78 4.94 1.22 14.29
CA ARG A 78 5.68 0.14 14.98
C ARG A 78 7.16 0.10 14.56
N LYS A 79 7.46 0.56 13.32
CA LYS A 79 8.85 0.63 12.82
C LYS A 79 9.54 1.93 13.25
N LEU A 80 8.93 3.07 12.84
CA LEU A 80 9.38 4.46 13.09
C LEU A 80 10.61 4.85 12.25
N GLU A 81 11.21 3.89 11.50
CA GLU A 81 12.42 4.08 10.66
C GLU A 81 13.60 4.58 11.52
N HIS A 82 13.65 5.90 11.74
CA HIS A 82 14.52 6.57 12.69
C HIS A 82 13.58 7.28 13.67
N HIS A 83 13.52 6.75 14.90
CA HIS A 83 12.54 7.12 15.94
C HIS A 83 12.46 8.64 16.13
N HIS A 84 13.61 9.25 16.45
CA HIS A 84 13.71 10.70 16.78
C HIS A 84 12.84 11.01 18.03
N HIS A 85 12.42 12.30 18.18
CA HIS A 85 11.49 12.78 19.21
C HIS A 85 12.19 12.80 20.60
N HIS A 86 12.36 11.61 21.21
CA HIS A 86 13.10 11.45 22.49
C HIS A 86 13.89 10.12 22.46
N HIS A 87 13.17 8.99 22.54
CA HIS A 87 13.76 7.63 22.50
C HIS A 87 12.81 6.68 21.76
N MET A 1 0.91 12.82 7.16
CA MET A 1 1.76 11.70 6.73
C MET A 1 1.56 11.45 5.21
N PRO A 2 2.64 11.07 4.46
CA PRO A 2 2.63 11.01 2.99
C PRO A 2 2.28 9.60 2.50
N THR A 3 1.19 9.07 3.07
CA THR A 3 0.79 7.67 2.88
C THR A 3 0.43 7.39 1.41
N LEU A 4 -0.63 8.06 0.89
CA LEU A 4 -1.06 7.96 -0.52
C LEU A 4 0.06 8.43 -1.46
N ASP A 5 0.77 9.51 -1.06
CA ASP A 5 1.89 10.12 -1.83
C ASP A 5 3.00 9.09 -2.11
N ALA A 6 3.30 8.27 -1.10
CA ALA A 6 4.32 7.21 -1.18
C ALA A 6 3.79 5.97 -1.93
N LEU A 7 2.48 5.69 -1.76
CA LEU A 7 1.82 4.54 -2.40
C LEU A 7 1.66 4.77 -3.93
N THR A 8 1.46 6.03 -4.36
CA THR A 8 1.21 6.37 -5.77
C THR A 8 2.29 5.79 -6.74
N PRO A 9 3.64 6.06 -6.55
CA PRO A 9 4.69 5.48 -7.43
C PRO A 9 4.81 3.93 -7.28
N ILE A 10 4.40 3.38 -6.12
CA ILE A 10 4.42 1.90 -5.88
C ILE A 10 3.43 1.20 -6.82
N PHE A 11 2.17 1.70 -6.81
CA PHE A 11 1.07 1.15 -7.63
C PHE A 11 1.38 1.35 -9.14
N ARG A 12 1.93 2.53 -9.47
CA ARG A 12 2.34 2.86 -10.86
C ARG A 12 3.44 1.90 -11.38
N GLN A 13 4.26 1.36 -10.47
CA GLN A 13 5.27 0.34 -10.79
C GLN A 13 4.61 -1.05 -10.97
N VAL A 14 3.84 -1.47 -9.93
CA VAL A 14 3.16 -2.79 -9.87
C VAL A 14 2.33 -3.09 -11.13
N PHE A 15 1.39 -2.19 -11.43
CA PHE A 15 0.46 -2.35 -12.55
C PHE A 15 1.11 -1.89 -13.88
N ASP A 16 2.27 -1.20 -13.75
CA ASP A 16 3.07 -0.68 -14.88
C ASP A 16 2.24 0.32 -15.70
N ASP A 17 1.89 1.43 -15.04
CA ASP A 17 1.11 2.51 -15.62
C ASP A 17 1.24 3.75 -14.74
N ASP A 18 1.79 4.84 -15.31
CA ASP A 18 2.03 6.12 -14.60
C ASP A 18 0.76 7.00 -14.62
N SER A 19 -0.26 6.60 -15.39
CA SER A 19 -1.54 7.32 -15.48
C SER A 19 -2.44 7.02 -14.26
N ILE A 20 -2.07 5.99 -13.47
CA ILE A 20 -2.76 5.66 -12.20
C ILE A 20 -2.69 6.85 -11.23
N VAL A 21 -3.86 7.39 -10.87
CA VAL A 21 -3.99 8.49 -9.90
C VAL A 21 -4.83 7.96 -8.74
N LEU A 22 -4.19 7.70 -7.59
CA LEU A 22 -4.83 7.11 -6.42
C LEU A 22 -5.67 8.14 -5.66
N THR A 23 -6.81 7.67 -5.17
CA THR A 23 -7.62 8.35 -4.16
C THR A 23 -7.76 7.36 -3.00
N ARG A 24 -8.41 7.76 -1.90
CA ARG A 24 -8.64 6.85 -0.78
C ARG A 24 -9.63 5.74 -1.16
N GLU A 25 -10.74 6.11 -1.81
CA GLU A 25 -11.83 5.17 -2.13
C GLU A 25 -11.50 4.27 -3.36
N THR A 26 -10.25 4.37 -3.88
CA THR A 26 -9.73 3.49 -4.94
C THR A 26 -9.65 2.03 -4.47
N SER A 27 -10.69 1.26 -4.79
CA SER A 27 -10.74 -0.19 -4.52
C SER A 27 -10.22 -0.95 -5.76
N ALA A 28 -10.14 -2.27 -5.65
CA ALA A 28 -9.84 -3.14 -6.82
C ALA A 28 -10.92 -3.06 -7.92
N ASN A 29 -12.09 -2.47 -7.58
CA ASN A 29 -13.18 -2.19 -8.54
C ASN A 29 -12.85 -0.94 -9.37
N ASP A 30 -12.09 0.01 -8.76
CA ASP A 30 -11.68 1.28 -9.41
C ASP A 30 -10.67 1.02 -10.54
N ILE A 31 -9.85 -0.03 -10.38
CA ILE A 31 -8.78 -0.39 -11.32
C ILE A 31 -9.13 -1.76 -11.90
N ASP A 32 -9.48 -1.79 -13.20
CA ASP A 32 -9.93 -3.03 -13.90
C ASP A 32 -8.79 -4.05 -14.03
N ALA A 33 -7.55 -3.55 -14.05
CA ALA A 33 -6.34 -4.40 -14.10
C ALA A 33 -6.00 -5.02 -12.72
N TRP A 34 -6.63 -4.53 -11.63
CA TRP A 34 -6.32 -4.95 -10.25
C TRP A 34 -7.06 -6.26 -9.90
N ASP A 35 -6.59 -7.37 -10.52
CA ASP A 35 -7.02 -8.75 -10.20
C ASP A 35 -6.41 -9.18 -8.85
N SER A 36 -6.90 -10.30 -8.27
CA SER A 36 -6.36 -10.90 -7.03
C SER A 36 -4.83 -11.15 -7.12
N LEU A 37 -4.37 -11.55 -8.33
CA LEU A 37 -2.95 -11.76 -8.66
C LEU A 37 -2.18 -10.41 -8.56
N SER A 38 -2.85 -9.33 -9.01
CA SER A 38 -2.28 -7.97 -8.99
C SER A 38 -2.15 -7.45 -7.54
N HIS A 39 -3.07 -7.90 -6.64
CA HIS A 39 -2.99 -7.66 -5.17
C HIS A 39 -1.71 -8.29 -4.60
N MET A 40 -1.40 -9.51 -5.05
CA MET A 40 -0.19 -10.23 -4.61
C MET A 40 1.07 -9.46 -4.99
N ASN A 41 1.11 -8.98 -6.24
CA ASN A 41 2.19 -8.14 -6.78
C ASN A 41 2.32 -6.83 -5.97
N LEU A 42 1.15 -6.25 -5.66
CA LEU A 42 1.02 -4.97 -4.93
C LEU A 42 1.60 -5.08 -3.50
N ILE A 43 1.22 -6.14 -2.79
CA ILE A 43 1.60 -6.35 -1.40
C ILE A 43 3.09 -6.67 -1.28
N VAL A 44 3.60 -7.61 -2.10
CA VAL A 44 5.02 -8.00 -2.04
C VAL A 44 5.97 -6.83 -2.41
N SER A 45 5.45 -5.86 -3.19
CA SER A 45 6.12 -4.56 -3.42
C SER A 45 6.19 -3.74 -2.12
N LEU A 46 5.06 -3.67 -1.37
CA LEU A 46 5.00 -2.94 -0.09
C LEU A 46 5.95 -3.56 0.96
N GLU A 47 6.05 -4.91 0.92
CA GLU A 47 6.90 -5.70 1.81
C GLU A 47 8.39 -5.33 1.62
N VAL A 48 8.87 -5.40 0.36
CA VAL A 48 10.29 -5.17 0.06
C VAL A 48 10.69 -3.67 0.19
N HIS A 49 9.85 -2.75 -0.35
CA HIS A 49 10.13 -1.30 -0.36
C HIS A 49 10.13 -0.70 1.07
N TYR A 50 9.04 -0.91 1.82
CA TYR A 50 8.86 -0.29 3.16
C TYR A 50 9.35 -1.19 4.30
N LYS A 51 9.78 -2.43 3.95
CA LYS A 51 10.26 -3.46 4.92
C LYS A 51 9.13 -3.87 5.90
N ILE A 52 7.84 -3.75 5.46
CA ILE A 52 6.66 -3.94 6.32
C ILE A 52 6.01 -5.31 6.08
N LYS A 53 4.87 -5.57 6.75
CA LYS A 53 4.19 -6.87 6.76
C LYS A 53 2.68 -6.69 6.51
N PHE A 54 2.10 -7.49 5.60
CA PHE A 54 0.63 -7.66 5.50
C PHE A 54 0.30 -9.15 5.51
N ALA A 55 -0.81 -9.48 6.17
CA ALA A 55 -1.41 -10.83 6.16
C ALA A 55 -2.67 -10.77 5.29
N LEU A 56 -3.05 -11.90 4.69
CA LEU A 56 -4.20 -11.98 3.75
C LEU A 56 -5.51 -11.71 4.52
N GLY A 57 -5.52 -12.05 5.83
CA GLY A 57 -6.63 -11.69 6.72
C GLY A 57 -6.85 -10.17 6.81
N GLU A 58 -5.72 -9.42 6.84
CA GLU A 58 -5.73 -7.94 6.80
C GLU A 58 -6.27 -7.45 5.44
N LEU A 59 -5.84 -8.13 4.35
CA LEU A 59 -6.26 -7.82 2.95
C LEU A 59 -7.79 -7.89 2.77
N GLN A 60 -8.43 -8.83 3.47
CA GLN A 60 -9.90 -9.00 3.43
C GLN A 60 -10.63 -7.83 4.12
N LYS A 61 -9.91 -7.15 5.05
CA LYS A 61 -10.41 -5.96 5.75
C LYS A 61 -9.93 -4.65 5.05
N LEU A 62 -9.01 -4.78 4.08
CA LEU A 62 -8.55 -3.66 3.23
C LEU A 62 -9.47 -3.57 2.03
N LYS A 63 -10.40 -2.61 2.05
CA LYS A 63 -11.41 -2.44 0.99
C LYS A 63 -10.88 -1.52 -0.12
N ASN A 64 -9.96 -0.60 0.23
CA ASN A 64 -9.40 0.37 -0.72
C ASN A 64 -8.03 0.92 -0.25
N VAL A 65 -7.44 1.80 -1.09
CA VAL A 65 -6.10 2.43 -0.84
C VAL A 65 -6.16 3.41 0.38
N GLY A 66 -7.38 3.80 0.77
CA GLY A 66 -7.60 4.61 1.97
C GLY A 66 -7.40 3.80 3.22
N ASP A 67 -7.85 2.53 3.17
CA ASP A 67 -7.54 1.54 4.21
C ASP A 67 -6.03 1.30 4.25
N LEU A 68 -5.39 1.21 3.06
CA LEU A 68 -3.91 1.10 2.94
C LEU A 68 -3.20 2.35 3.47
N ALA A 69 -3.82 3.54 3.37
CA ALA A 69 -3.21 4.79 3.87
C ALA A 69 -3.03 4.71 5.40
N ASP A 70 -4.12 4.35 6.08
CA ASP A 70 -4.13 4.14 7.53
C ASP A 70 -3.26 2.92 7.92
N LEU A 71 -3.34 1.84 7.12
CA LEU A 71 -2.72 0.53 7.46
C LEU A 71 -1.18 0.62 7.35
N VAL A 72 -0.68 1.05 6.17
CA VAL A 72 0.76 1.31 5.93
C VAL A 72 1.31 2.31 6.98
N ASP A 73 0.49 3.30 7.37
CA ASP A 73 0.83 4.28 8.43
C ASP A 73 1.04 3.59 9.79
N LYS A 74 0.16 2.60 10.10
CA LYS A 74 0.24 1.83 11.35
C LYS A 74 1.55 1.02 11.39
N LYS A 75 1.91 0.46 10.22
CA LYS A 75 3.13 -0.36 10.05
C LYS A 75 4.39 0.52 10.19
N LEU A 76 4.37 1.70 9.51
CA LEU A 76 5.49 2.67 9.52
C LEU A 76 5.71 3.23 10.93
N ALA A 77 4.60 3.45 11.66
CA ALA A 77 4.62 3.88 13.06
C ALA A 77 5.36 2.86 13.95
N ARG A 78 5.15 1.57 13.64
CA ARG A 78 5.88 0.45 14.29
C ARG A 78 7.37 0.44 13.87
N LYS A 79 7.64 0.82 12.59
CA LYS A 79 9.02 0.83 12.02
C LYS A 79 9.88 1.94 12.63
N LEU A 80 9.23 2.93 13.27
CA LEU A 80 9.92 3.89 14.14
C LEU A 80 10.45 3.17 15.38
N GLU A 81 11.72 2.75 15.30
CA GLU A 81 12.43 2.04 16.38
C GLU A 81 12.42 2.90 17.66
N HIS A 82 12.81 4.18 17.48
CA HIS A 82 12.81 5.20 18.56
C HIS A 82 12.99 6.62 17.97
N HIS A 83 13.72 6.73 16.83
CA HIS A 83 14.08 8.03 16.23
C HIS A 83 14.40 7.86 14.73
N HIS A 84 14.01 8.88 13.92
CA HIS A 84 14.26 8.92 12.46
C HIS A 84 13.99 10.35 11.98
N HIS A 85 12.69 10.72 11.85
CA HIS A 85 12.27 12.08 11.48
C HIS A 85 10.78 12.29 11.88
N HIS A 86 10.58 12.58 13.18
CA HIS A 86 9.26 12.94 13.77
C HIS A 86 9.53 13.73 15.07
N HIS A 87 8.70 14.75 15.35
CA HIS A 87 8.74 15.50 16.62
C HIS A 87 7.38 16.20 16.86
N MET A 1 2.39 11.71 7.68
CA MET A 1 2.50 10.42 6.95
C MET A 1 2.56 10.68 5.43
N PRO A 2 3.58 10.13 4.69
CA PRO A 2 3.69 10.27 3.22
C PRO A 2 3.09 9.03 2.50
N THR A 3 1.90 8.62 2.95
CA THR A 3 1.28 7.34 2.58
C THR A 3 0.97 7.24 1.08
N LEU A 4 -0.10 7.93 0.60
CA LEU A 4 -0.51 7.90 -0.83
C LEU A 4 0.60 8.51 -1.72
N ASP A 5 1.35 9.47 -1.15
CA ASP A 5 2.51 10.12 -1.81
C ASP A 5 3.54 9.07 -2.29
N ALA A 6 3.81 8.09 -1.43
CA ALA A 6 4.77 7.00 -1.71
C ALA A 6 4.10 5.83 -2.45
N LEU A 7 2.79 5.60 -2.19
CA LEU A 7 2.04 4.46 -2.79
C LEU A 7 1.76 4.70 -4.29
N THR A 8 1.41 5.95 -4.67
CA THR A 8 0.94 6.27 -6.03
C THR A 8 1.95 5.85 -7.15
N PRO A 9 3.29 6.20 -7.08
CA PRO A 9 4.28 5.72 -8.10
C PRO A 9 4.45 4.18 -8.10
N ILE A 10 4.19 3.53 -6.94
CA ILE A 10 4.27 2.06 -6.81
C ILE A 10 3.10 1.42 -7.58
N PHE A 11 1.90 2.02 -7.45
CA PHE A 11 0.70 1.58 -8.20
C PHE A 11 0.87 1.84 -9.70
N ARG A 12 1.44 3.02 -10.04
CA ARG A 12 1.72 3.39 -11.45
C ARG A 12 2.72 2.43 -12.09
N GLN A 13 3.56 1.78 -11.27
CA GLN A 13 4.54 0.79 -11.74
C GLN A 13 3.90 -0.61 -11.87
N VAL A 14 3.39 -1.15 -10.74
CA VAL A 14 2.82 -2.53 -10.64
C VAL A 14 1.68 -2.75 -11.64
N PHE A 15 0.80 -1.75 -11.74
CA PHE A 15 -0.38 -1.80 -12.62
C PHE A 15 -0.05 -1.21 -14.01
N ASP A 16 1.06 -0.45 -14.10
CA ASP A 16 1.51 0.25 -15.33
C ASP A 16 0.41 1.20 -15.85
N ASP A 17 0.35 2.39 -15.24
CA ASP A 17 -0.64 3.42 -15.59
C ASP A 17 -0.30 4.72 -14.83
N ASP A 18 0.18 5.75 -15.55
CA ASP A 18 0.54 7.06 -14.97
C ASP A 18 -0.70 7.87 -14.55
N SER A 19 -1.88 7.51 -15.08
CA SER A 19 -3.14 8.23 -14.78
C SER A 19 -3.71 7.83 -13.40
N ILE A 20 -3.08 6.80 -12.74
CA ILE A 20 -3.41 6.43 -11.35
C ILE A 20 -3.08 7.59 -10.40
N VAL A 21 -4.13 8.22 -9.88
CA VAL A 21 -4.05 9.27 -8.84
C VAL A 21 -4.83 8.73 -7.64
N LEU A 22 -4.10 8.22 -6.63
CA LEU A 22 -4.72 7.54 -5.48
C LEU A 22 -5.45 8.51 -4.57
N THR A 23 -6.66 8.09 -4.18
CA THR A 23 -7.50 8.77 -3.20
C THR A 23 -7.95 7.70 -2.19
N ARG A 24 -8.32 8.13 -0.98
CA ARG A 24 -8.53 7.22 0.15
C ARG A 24 -9.67 6.21 -0.05
N GLU A 25 -10.69 6.58 -0.84
CA GLU A 25 -11.86 5.69 -1.11
C GLU A 25 -11.77 5.00 -2.49
N THR A 26 -10.57 5.01 -3.10
CA THR A 26 -10.27 4.16 -4.29
C THR A 26 -10.18 2.69 -3.82
N SER A 27 -10.84 1.76 -4.53
CA SER A 27 -10.73 0.31 -4.23
C SER A 27 -10.43 -0.47 -5.52
N ALA A 28 -10.41 -1.81 -5.42
CA ALA A 28 -10.24 -2.70 -6.58
C ALA A 28 -11.42 -2.60 -7.58
N ASN A 29 -12.56 -2.05 -7.14
CA ASN A 29 -13.69 -1.74 -8.04
C ASN A 29 -13.37 -0.47 -8.87
N ASP A 30 -12.69 0.50 -8.22
CA ASP A 30 -12.34 1.81 -8.83
C ASP A 30 -11.14 1.68 -9.78
N ILE A 31 -10.45 0.51 -9.77
CA ILE A 31 -9.38 0.18 -10.73
C ILE A 31 -9.74 -1.17 -11.38
N ASP A 32 -10.18 -1.12 -12.67
CA ASP A 32 -10.64 -2.29 -13.45
C ASP A 32 -9.59 -3.42 -13.52
N ALA A 33 -8.32 -3.03 -13.65
CA ALA A 33 -7.19 -3.98 -13.81
C ALA A 33 -6.55 -4.36 -12.46
N TRP A 34 -7.20 -4.04 -11.33
CA TRP A 34 -6.73 -4.47 -10.00
C TRP A 34 -7.33 -5.85 -9.66
N ASP A 35 -6.78 -6.88 -10.31
CA ASP A 35 -7.11 -8.30 -10.06
C ASP A 35 -6.62 -8.74 -8.68
N SER A 36 -7.16 -9.87 -8.19
CA SER A 36 -6.72 -10.53 -6.95
C SER A 36 -5.20 -10.85 -7.00
N LEU A 37 -4.73 -11.18 -8.21
CA LEU A 37 -3.31 -11.45 -8.51
C LEU A 37 -2.47 -10.16 -8.46
N SER A 38 -3.08 -9.03 -8.90
CA SER A 38 -2.45 -7.70 -8.88
C SER A 38 -2.23 -7.23 -7.43
N HIS A 39 -3.17 -7.60 -6.52
CA HIS A 39 -3.02 -7.41 -5.06
C HIS A 39 -1.72 -8.06 -4.55
N MET A 40 -1.49 -9.31 -4.96
CA MET A 40 -0.31 -10.10 -4.51
C MET A 40 1.01 -9.41 -4.89
N ASN A 41 1.05 -8.89 -6.13
CA ASN A 41 2.23 -8.19 -6.68
C ASN A 41 2.47 -6.84 -5.97
N LEU A 42 1.38 -6.08 -5.75
CA LEU A 42 1.42 -4.76 -5.09
C LEU A 42 1.85 -4.90 -3.61
N ILE A 43 1.29 -5.91 -2.93
CA ILE A 43 1.50 -6.17 -1.49
C ILE A 43 2.97 -6.51 -1.21
N VAL A 44 3.54 -7.45 -2.00
CA VAL A 44 4.93 -7.89 -1.82
C VAL A 44 5.93 -6.76 -2.13
N SER A 45 5.55 -5.84 -3.06
CA SER A 45 6.32 -4.62 -3.36
C SER A 45 6.45 -3.73 -2.10
N LEU A 46 5.32 -3.51 -1.39
CA LEU A 46 5.28 -2.65 -0.19
C LEU A 46 6.12 -3.27 0.94
N GLU A 47 6.00 -4.60 1.10
CA GLU A 47 6.67 -5.34 2.19
C GLU A 47 8.20 -5.22 2.08
N VAL A 48 8.75 -5.52 0.90
CA VAL A 48 10.21 -5.53 0.70
C VAL A 48 10.82 -4.10 0.73
N HIS A 49 10.12 -3.11 0.10
CA HIS A 49 10.62 -1.73 0.00
C HIS A 49 10.65 -1.00 1.34
N TYR A 50 9.52 -1.04 2.08
CA TYR A 50 9.41 -0.38 3.40
C TYR A 50 10.00 -1.27 4.52
N LYS A 51 10.34 -2.55 4.18
CA LYS A 51 10.86 -3.58 5.13
C LYS A 51 9.76 -3.99 6.16
N ILE A 52 8.49 -3.85 5.76
CA ILE A 52 7.31 -4.11 6.64
C ILE A 52 6.69 -5.49 6.33
N LYS A 53 5.73 -5.94 7.15
CA LYS A 53 5.05 -7.26 6.98
C LYS A 53 3.58 -7.17 7.42
N PHE A 54 2.67 -7.67 6.56
CA PHE A 54 1.22 -7.78 6.86
C PHE A 54 0.71 -9.18 6.50
N ALA A 55 -0.40 -9.54 7.14
CA ALA A 55 -1.09 -10.82 6.93
C ALA A 55 -2.34 -10.58 6.07
N LEU A 56 -2.82 -11.64 5.39
CA LEU A 56 -3.98 -11.57 4.47
C LEU A 56 -5.26 -11.29 5.29
N GLY A 57 -5.26 -11.68 6.59
CA GLY A 57 -6.33 -11.33 7.53
C GLY A 57 -6.45 -9.81 7.75
N GLU A 58 -5.27 -9.12 7.76
CA GLU A 58 -5.20 -7.64 7.82
C GLU A 58 -5.62 -7.02 6.47
N LEU A 59 -5.41 -7.76 5.36
CA LEU A 59 -5.87 -7.38 4.01
C LEU A 59 -7.40 -7.42 3.89
N GLN A 60 -8.03 -8.33 4.66
CA GLN A 60 -9.50 -8.40 4.76
C GLN A 60 -10.04 -7.22 5.58
N LYS A 61 -9.19 -6.63 6.42
CA LYS A 61 -9.49 -5.39 7.17
C LYS A 61 -9.26 -4.14 6.32
N LEU A 62 -8.73 -4.32 5.09
CA LEU A 62 -8.55 -3.23 4.11
C LEU A 62 -9.64 -3.35 3.04
N LYS A 63 -10.39 -2.28 2.80
CA LYS A 63 -11.43 -2.24 1.74
C LYS A 63 -10.97 -1.32 0.60
N ASN A 64 -10.09 -0.35 0.92
CA ASN A 64 -9.63 0.68 -0.02
C ASN A 64 -8.10 0.89 0.07
N VAL A 65 -7.59 1.73 -0.86
CA VAL A 65 -6.19 2.21 -0.88
C VAL A 65 -5.91 3.09 0.34
N GLY A 66 -6.93 3.80 0.82
CA GLY A 66 -6.83 4.62 2.04
C GLY A 66 -6.68 3.76 3.29
N ASP A 67 -7.35 2.60 3.29
CA ASP A 67 -7.18 1.56 4.32
C ASP A 67 -5.77 0.98 4.23
N LEU A 68 -5.30 0.74 2.99
CA LEU A 68 -3.95 0.22 2.69
C LEU A 68 -2.86 1.28 3.00
N ALA A 69 -3.23 2.56 2.91
CA ALA A 69 -2.35 3.70 3.22
C ALA A 69 -2.17 3.79 4.72
N ASP A 70 -3.31 3.68 5.40
CA ASP A 70 -3.40 3.60 6.88
C ASP A 70 -2.65 2.38 7.39
N LEU A 71 -2.72 1.28 6.62
CA LEU A 71 -2.06 0.00 6.93
C LEU A 71 -0.53 0.19 6.92
N VAL A 72 0.00 0.70 5.78
CA VAL A 72 1.44 0.98 5.61
C VAL A 72 1.92 1.98 6.69
N ASP A 73 1.04 2.94 7.02
CA ASP A 73 1.24 3.94 8.10
C ASP A 73 1.39 3.24 9.49
N LYS A 74 0.53 2.23 9.73
CA LYS A 74 0.54 1.45 10.99
C LYS A 74 1.79 0.57 11.08
N LYS A 75 2.25 0.07 9.92
CA LYS A 75 3.47 -0.74 9.81
C LYS A 75 4.72 0.11 10.04
N LEU A 76 4.69 1.33 9.49
CA LEU A 76 5.73 2.34 9.71
C LEU A 76 5.72 2.74 11.19
N ALA A 77 4.54 2.72 11.85
CA ALA A 77 4.40 3.02 13.29
C ALA A 77 5.04 1.90 14.14
N ARG A 78 4.97 0.64 13.65
CA ARG A 78 5.66 -0.52 14.28
C ARG A 78 7.19 -0.34 14.22
N LYS A 79 7.65 0.46 13.23
CA LYS A 79 9.07 0.84 13.07
C LYS A 79 9.38 2.16 13.81
N LEU A 80 8.38 3.04 13.88
CA LEU A 80 8.49 4.39 14.46
C LEU A 80 8.22 4.34 15.98
N GLU A 81 8.83 3.33 16.65
CA GLU A 81 8.79 3.15 18.10
C GLU A 81 9.89 4.00 18.76
N HIS A 82 9.96 5.27 18.35
CA HIS A 82 10.90 6.24 18.89
C HIS A 82 10.28 6.92 20.13
N HIS A 83 10.14 6.12 21.21
CA HIS A 83 9.57 6.59 22.48
C HIS A 83 10.62 7.44 23.22
N HIS A 84 10.71 8.72 22.82
CA HIS A 84 11.64 9.71 23.39
C HIS A 84 11.15 10.27 24.75
N HIS A 85 10.08 9.65 25.29
CA HIS A 85 9.59 9.86 26.67
C HIS A 85 8.99 11.28 26.88
N HIS A 86 8.47 11.85 25.78
CA HIS A 86 7.75 13.14 25.79
C HIS A 86 6.52 13.04 24.85
N HIS A 87 5.40 13.66 25.28
CA HIS A 87 4.09 13.63 24.57
C HIS A 87 3.55 12.17 24.51
N MET A 1 1.85 12.92 6.55
CA MET A 1 2.28 11.56 6.17
C MET A 1 1.91 11.28 4.69
N PRO A 2 2.76 10.53 3.92
CA PRO A 2 2.55 10.29 2.48
C PRO A 2 1.87 8.93 2.23
N THR A 3 0.80 8.69 2.97
CA THR A 3 0.13 7.37 3.02
C THR A 3 -0.53 6.98 1.68
N LEU A 4 -0.94 7.99 0.89
CA LEU A 4 -1.35 7.81 -0.51
C LEU A 4 -0.15 8.03 -1.46
N ASP A 5 0.53 9.19 -1.27
CA ASP A 5 1.58 9.71 -2.20
C ASP A 5 2.77 8.76 -2.38
N ALA A 6 3.33 8.31 -1.25
CA ALA A 6 4.50 7.39 -1.23
C ALA A 6 4.18 6.09 -1.96
N LEU A 7 2.93 5.62 -1.79
CA LEU A 7 2.46 4.36 -2.38
C LEU A 7 2.19 4.52 -3.89
N THR A 8 1.90 5.76 -4.36
CA THR A 8 1.49 6.02 -5.75
C THR A 8 2.52 5.48 -6.81
N PRO A 9 3.89 5.77 -6.71
CA PRO A 9 4.91 5.17 -7.62
C PRO A 9 4.96 3.63 -7.57
N ILE A 10 4.52 3.05 -6.42
CA ILE A 10 4.48 1.58 -6.22
C ILE A 10 3.36 0.96 -7.07
N PHE A 11 2.19 1.62 -7.08
CA PHE A 11 1.03 1.21 -7.90
C PHE A 11 1.34 1.45 -9.39
N ARG A 12 1.95 2.60 -9.70
CA ARG A 12 2.40 2.92 -11.08
C ARG A 12 3.48 1.94 -11.58
N GLN A 13 4.23 1.33 -10.65
CA GLN A 13 5.24 0.31 -10.97
C GLN A 13 4.56 -1.02 -11.33
N VAL A 14 3.72 -1.50 -10.39
CA VAL A 14 3.04 -2.81 -10.48
C VAL A 14 2.09 -2.86 -11.69
N PHE A 15 1.18 -1.88 -11.77
CA PHE A 15 0.10 -1.85 -12.78
C PHE A 15 0.54 -1.15 -14.07
N ASP A 16 1.70 -0.44 -14.01
CA ASP A 16 2.30 0.30 -15.15
C ASP A 16 1.29 1.29 -15.76
N ASP A 17 0.94 2.30 -14.96
CA ASP A 17 -0.07 3.30 -15.30
C ASP A 17 0.22 4.58 -14.52
N ASP A 18 0.82 5.57 -15.22
CA ASP A 18 1.25 6.84 -14.61
C ASP A 18 0.06 7.76 -14.28
N SER A 19 -1.15 7.40 -14.77
CA SER A 19 -2.37 8.17 -14.49
C SER A 19 -3.03 7.72 -13.16
N ILE A 20 -2.40 6.73 -12.48
CA ILE A 20 -2.76 6.37 -11.09
C ILE A 20 -2.44 7.57 -10.17
N VAL A 21 -3.48 8.26 -9.71
CA VAL A 21 -3.39 9.29 -8.69
C VAL A 21 -4.28 8.83 -7.53
N LEU A 22 -3.64 8.30 -6.47
CA LEU A 22 -4.34 7.57 -5.39
C LEU A 22 -5.28 8.48 -4.61
N THR A 23 -6.43 7.91 -4.29
CA THR A 23 -7.41 8.49 -3.39
C THR A 23 -7.69 7.43 -2.32
N ARG A 24 -8.39 7.81 -1.25
CA ARG A 24 -8.77 6.84 -0.23
C ARG A 24 -9.81 5.82 -0.74
N GLU A 25 -10.55 6.15 -1.80
CA GLU A 25 -11.62 5.27 -2.34
C GLU A 25 -11.11 4.37 -3.50
N THR A 26 -9.84 4.57 -3.93
CA THR A 26 -9.23 3.75 -5.00
C THR A 26 -9.20 2.27 -4.61
N SER A 27 -10.00 1.44 -5.29
CA SER A 27 -10.08 -0.01 -5.03
C SER A 27 -9.84 -0.81 -6.32
N ALA A 28 -9.76 -2.14 -6.18
CA ALA A 28 -9.76 -3.07 -7.28
C ALA A 28 -11.23 -3.35 -7.56
N ASN A 29 -11.77 -2.55 -8.47
CA ASN A 29 -13.18 -2.10 -8.45
C ASN A 29 -13.20 -0.84 -9.34
N ASP A 30 -12.45 0.19 -8.86
CA ASP A 30 -12.27 1.49 -9.56
C ASP A 30 -11.26 1.38 -10.71
N ILE A 31 -10.50 0.26 -10.74
CA ILE A 31 -9.48 0.00 -11.77
C ILE A 31 -9.73 -1.43 -12.33
N ASP A 32 -9.95 -1.50 -13.65
CA ASP A 32 -10.29 -2.75 -14.37
C ASP A 32 -9.04 -3.66 -14.51
N ALA A 33 -7.87 -3.03 -14.70
CA ALA A 33 -6.58 -3.74 -14.91
C ALA A 33 -6.02 -4.32 -13.59
N TRP A 34 -6.68 -4.04 -12.47
CA TRP A 34 -6.25 -4.46 -11.12
C TRP A 34 -6.79 -5.88 -10.82
N ASP A 35 -6.21 -6.88 -11.50
CA ASP A 35 -6.51 -8.33 -11.32
C ASP A 35 -6.06 -8.85 -9.94
N SER A 36 -6.53 -10.07 -9.56
CA SER A 36 -6.10 -10.80 -8.34
C SER A 36 -4.57 -10.82 -8.18
N LEU A 37 -3.89 -11.35 -9.21
CA LEU A 37 -2.43 -11.55 -9.19
C LEU A 37 -1.69 -10.21 -9.23
N SER A 38 -2.27 -9.23 -9.93
CA SER A 38 -1.76 -7.85 -9.99
C SER A 38 -1.81 -7.18 -8.59
N HIS A 39 -2.91 -7.47 -7.88
CA HIS A 39 -3.14 -7.03 -6.49
C HIS A 39 -2.10 -7.66 -5.54
N MET A 40 -1.83 -8.96 -5.74
CA MET A 40 -0.85 -9.72 -4.94
C MET A 40 0.57 -9.19 -5.17
N ASN A 41 0.84 -8.77 -6.43
CA ASN A 41 2.13 -8.14 -6.82
C ASN A 41 2.30 -6.80 -6.07
N LEU A 42 1.19 -6.07 -5.89
CA LEU A 42 1.18 -4.78 -5.18
C LEU A 42 1.53 -4.99 -3.69
N ILE A 43 0.91 -6.00 -3.08
CA ILE A 43 1.10 -6.31 -1.64
C ILE A 43 2.57 -6.67 -1.35
N VAL A 44 3.16 -7.58 -2.16
CA VAL A 44 4.55 -8.01 -1.98
C VAL A 44 5.56 -6.89 -2.31
N SER A 45 5.11 -5.90 -3.12
CA SER A 45 5.88 -4.67 -3.36
C SER A 45 6.02 -3.84 -2.07
N LEU A 46 4.93 -3.70 -1.32
CA LEU A 46 4.92 -2.98 -0.04
C LEU A 46 5.81 -3.70 1.00
N GLU A 47 5.83 -5.05 0.91
CA GLU A 47 6.67 -5.92 1.74
C GLU A 47 8.17 -5.66 1.48
N VAL A 48 8.60 -5.71 0.21
CA VAL A 48 10.03 -5.62 -0.16
C VAL A 48 10.58 -4.16 -0.05
N HIS A 49 9.79 -3.17 -0.51
CA HIS A 49 10.15 -1.74 -0.44
C HIS A 49 10.19 -1.24 1.03
N TYR A 50 9.03 -1.27 1.70
CA TYR A 50 8.83 -0.58 3.00
C TYR A 50 9.12 -1.49 4.21
N LYS A 51 9.30 -2.80 3.96
CA LYS A 51 9.55 -3.82 5.01
C LYS A 51 8.35 -3.97 5.97
N ILE A 52 7.15 -3.55 5.50
CA ILE A 52 5.94 -3.51 6.34
C ILE A 52 5.10 -4.78 6.08
N LYS A 53 4.65 -5.40 7.17
CA LYS A 53 4.04 -6.73 7.18
C LYS A 53 2.52 -6.59 7.18
N PHE A 54 1.88 -6.97 6.08
CA PHE A 54 0.42 -7.16 5.98
C PHE A 54 0.10 -8.63 6.24
N ALA A 55 -0.86 -8.88 7.12
CA ALA A 55 -1.38 -10.21 7.40
C ALA A 55 -2.56 -10.48 6.47
N LEU A 56 -2.78 -11.75 6.10
CA LEU A 56 -3.93 -12.16 5.24
C LEU A 56 -5.28 -11.80 5.92
N GLY A 57 -5.30 -11.78 7.27
CA GLY A 57 -6.43 -11.26 8.03
C GLY A 57 -6.71 -9.78 7.73
N GLU A 58 -5.61 -8.97 7.70
CA GLU A 58 -5.66 -7.53 7.37
C GLU A 58 -6.03 -7.33 5.88
N LEU A 59 -5.62 -8.29 5.02
CA LEU A 59 -5.93 -8.30 3.55
C LEU A 59 -7.44 -8.32 3.30
N GLN A 60 -8.15 -9.19 4.06
CA GLN A 60 -9.61 -9.29 3.98
C GLN A 60 -10.31 -8.05 4.61
N LYS A 61 -9.54 -7.25 5.35
CA LYS A 61 -10.01 -5.97 5.94
C LYS A 61 -9.56 -4.75 5.08
N LEU A 62 -8.73 -5.00 4.05
CA LEU A 62 -8.33 -3.96 3.05
C LEU A 62 -9.41 -3.90 1.97
N LYS A 63 -10.29 -2.89 1.99
CA LYS A 63 -11.32 -2.68 0.95
C LYS A 63 -10.76 -1.78 -0.18
N ASN A 64 -9.93 -0.79 0.21
CA ASN A 64 -9.35 0.21 -0.72
C ASN A 64 -7.97 0.71 -0.24
N VAL A 65 -7.37 1.65 -1.02
CA VAL A 65 -6.08 2.28 -0.71
C VAL A 65 -6.20 3.23 0.49
N GLY A 66 -7.45 3.57 0.87
CA GLY A 66 -7.72 4.25 2.13
C GLY A 66 -7.36 3.37 3.33
N ASP A 67 -7.67 2.06 3.19
CA ASP A 67 -7.28 1.05 4.19
C ASP A 67 -5.77 0.87 4.19
N LEU A 68 -5.14 0.82 2.99
CA LEU A 68 -3.66 0.80 2.88
C LEU A 68 -3.06 2.05 3.53
N ALA A 69 -3.72 3.19 3.39
CA ALA A 69 -3.25 4.46 3.97
C ALA A 69 -3.23 4.37 5.51
N ASP A 70 -4.30 3.76 6.07
CA ASP A 70 -4.42 3.50 7.51
C ASP A 70 -3.34 2.51 7.99
N LEU A 71 -3.23 1.37 7.28
CA LEU A 71 -2.37 0.24 7.67
C LEU A 71 -0.88 0.63 7.57
N VAL A 72 -0.44 1.11 6.38
CA VAL A 72 0.95 1.58 6.15
C VAL A 72 1.35 2.64 7.21
N ASP A 73 0.41 3.58 7.53
CA ASP A 73 0.64 4.64 8.54
C ASP A 73 0.83 4.02 9.95
N LYS A 74 -0.02 3.02 10.26
CA LYS A 74 0.01 2.29 11.55
C LYS A 74 1.34 1.55 11.72
N LYS A 75 1.80 0.93 10.63
CA LYS A 75 3.01 0.09 10.62
C LYS A 75 4.27 0.95 10.68
N LEU A 76 4.24 2.11 9.99
CA LEU A 76 5.35 3.09 10.02
C LEU A 76 5.48 3.71 11.42
N ALA A 77 4.33 3.90 12.11
CA ALA A 77 4.28 4.31 13.53
C ALA A 77 4.99 3.27 14.43
N ARG A 78 4.85 1.98 14.09
CA ARG A 78 5.55 0.87 14.78
C ARG A 78 7.05 0.87 14.39
N LYS A 79 7.35 1.25 13.11
CA LYS A 79 8.72 1.20 12.52
C LYS A 79 9.72 2.17 13.19
N LEU A 80 9.25 3.05 14.10
CA LEU A 80 10.14 3.89 14.92
C LEU A 80 10.93 3.00 15.90
N GLU A 81 12.05 2.47 15.38
CA GLU A 81 12.97 1.58 16.13
C GLU A 81 14.07 2.46 16.76
N HIS A 82 15.30 1.94 16.88
CA HIS A 82 16.48 2.75 17.26
C HIS A 82 17.10 3.39 16.00
N HIS A 83 18.33 3.99 16.15
CA HIS A 83 19.02 4.77 15.09
C HIS A 83 18.29 6.11 14.84
N HIS A 84 17.16 6.04 14.09
CA HIS A 84 16.33 7.19 13.67
C HIS A 84 17.03 8.08 12.62
N HIS A 85 16.21 8.83 11.86
CA HIS A 85 16.68 9.84 10.90
C HIS A 85 15.56 10.90 10.75
N HIS A 86 15.81 12.09 11.36
CA HIS A 86 14.82 13.20 11.46
C HIS A 86 13.59 12.78 12.31
N HIS A 87 12.74 13.74 12.68
CA HIS A 87 11.48 13.46 13.38
C HIS A 87 10.43 12.93 12.36
N MET A 1 3.83 11.62 7.22
CA MET A 1 3.15 10.41 6.71
C MET A 1 3.10 10.45 5.17
N PRO A 2 4.07 9.78 4.48
CA PRO A 2 4.19 9.81 3.01
C PRO A 2 3.58 8.57 2.34
N THR A 3 2.42 8.12 2.84
CA THR A 3 1.79 6.85 2.39
C THR A 3 1.38 6.91 0.91
N LEU A 4 0.29 7.66 0.56
CA LEU A 4 -0.17 7.79 -0.84
C LEU A 4 0.92 8.40 -1.74
N ASP A 5 1.75 9.30 -1.15
CA ASP A 5 2.93 9.89 -1.81
C ASP A 5 3.87 8.80 -2.37
N ALA A 6 4.14 7.78 -1.55
CA ALA A 6 5.05 6.67 -1.88
C ALA A 6 4.30 5.45 -2.46
N LEU A 7 2.95 5.44 -2.34
CA LEU A 7 2.11 4.36 -2.91
C LEU A 7 1.90 4.60 -4.42
N THR A 8 1.67 5.86 -4.82
CA THR A 8 1.38 6.23 -6.23
C THR A 8 2.44 5.68 -7.23
N PRO A 9 3.80 5.84 -7.01
CA PRO A 9 4.83 5.19 -7.88
C PRO A 9 4.74 3.63 -7.88
N ILE A 10 4.30 3.03 -6.74
CA ILE A 10 4.18 1.55 -6.60
C ILE A 10 3.02 1.02 -7.45
N PHE A 11 1.85 1.68 -7.36
CA PHE A 11 0.62 1.30 -8.09
C PHE A 11 0.81 1.52 -9.59
N ARG A 12 1.38 2.68 -9.95
CA ARG A 12 1.67 3.02 -11.34
C ARG A 12 2.81 2.17 -11.92
N GLN A 13 3.60 1.50 -11.06
CA GLN A 13 4.58 0.48 -11.47
C GLN A 13 3.86 -0.84 -11.80
N VAL A 14 3.10 -1.35 -10.81
CA VAL A 14 2.36 -2.63 -10.87
C VAL A 14 1.36 -2.67 -12.06
N PHE A 15 0.52 -1.63 -12.15
CA PHE A 15 -0.53 -1.54 -13.16
C PHE A 15 -0.02 -0.89 -14.46
N ASP A 16 1.05 -0.07 -14.34
CA ASP A 16 1.66 0.67 -15.46
C ASP A 16 0.63 1.62 -16.11
N ASP A 17 0.10 2.55 -15.29
CA ASP A 17 -0.97 3.48 -15.73
C ASP A 17 -0.97 4.75 -14.86
N ASP A 18 -0.77 5.91 -15.52
CA ASP A 18 -0.76 7.25 -14.88
C ASP A 18 -2.18 7.73 -14.55
N SER A 19 -3.19 7.21 -15.28
CA SER A 19 -4.61 7.61 -15.11
C SER A 19 -5.12 7.26 -13.68
N ILE A 20 -4.46 6.27 -13.05
CA ILE A 20 -4.68 5.90 -11.64
C ILE A 20 -4.17 7.02 -10.71
N VAL A 21 -5.12 7.77 -10.14
CA VAL A 21 -4.86 8.78 -9.10
C VAL A 21 -5.47 8.25 -7.80
N LEU A 22 -4.63 8.10 -6.77
CA LEU A 22 -5.05 7.48 -5.50
C LEU A 22 -5.69 8.52 -4.57
N THR A 23 -6.78 8.10 -3.94
CA THR A 23 -7.41 8.78 -2.80
C THR A 23 -7.76 7.71 -1.77
N ARG A 24 -8.29 8.15 -0.62
CA ARG A 24 -8.67 7.25 0.47
C ARG A 24 -9.98 6.48 0.19
N GLU A 25 -10.69 6.85 -0.91
CA GLU A 25 -11.94 6.16 -1.32
C GLU A 25 -11.72 5.29 -2.58
N THR A 26 -10.53 5.41 -3.21
CA THR A 26 -10.19 4.61 -4.41
C THR A 26 -10.09 3.11 -4.04
N SER A 27 -11.15 2.34 -4.32
CA SER A 27 -11.17 0.88 -4.11
C SER A 27 -10.62 0.16 -5.35
N ALA A 28 -10.38 -1.14 -5.22
CA ALA A 28 -9.99 -1.99 -6.35
C ALA A 28 -11.05 -2.01 -7.47
N ASN A 29 -12.33 -1.88 -7.07
CA ASN A 29 -13.49 -1.87 -7.98
C ASN A 29 -13.51 -0.56 -8.81
N ASP A 30 -12.85 0.49 -8.27
CA ASP A 30 -12.67 1.78 -8.96
C ASP A 30 -11.52 1.71 -10.00
N ILE A 31 -10.69 0.66 -9.91
CA ILE A 31 -9.53 0.45 -10.79
C ILE A 31 -9.77 -0.81 -11.65
N ASP A 32 -10.27 -0.61 -12.88
CA ASP A 32 -10.45 -1.71 -13.86
C ASP A 32 -9.08 -2.09 -14.43
N ALA A 33 -8.46 -3.07 -13.76
CA ALA A 33 -7.02 -3.41 -13.87
C ALA A 33 -6.66 -4.31 -12.68
N TRP A 34 -7.28 -4.00 -11.52
CA TRP A 34 -6.99 -4.66 -10.25
C TRP A 34 -7.68 -6.03 -10.19
N ASP A 35 -6.88 -7.07 -9.96
CA ASP A 35 -7.35 -8.45 -9.68
C ASP A 35 -6.65 -8.95 -8.41
N SER A 36 -6.96 -10.20 -8.03
CA SER A 36 -6.33 -10.87 -6.88
C SER A 36 -4.83 -11.09 -7.16
N LEU A 37 -4.49 -11.21 -8.46
CA LEU A 37 -3.10 -11.29 -8.95
C LEU A 37 -2.38 -9.94 -8.72
N SER A 38 -3.07 -8.83 -9.02
CA SER A 38 -2.55 -7.47 -8.80
C SER A 38 -2.26 -7.24 -7.30
N HIS A 39 -3.13 -7.80 -6.44
CA HIS A 39 -2.96 -7.79 -4.98
C HIS A 39 -1.59 -8.39 -4.57
N MET A 40 -1.24 -9.54 -5.17
CA MET A 40 0.03 -10.24 -4.90
C MET A 40 1.24 -9.34 -5.26
N ASN A 41 1.12 -8.66 -6.39
CA ASN A 41 2.14 -7.72 -6.91
C ASN A 41 2.33 -6.54 -5.95
N LEU A 42 1.18 -5.99 -5.47
CA LEU A 42 1.14 -4.89 -4.51
C LEU A 42 1.93 -5.25 -3.24
N ILE A 43 1.46 -6.30 -2.54
CA ILE A 43 1.98 -6.68 -1.22
C ILE A 43 3.51 -6.89 -1.26
N VAL A 44 4.02 -7.68 -2.23
CA VAL A 44 5.46 -8.01 -2.30
C VAL A 44 6.33 -6.73 -2.54
N SER A 45 5.81 -5.77 -3.32
CA SER A 45 6.48 -4.48 -3.54
C SER A 45 6.47 -3.63 -2.26
N LEU A 46 5.34 -3.64 -1.55
CA LEU A 46 5.14 -2.89 -0.31
C LEU A 46 6.00 -3.48 0.85
N GLU A 47 6.22 -4.81 0.80
CA GLU A 47 7.08 -5.55 1.74
C GLU A 47 8.52 -5.01 1.65
N VAL A 48 9.08 -5.10 0.44
CA VAL A 48 10.50 -4.83 0.21
C VAL A 48 10.86 -3.33 0.32
N HIS A 49 9.95 -2.45 -0.15
CA HIS A 49 10.14 -0.98 -0.07
C HIS A 49 10.09 -0.45 1.37
N TYR A 50 9.01 -0.76 2.10
CA TYR A 50 8.78 -0.23 3.47
C TYR A 50 9.46 -1.08 4.57
N LYS A 51 9.86 -2.32 4.21
CA LYS A 51 10.46 -3.33 5.14
C LYS A 51 9.48 -3.65 6.30
N ILE A 52 8.19 -3.84 5.96
CA ILE A 52 7.12 -4.11 6.97
C ILE A 52 6.29 -5.33 6.55
N LYS A 53 5.50 -5.86 7.50
CA LYS A 53 4.76 -7.12 7.35
C LYS A 53 3.25 -6.85 7.21
N PHE A 54 2.73 -6.99 5.96
CA PHE A 54 1.29 -6.96 5.66
C PHE A 54 0.73 -8.38 5.79
N ALA A 55 -0.12 -8.58 6.80
CA ALA A 55 -0.80 -9.86 7.04
C ALA A 55 -2.05 -9.90 6.16
N LEU A 56 -2.23 -11.00 5.41
CA LEU A 56 -3.34 -11.15 4.42
C LEU A 56 -4.72 -11.06 5.12
N GLY A 57 -4.76 -11.40 6.42
CA GLY A 57 -5.94 -11.23 7.27
C GLY A 57 -6.40 -9.77 7.36
N GLU A 58 -5.40 -8.86 7.46
CA GLU A 58 -5.63 -7.40 7.46
C GLU A 58 -6.12 -6.95 6.08
N LEU A 59 -5.51 -7.53 5.00
CA LEU A 59 -5.85 -7.23 3.59
C LEU A 59 -7.34 -7.49 3.29
N GLN A 60 -7.90 -8.55 3.91
CA GLN A 60 -9.35 -8.88 3.82
C GLN A 60 -10.25 -7.74 4.37
N LYS A 61 -9.68 -6.86 5.21
CA LYS A 61 -10.37 -5.69 5.79
C LYS A 61 -9.88 -4.36 5.17
N LEU A 62 -8.93 -4.43 4.22
CA LEU A 62 -8.47 -3.24 3.48
C LEU A 62 -9.26 -3.17 2.17
N LYS A 63 -10.40 -2.44 2.23
CA LYS A 63 -11.40 -2.38 1.14
C LYS A 63 -10.96 -1.39 0.06
N ASN A 64 -10.19 -0.37 0.45
CA ASN A 64 -9.66 0.63 -0.49
C ASN A 64 -8.22 1.03 -0.14
N VAL A 65 -7.61 1.81 -1.05
CA VAL A 65 -6.21 2.27 -0.95
C VAL A 65 -6.00 3.15 0.30
N GLY A 66 -7.10 3.77 0.78
CA GLY A 66 -7.07 4.55 2.02
C GLY A 66 -6.92 3.70 3.27
N ASP A 67 -7.56 2.51 3.25
CA ASP A 67 -7.42 1.52 4.34
C ASP A 67 -6.00 0.96 4.34
N LEU A 68 -5.49 0.68 3.13
CA LEU A 68 -4.11 0.20 2.91
C LEU A 68 -3.07 1.26 3.37
N ALA A 69 -3.35 2.54 3.07
CA ALA A 69 -2.47 3.68 3.43
C ALA A 69 -2.43 3.87 4.94
N ASP A 70 -3.63 3.82 5.57
CA ASP A 70 -3.79 3.89 7.04
C ASP A 70 -3.06 2.72 7.70
N LEU A 71 -3.09 1.57 7.04
CA LEU A 71 -2.45 0.33 7.53
C LEU A 71 -0.91 0.47 7.45
N VAL A 72 -0.40 1.17 6.41
CA VAL A 72 1.04 1.52 6.30
C VAL A 72 1.45 2.45 7.47
N ASP A 73 0.58 3.44 7.79
CA ASP A 73 0.78 4.38 8.94
C ASP A 73 0.85 3.59 10.26
N LYS A 74 -0.04 2.58 10.36
CA LYS A 74 -0.13 1.69 11.54
C LYS A 74 1.17 0.91 11.74
N LYS A 75 1.73 0.38 10.64
CA LYS A 75 3.00 -0.39 10.65
C LYS A 75 4.18 0.51 11.05
N LEU A 76 4.23 1.72 10.49
CA LEU A 76 5.31 2.70 10.78
C LEU A 76 5.18 3.28 12.20
N ALA A 77 3.97 3.19 12.78
CA ALA A 77 3.71 3.55 14.19
C ALA A 77 4.07 2.35 15.11
N ARG A 78 3.91 1.12 14.58
CA ARG A 78 4.32 -0.11 15.27
C ARG A 78 5.84 -0.24 15.28
N LYS A 79 6.49 0.29 14.22
CA LYS A 79 7.93 0.22 14.06
C LYS A 79 8.57 1.37 14.85
N LEU A 80 8.39 2.60 14.32
CA LEU A 80 9.15 3.81 14.71
C LEU A 80 10.68 3.61 14.53
N GLU A 81 11.03 2.53 13.79
CA GLU A 81 12.41 2.08 13.57
C GLU A 81 13.04 2.83 12.40
N HIS A 82 14.26 2.40 12.01
CA HIS A 82 15.05 3.03 10.95
C HIS A 82 15.40 4.48 11.37
N HIS A 83 16.42 4.62 12.22
CA HIS A 83 16.89 5.94 12.68
C HIS A 83 17.74 6.57 11.57
N HIS A 84 17.04 7.15 10.57
CA HIS A 84 17.66 7.90 9.47
C HIS A 84 16.64 8.93 8.97
N HIS A 85 16.66 10.10 9.59
CA HIS A 85 15.84 11.25 9.21
C HIS A 85 16.70 12.22 8.39
N HIS A 86 16.13 12.84 7.35
CA HIS A 86 16.86 13.75 6.45
C HIS A 86 17.39 15.00 7.20
N HIS A 87 16.72 15.34 8.31
CA HIS A 87 17.14 16.41 9.23
C HIS A 87 17.98 15.80 10.39
N MET A 1 -1.43 12.15 6.19
CA MET A 1 -1.42 10.90 5.39
C MET A 1 -0.39 11.03 4.23
N PRO A 2 0.93 10.81 4.52
CA PRO A 2 1.99 10.87 3.49
C PRO A 2 2.19 9.53 2.73
N THR A 3 1.50 8.46 3.20
CA THR A 3 1.63 7.10 2.64
C THR A 3 1.18 7.06 1.18
N LEU A 4 -0.03 7.60 0.87
CA LEU A 4 -0.61 7.58 -0.49
C LEU A 4 0.36 8.14 -1.56
N ASP A 5 1.01 9.26 -1.20
CA ASP A 5 2.02 9.94 -2.06
C ASP A 5 3.18 8.98 -2.40
N ALA A 6 3.64 8.25 -1.38
CA ALA A 6 4.72 7.25 -1.50
C ALA A 6 4.22 5.98 -2.24
N LEU A 7 2.93 5.66 -2.07
CA LEU A 7 2.32 4.46 -2.67
C LEU A 7 2.09 4.69 -4.19
N THR A 8 1.87 5.96 -4.61
CA THR A 8 1.50 6.30 -6.01
C THR A 8 2.53 5.75 -7.07
N PRO A 9 3.89 5.96 -6.93
CA PRO A 9 4.90 5.37 -7.85
C PRO A 9 4.90 3.83 -7.81
N ILE A 10 4.47 3.24 -6.67
CA ILE A 10 4.39 1.76 -6.51
C ILE A 10 3.26 1.21 -7.41
N PHE A 11 2.08 1.86 -7.35
CA PHE A 11 0.89 1.46 -8.13
C PHE A 11 1.13 1.65 -9.64
N ARG A 12 1.69 2.83 -9.99
CA ARG A 12 2.06 3.18 -11.37
C ARG A 12 3.08 2.17 -11.95
N GLN A 13 3.99 1.68 -11.09
CA GLN A 13 5.01 0.69 -11.46
C GLN A 13 4.38 -0.69 -11.75
N VAL A 14 3.59 -1.20 -10.77
CA VAL A 14 2.92 -2.53 -10.86
C VAL A 14 2.05 -2.64 -12.13
N PHE A 15 1.12 -1.67 -12.31
CA PHE A 15 0.15 -1.69 -13.43
C PHE A 15 0.72 -1.08 -14.72
N ASP A 16 1.98 -0.55 -14.65
CA ASP A 16 2.76 -0.08 -15.84
C ASP A 16 2.29 1.29 -16.35
N ASP A 17 1.13 1.78 -15.83
CA ASP A 17 0.47 3.00 -16.32
C ASP A 17 0.57 4.13 -15.29
N ASP A 18 0.99 5.32 -15.76
CA ASP A 18 1.25 6.50 -14.91
C ASP A 18 0.00 7.35 -14.62
N SER A 19 -1.17 6.95 -15.16
CA SER A 19 -2.44 7.72 -14.98
C SER A 19 -3.00 7.53 -13.56
N ILE A 20 -2.50 6.50 -12.85
CA ILE A 20 -2.96 6.16 -11.50
C ILE A 20 -2.62 7.29 -10.50
N VAL A 21 -3.66 7.90 -9.95
CA VAL A 21 -3.56 8.93 -8.91
C VAL A 21 -4.25 8.36 -7.67
N LEU A 22 -3.61 8.44 -6.50
CA LEU A 22 -4.16 7.88 -5.27
C LEU A 22 -4.87 8.93 -4.42
N THR A 23 -5.99 8.49 -3.87
CA THR A 23 -6.77 9.17 -2.85
C THR A 23 -7.15 8.11 -1.81
N ARG A 24 -7.86 8.52 -0.76
CA ARG A 24 -8.33 7.61 0.29
C ARG A 24 -9.28 6.54 -0.29
N GLU A 25 -10.28 6.98 -1.06
CA GLU A 25 -11.39 6.12 -1.52
C GLU A 25 -11.06 5.40 -2.84
N THR A 26 -9.81 5.57 -3.34
CA THR A 26 -9.28 4.77 -4.47
C THR A 26 -9.44 3.26 -4.19
N SER A 27 -10.05 2.53 -5.14
CA SER A 27 -10.33 1.10 -5.00
C SER A 27 -10.10 0.38 -6.35
N ALA A 28 -9.93 -0.94 -6.28
CA ALA A 28 -9.73 -1.81 -7.43
C ALA A 28 -10.90 -1.80 -8.43
N ASN A 29 -12.10 -1.42 -7.95
CA ASN A 29 -13.34 -1.34 -8.77
C ASN A 29 -13.16 -0.33 -9.94
N ASP A 30 -12.40 0.75 -9.68
CA ASP A 30 -12.18 1.84 -10.65
C ASP A 30 -11.10 1.47 -11.69
N ILE A 31 -10.31 0.41 -11.42
CA ILE A 31 -9.18 -0.02 -12.28
C ILE A 31 -9.49 -1.43 -12.81
N ASP A 32 -9.82 -1.53 -14.11
CA ASP A 32 -10.21 -2.79 -14.78
C ASP A 32 -9.05 -3.81 -14.78
N ALA A 33 -7.83 -3.29 -15.01
CA ALA A 33 -6.60 -4.11 -15.09
C ALA A 33 -6.23 -4.76 -13.73
N TRP A 34 -6.87 -4.31 -12.64
CA TRP A 34 -6.64 -4.82 -11.28
C TRP A 34 -7.34 -6.20 -11.11
N ASP A 35 -6.55 -7.24 -10.80
CA ASP A 35 -7.02 -8.61 -10.46
C ASP A 35 -6.57 -8.98 -9.04
N SER A 36 -6.77 -10.25 -8.65
CA SER A 36 -6.38 -10.78 -7.32
C SER A 36 -4.86 -10.87 -7.24
N LEU A 37 -4.26 -11.40 -8.30
CA LEU A 37 -2.80 -11.56 -8.43
C LEU A 37 -2.13 -10.17 -8.49
N SER A 38 -2.82 -9.18 -9.08
CA SER A 38 -2.36 -7.79 -9.15
C SER A 38 -2.37 -7.15 -7.74
N HIS A 39 -3.45 -7.46 -6.98
CA HIS A 39 -3.63 -6.97 -5.61
C HIS A 39 -2.52 -7.51 -4.70
N MET A 40 -2.14 -8.76 -4.92
CA MET A 40 -1.05 -9.42 -4.21
C MET A 40 0.31 -8.88 -4.67
N ASN A 41 0.41 -8.47 -5.97
CA ASN A 41 1.62 -7.80 -6.52
C ASN A 41 1.86 -6.47 -5.79
N LEU A 42 0.76 -5.79 -5.42
CA LEU A 42 0.81 -4.55 -4.61
C LEU A 42 1.43 -4.83 -3.25
N ILE A 43 0.80 -5.77 -2.53
CA ILE A 43 1.16 -6.09 -1.14
C ILE A 43 2.64 -6.52 -1.04
N VAL A 44 3.10 -7.42 -1.94
CA VAL A 44 4.49 -7.93 -1.91
C VAL A 44 5.51 -6.83 -2.29
N SER A 45 5.09 -5.87 -3.14
CA SER A 45 5.88 -4.65 -3.41
C SER A 45 6.01 -3.80 -2.14
N LEU A 46 4.92 -3.70 -1.37
CA LEU A 46 4.89 -2.91 -0.12
C LEU A 46 5.72 -3.61 0.98
N GLU A 47 5.77 -4.97 0.93
CA GLU A 47 6.55 -5.81 1.87
C GLU A 47 8.04 -5.51 1.76
N VAL A 48 8.57 -5.63 0.54
CA VAL A 48 10.01 -5.46 0.28
C VAL A 48 10.46 -3.97 0.41
N HIS A 49 9.63 -3.05 -0.11
CA HIS A 49 9.93 -1.60 -0.12
C HIS A 49 9.93 -0.99 1.29
N TYR A 50 8.84 -1.19 2.04
CA TYR A 50 8.66 -0.58 3.38
C TYR A 50 9.12 -1.51 4.51
N LYS A 51 9.56 -2.75 4.13
CA LYS A 51 10.05 -3.81 5.05
C LYS A 51 8.94 -4.26 6.03
N ILE A 52 7.66 -4.08 5.63
CA ILE A 52 6.49 -4.28 6.51
C ILE A 52 5.89 -5.68 6.28
N LYS A 53 4.77 -5.99 6.96
CA LYS A 53 4.17 -7.34 6.96
C LYS A 53 2.63 -7.23 6.86
N PHE A 54 2.07 -7.68 5.73
CA PHE A 54 0.62 -7.96 5.60
C PHE A 54 0.41 -9.48 5.67
N ALA A 55 -0.61 -9.88 6.43
CA ALA A 55 -1.12 -11.26 6.45
C ALA A 55 -2.43 -11.29 5.66
N LEU A 56 -2.95 -12.51 5.36
CA LEU A 56 -4.23 -12.68 4.61
C LEU A 56 -5.39 -12.01 5.37
N GLY A 57 -5.36 -12.08 6.72
CA GLY A 57 -6.34 -11.40 7.56
C GLY A 57 -6.30 -9.88 7.41
N GLU A 58 -5.07 -9.36 7.23
CA GLU A 58 -4.81 -7.93 7.00
C GLU A 58 -5.15 -7.53 5.54
N LEU A 59 -5.11 -8.52 4.64
CA LEU A 59 -5.58 -8.37 3.23
C LEU A 59 -7.10 -8.16 3.23
N GLN A 60 -7.81 -8.90 4.10
CA GLN A 60 -9.28 -8.76 4.26
C GLN A 60 -9.65 -7.40 4.91
N LYS A 61 -8.67 -6.78 5.59
CA LYS A 61 -8.79 -5.41 6.14
C LYS A 61 -8.66 -4.35 5.01
N LEU A 62 -7.99 -4.72 3.90
CA LEU A 62 -7.74 -3.81 2.76
C LEU A 62 -8.97 -3.82 1.83
N LYS A 63 -9.97 -2.99 2.17
CA LYS A 63 -11.21 -2.81 1.39
C LYS A 63 -11.00 -1.71 0.33
N ASN A 64 -10.05 -0.80 0.61
CA ASN A 64 -9.60 0.23 -0.36
C ASN A 64 -8.15 0.67 -0.05
N VAL A 65 -7.61 1.55 -0.91
CA VAL A 65 -6.24 2.10 -0.79
C VAL A 65 -6.11 3.07 0.43
N GLY A 66 -7.26 3.50 0.95
CA GLY A 66 -7.32 4.21 2.24
C GLY A 66 -6.96 3.32 3.40
N ASP A 67 -7.21 2.00 3.24
CA ASP A 67 -6.78 0.99 4.21
C ASP A 67 -5.28 0.67 4.04
N LEU A 68 -4.74 0.79 2.81
CA LEU A 68 -3.28 0.75 2.60
C LEU A 68 -2.64 1.99 3.24
N ALA A 69 -3.33 3.13 3.19
CA ALA A 69 -2.89 4.37 3.84
C ALA A 69 -2.80 4.16 5.36
N ASP A 70 -3.85 3.49 5.91
CA ASP A 70 -3.95 3.14 7.33
C ASP A 70 -2.81 2.18 7.74
N LEU A 71 -2.81 0.98 7.12
CA LEU A 71 -1.92 -0.12 7.52
C LEU A 71 -0.45 0.26 7.37
N VAL A 72 -0.04 0.73 6.16
CA VAL A 72 1.35 1.10 5.88
C VAL A 72 1.83 2.20 6.87
N ASP A 73 0.95 3.16 7.22
CA ASP A 73 1.25 4.23 8.21
C ASP A 73 1.53 3.64 9.61
N LYS A 74 0.64 2.71 10.01
CA LYS A 74 0.68 2.08 11.35
C LYS A 74 1.95 1.22 11.50
N LYS A 75 2.37 0.61 10.39
CA LYS A 75 3.53 -0.28 10.34
C LYS A 75 4.84 0.53 10.33
N LEU A 76 4.83 1.66 9.60
CA LEU A 76 5.97 2.61 9.56
C LEU A 76 6.12 3.36 10.89
N ALA A 77 5.01 3.45 11.64
CA ALA A 77 5.00 3.91 13.04
C ALA A 77 5.79 2.92 13.91
N ARG A 78 5.47 1.62 13.76
CA ARG A 78 6.12 0.52 14.54
C ARG A 78 7.61 0.35 14.19
N LYS A 79 8.02 0.89 13.01
CA LYS A 79 9.44 0.92 12.60
C LYS A 79 10.27 1.83 13.52
N LEU A 80 9.66 2.96 13.95
CA LEU A 80 10.32 3.94 14.86
C LEU A 80 9.74 3.76 16.28
N GLU A 81 8.49 4.21 16.47
CA GLU A 81 7.75 4.02 17.74
C GLU A 81 7.14 2.61 17.78
N HIS A 82 7.89 1.69 18.41
CA HIS A 82 7.40 0.33 18.70
C HIS A 82 6.33 0.43 19.82
N HIS A 83 5.11 0.83 19.38
CA HIS A 83 4.00 1.28 20.26
C HIS A 83 4.33 2.63 20.95
N HIS A 84 3.42 3.06 21.84
CA HIS A 84 3.54 4.32 22.60
C HIS A 84 3.29 4.05 24.10
N HIS A 85 3.34 5.12 24.93
CA HIS A 85 3.18 5.03 26.40
C HIS A 85 4.23 4.09 27.02
N HIS A 86 5.51 4.34 26.63
CA HIS A 86 6.66 3.50 27.02
C HIS A 86 6.96 3.66 28.52
N HIS A 87 6.36 2.77 29.35
CA HIS A 87 6.50 2.80 30.81
C HIS A 87 7.14 1.47 31.27
N MET A 1 1.47 9.88 7.78
CA MET A 1 1.59 11.23 7.18
C MET A 1 1.70 11.15 5.62
N PRO A 2 2.75 10.47 5.01
CA PRO A 2 2.97 10.47 3.54
C PRO A 2 2.26 9.27 2.87
N THR A 3 1.00 9.08 3.26
CA THR A 3 0.23 7.85 2.99
C THR A 3 0.02 7.59 1.48
N LEU A 4 -0.91 8.35 0.86
CA LEU A 4 -1.22 8.22 -0.59
C LEU A 4 0.00 8.57 -1.45
N ASP A 5 0.85 9.48 -0.93
CA ASP A 5 2.09 9.94 -1.58
C ASP A 5 3.04 8.76 -1.87
N ALA A 6 3.37 8.02 -0.81
CA ALA A 6 4.31 6.88 -0.85
C ALA A 6 3.72 5.70 -1.65
N LEU A 7 2.40 5.52 -1.59
CA LEU A 7 1.70 4.44 -2.30
C LEU A 7 1.71 4.66 -3.83
N THR A 8 1.68 5.94 -4.28
CA THR A 8 1.58 6.28 -5.72
C THR A 8 2.70 5.61 -6.59
N PRO A 9 4.04 5.70 -6.24
CA PRO A 9 5.12 4.94 -6.94
C PRO A 9 4.86 3.42 -7.02
N ILE A 10 4.36 2.85 -5.90
CA ILE A 10 4.14 1.39 -5.74
C ILE A 10 3.07 0.90 -6.73
N PHE A 11 1.89 1.56 -6.70
CA PHE A 11 0.72 1.19 -7.52
C PHE A 11 1.02 1.39 -9.02
N ARG A 12 1.60 2.56 -9.35
CA ARG A 12 1.96 2.91 -10.74
C ARG A 12 3.01 1.95 -11.31
N GLN A 13 3.87 1.38 -10.45
CA GLN A 13 4.87 0.38 -10.86
C GLN A 13 4.20 -0.97 -11.14
N VAL A 14 3.52 -1.51 -10.10
CA VAL A 14 2.89 -2.84 -10.11
C VAL A 14 1.88 -3.01 -11.27
N PHE A 15 0.90 -2.10 -11.34
CA PHE A 15 -0.16 -2.16 -12.37
C PHE A 15 0.34 -1.57 -13.70
N ASP A 16 1.41 -0.74 -13.62
CA ASP A 16 2.04 -0.06 -14.76
C ASP A 16 1.04 0.88 -15.46
N ASP A 17 0.84 2.08 -14.86
CA ASP A 17 -0.16 3.05 -15.35
C ASP A 17 0.02 4.43 -14.70
N ASP A 18 0.15 5.47 -15.55
CA ASP A 18 0.24 6.89 -15.14
C ASP A 18 -1.12 7.44 -14.64
N SER A 19 -2.23 6.85 -15.14
CA SER A 19 -3.59 7.31 -14.83
C SER A 19 -4.01 6.95 -13.38
N ILE A 20 -3.18 6.12 -12.69
CA ILE A 20 -3.37 5.81 -11.26
C ILE A 20 -3.15 7.08 -10.40
N VAL A 21 -4.28 7.68 -9.98
CA VAL A 21 -4.32 8.84 -9.09
C VAL A 21 -5.03 8.38 -7.80
N LEU A 22 -4.29 8.29 -6.69
CA LEU A 22 -4.79 7.66 -5.46
C LEU A 22 -5.46 8.68 -4.52
N THR A 23 -6.67 8.32 -4.08
CA THR A 23 -7.46 9.05 -3.09
C THR A 23 -7.88 8.05 -2.00
N ARG A 24 -8.42 8.54 -0.89
CA ARG A 24 -8.84 7.69 0.24
C ARG A 24 -10.16 6.92 -0.07
N GLU A 25 -10.73 7.11 -1.28
CA GLU A 25 -11.91 6.35 -1.73
C GLU A 25 -11.59 5.53 -3.01
N THR A 26 -10.36 5.68 -3.56
CA THR A 26 -9.90 4.84 -4.69
C THR A 26 -9.85 3.36 -4.25
N SER A 27 -10.29 2.45 -5.14
CA SER A 27 -10.34 1.00 -4.88
C SER A 27 -10.15 0.25 -6.19
N ALA A 28 -10.27 -1.09 -6.11
CA ALA A 28 -10.36 -1.96 -7.28
C ALA A 28 -11.66 -1.73 -8.09
N ASN A 29 -12.63 -1.02 -7.50
CA ASN A 29 -13.84 -0.61 -8.20
C ASN A 29 -13.51 0.56 -9.15
N ASP A 30 -12.56 1.41 -8.71
CA ASP A 30 -12.07 2.57 -9.49
C ASP A 30 -11.02 2.14 -10.52
N ILE A 31 -10.33 1.00 -10.26
CA ILE A 31 -9.28 0.47 -11.14
C ILE A 31 -9.75 -0.89 -11.69
N ASP A 32 -10.26 -0.89 -12.93
CA ASP A 32 -10.79 -2.08 -13.62
C ASP A 32 -9.71 -3.18 -13.75
N ALA A 33 -8.47 -2.74 -14.07
CA ALA A 33 -7.31 -3.62 -14.30
C ALA A 33 -6.63 -4.07 -12.98
N TRP A 34 -7.36 -4.01 -11.84
CA TRP A 34 -6.87 -4.51 -10.54
C TRP A 34 -7.18 -6.03 -10.42
N ASP A 35 -6.39 -6.85 -11.12
CA ASP A 35 -6.42 -8.34 -11.02
C ASP A 35 -5.94 -8.83 -9.62
N SER A 36 -6.27 -10.10 -9.27
CA SER A 36 -5.90 -10.71 -7.98
C SER A 36 -4.38 -10.84 -7.86
N LEU A 37 -3.75 -11.35 -8.93
CA LEU A 37 -2.30 -11.57 -8.98
C LEU A 37 -1.55 -10.23 -9.00
N SER A 38 -2.20 -9.20 -9.56
CA SER A 38 -1.69 -7.81 -9.58
C SER A 38 -1.77 -7.21 -8.16
N HIS A 39 -2.82 -7.60 -7.43
CA HIS A 39 -3.03 -7.24 -6.03
C HIS A 39 -1.95 -7.89 -5.12
N MET A 40 -1.63 -9.16 -5.41
CA MET A 40 -0.56 -9.90 -4.69
C MET A 40 0.80 -9.24 -4.92
N ASN A 41 1.04 -8.79 -6.18
CA ASN A 41 2.25 -8.04 -6.55
C ASN A 41 2.32 -6.69 -5.79
N LEU A 42 1.15 -6.09 -5.57
CA LEU A 42 1.01 -4.80 -4.87
C LEU A 42 1.50 -4.94 -3.40
N ILE A 43 0.99 -5.99 -2.71
CA ILE A 43 1.32 -6.26 -1.30
C ILE A 43 2.82 -6.52 -1.12
N VAL A 44 3.40 -7.40 -1.96
CA VAL A 44 4.80 -7.82 -1.82
C VAL A 44 5.79 -6.69 -2.18
N SER A 45 5.34 -5.73 -3.01
CA SER A 45 6.10 -4.50 -3.31
C SER A 45 6.15 -3.58 -2.08
N LEU A 46 5.04 -3.52 -1.34
CA LEU A 46 4.96 -2.76 -0.07
C LEU A 46 5.85 -3.44 1.02
N GLU A 47 5.88 -4.79 0.99
CA GLU A 47 6.69 -5.60 1.91
C GLU A 47 8.19 -5.31 1.76
N VAL A 48 8.71 -5.53 0.54
CA VAL A 48 10.15 -5.43 0.25
C VAL A 48 10.68 -3.99 0.41
N HIS A 49 9.91 -2.98 -0.07
CA HIS A 49 10.31 -1.56 -0.03
C HIS A 49 10.33 -1.03 1.41
N TYR A 50 9.19 -1.11 2.11
CA TYR A 50 9.03 -0.47 3.45
C TYR A 50 9.58 -1.34 4.58
N LYS A 51 9.83 -2.65 4.29
CA LYS A 51 10.29 -3.66 5.28
C LYS A 51 9.31 -3.80 6.47
N ILE A 52 8.01 -3.84 6.11
CA ILE A 52 6.89 -3.99 7.05
C ILE A 52 6.34 -5.42 6.94
N LYS A 53 5.20 -5.72 7.60
CA LYS A 53 4.60 -7.08 7.54
C LYS A 53 3.09 -7.02 7.42
N PHE A 54 2.56 -7.37 6.24
CA PHE A 54 1.12 -7.57 6.05
C PHE A 54 0.76 -9.03 6.37
N ALA A 55 -0.22 -9.20 7.23
CA ALA A 55 -0.91 -10.47 7.43
C ALA A 55 -2.13 -10.46 6.49
N LEU A 56 -2.40 -11.59 5.83
CA LEU A 56 -3.54 -11.71 4.88
C LEU A 56 -4.87 -11.49 5.64
N GLY A 57 -4.88 -11.79 6.95
CA GLY A 57 -6.01 -11.45 7.83
C GLY A 57 -6.31 -9.95 7.86
N GLU A 58 -5.23 -9.13 7.86
CA GLU A 58 -5.33 -7.66 7.76
C GLU A 58 -5.83 -7.22 6.37
N LEU A 59 -5.42 -7.95 5.32
CA LEU A 59 -5.86 -7.71 3.93
C LEU A 59 -7.39 -7.87 3.78
N GLN A 60 -7.95 -8.85 4.49
CA GLN A 60 -9.41 -9.07 4.53
C GLN A 60 -10.16 -7.87 5.16
N LYS A 61 -9.43 -7.05 5.95
CA LYS A 61 -9.97 -5.82 6.57
C LYS A 61 -9.70 -4.58 5.66
N LEU A 62 -8.89 -4.76 4.60
CA LEU A 62 -8.55 -3.67 3.66
C LEU A 62 -9.45 -3.77 2.42
N LYS A 63 -10.37 -2.80 2.29
CA LYS A 63 -11.39 -2.76 1.23
C LYS A 63 -10.96 -1.81 0.09
N ASN A 64 -10.16 -0.77 0.40
CA ASN A 64 -9.73 0.22 -0.62
C ASN A 64 -8.34 0.81 -0.30
N VAL A 65 -7.84 1.67 -1.21
CA VAL A 65 -6.52 2.35 -1.11
C VAL A 65 -6.49 3.31 0.12
N GLY A 66 -7.67 3.78 0.53
CA GLY A 66 -7.80 4.57 1.76
C GLY A 66 -7.44 3.75 3.00
N ASP A 67 -7.86 2.47 2.99
CA ASP A 67 -7.51 1.50 4.04
C ASP A 67 -5.99 1.24 4.01
N LEU A 68 -5.42 1.09 2.81
CA LEU A 68 -3.94 0.93 2.64
C LEU A 68 -3.19 2.17 3.12
N ALA A 69 -3.75 3.35 2.88
CA ALA A 69 -3.11 4.63 3.24
C ALA A 69 -2.82 4.67 4.75
N ASP A 70 -3.92 4.55 5.51
CA ASP A 70 -3.90 4.52 6.98
C ASP A 70 -3.05 3.34 7.49
N LEU A 71 -3.31 2.13 6.95
CA LEU A 71 -2.75 0.84 7.46
C LEU A 71 -1.22 0.73 7.22
N VAL A 72 -0.76 1.04 6.00
CA VAL A 72 0.68 1.07 5.65
C VAL A 72 1.41 2.06 6.58
N ASP A 73 0.76 3.20 6.86
CA ASP A 73 1.33 4.25 7.75
C ASP A 73 1.29 3.83 9.24
N LYS A 74 0.34 2.93 9.58
CA LYS A 74 0.31 2.28 10.92
C LYS A 74 1.50 1.32 11.05
N LYS A 75 1.91 0.74 9.92
CA LYS A 75 3.10 -0.13 9.84
C LYS A 75 4.39 0.70 9.73
N LEU A 76 4.26 1.95 9.26
CA LEU A 76 5.36 2.94 9.29
C LEU A 76 5.52 3.45 10.73
N ALA A 77 4.41 3.44 11.49
CA ALA A 77 4.43 3.69 12.95
C ALA A 77 5.08 2.51 13.69
N ARG A 78 4.96 1.29 13.09
CA ARG A 78 5.69 0.10 13.54
C ARG A 78 7.19 0.19 13.17
N LYS A 79 7.51 0.94 12.11
CA LYS A 79 8.92 1.17 11.68
C LYS A 79 9.69 2.07 12.65
N LEU A 80 8.99 2.71 13.62
CA LEU A 80 9.65 3.29 14.80
C LEU A 80 10.27 2.14 15.60
N GLU A 81 11.51 2.36 16.09
CA GLU A 81 12.35 1.28 16.64
C GLU A 81 11.63 0.56 17.81
N HIS A 82 11.86 -0.77 17.88
CA HIS A 82 11.22 -1.68 18.85
C HIS A 82 11.52 -1.23 20.30
N HIS A 83 12.71 -0.65 20.52
CA HIS A 83 13.10 -0.05 21.81
C HIS A 83 14.38 0.82 21.69
N HIS A 84 15.25 0.46 20.70
CA HIS A 84 16.56 1.13 20.44
C HIS A 84 17.58 0.81 21.55
N HIS A 85 17.40 1.41 22.74
CA HIS A 85 18.23 1.13 23.93
C HIS A 85 17.73 -0.15 24.60
N HIS A 86 18.64 -1.14 24.74
CA HIS A 86 18.34 -2.47 25.31
C HIS A 86 18.04 -2.38 26.83
N HIS A 87 17.06 -3.17 27.27
CA HIS A 87 16.73 -3.40 28.69
C HIS A 87 16.53 -4.91 28.88
N MET A 1 1.77 12.54 6.93
CA MET A 1 1.54 11.12 6.60
C MET A 1 2.07 10.83 5.19
N PRO A 2 3.16 10.02 5.03
CA PRO A 2 3.78 9.74 3.71
C PRO A 2 3.08 8.58 2.97
N THR A 3 1.78 8.41 3.26
CA THR A 3 1.02 7.21 2.90
C THR A 3 0.72 7.18 1.39
N LEU A 4 -0.25 7.99 0.94
CA LEU A 4 -0.68 8.04 -0.47
C LEU A 4 0.49 8.50 -1.37
N ASP A 5 1.29 9.45 -0.83
CA ASP A 5 2.48 10.01 -1.51
C ASP A 5 3.46 8.91 -1.94
N ALA A 6 3.79 8.01 -1.00
CA ALA A 6 4.74 6.90 -1.26
C ALA A 6 4.07 5.74 -2.00
N LEU A 7 2.76 5.54 -1.78
CA LEU A 7 2.00 4.42 -2.39
C LEU A 7 1.78 4.66 -3.89
N THR A 8 1.63 5.93 -4.32
CA THR A 8 1.35 6.28 -5.74
C THR A 8 2.41 5.69 -6.74
N PRO A 9 3.76 5.89 -6.52
CA PRO A 9 4.80 5.24 -7.37
C PRO A 9 4.76 3.69 -7.33
N ILE A 10 4.26 3.10 -6.22
CA ILE A 10 4.14 1.62 -6.09
C ILE A 10 3.11 1.09 -7.11
N PHE A 11 1.89 1.68 -7.07
CA PHE A 11 0.76 1.25 -7.92
C PHE A 11 1.06 1.56 -9.41
N ARG A 12 1.58 2.77 -9.67
CA ARG A 12 2.03 3.19 -11.02
C ARG A 12 3.06 2.22 -11.62
N GLN A 13 3.97 1.70 -10.77
CA GLN A 13 5.03 0.77 -11.19
C GLN A 13 4.45 -0.63 -11.50
N VAL A 14 3.81 -1.23 -10.49
CA VAL A 14 3.33 -2.61 -10.52
C VAL A 14 2.28 -2.85 -11.64
N PHE A 15 1.30 -1.94 -11.78
CA PHE A 15 0.28 -2.04 -12.86
C PHE A 15 0.82 -1.53 -14.19
N ASP A 16 1.86 -0.66 -14.12
CA ASP A 16 2.42 0.05 -15.27
C ASP A 16 1.32 0.90 -15.94
N ASP A 17 0.92 1.98 -15.23
CA ASP A 17 -0.18 2.88 -15.67
C ASP A 17 -0.08 4.23 -14.93
N ASP A 18 0.13 5.30 -15.71
CA ASP A 18 0.26 6.69 -15.21
C ASP A 18 -1.09 7.28 -14.79
N SER A 19 -2.21 6.72 -15.28
CA SER A 19 -3.57 7.26 -15.00
C SER A 19 -4.04 6.90 -13.56
N ILE A 20 -3.26 6.06 -12.85
CA ILE A 20 -3.53 5.72 -11.44
C ILE A 20 -3.17 6.90 -10.53
N VAL A 21 -4.21 7.56 -10.02
CA VAL A 21 -4.11 8.65 -9.05
C VAL A 21 -4.92 8.21 -7.82
N LEU A 22 -4.21 7.78 -6.76
CA LEU A 22 -4.82 7.16 -5.58
C LEU A 22 -5.74 8.12 -4.83
N THR A 23 -6.94 7.61 -4.54
CA THR A 23 -7.92 8.22 -3.65
C THR A 23 -8.16 7.23 -2.51
N ARG A 24 -8.88 7.66 -1.47
CA ARG A 24 -9.29 6.78 -0.37
C ARG A 24 -10.29 5.71 -0.85
N GLU A 25 -10.97 5.96 -1.99
CA GLU A 25 -12.01 5.04 -2.54
C GLU A 25 -11.49 4.19 -3.71
N THR A 26 -10.22 4.40 -4.13
CA THR A 26 -9.57 3.53 -5.14
C THR A 26 -9.50 2.08 -4.63
N SER A 27 -10.11 1.16 -5.35
CA SER A 27 -10.23 -0.25 -4.94
C SER A 27 -9.95 -1.16 -6.14
N ALA A 28 -9.94 -2.48 -5.86
CA ALA A 28 -9.84 -3.52 -6.88
C ALA A 28 -10.98 -3.43 -7.93
N ASN A 29 -12.14 -2.92 -7.47
CA ASN A 29 -13.33 -2.69 -8.30
C ASN A 29 -13.14 -1.46 -9.24
N ASP A 30 -12.43 -0.45 -8.71
CA ASP A 30 -12.30 0.89 -9.33
C ASP A 30 -11.35 0.91 -10.55
N ILE A 31 -10.46 -0.09 -10.66
CA ILE A 31 -9.49 -0.21 -11.78
C ILE A 31 -9.75 -1.53 -12.51
N ASP A 32 -10.04 -1.45 -13.83
CA ASP A 32 -10.36 -2.61 -14.68
C ASP A 32 -9.12 -3.51 -14.90
N ALA A 33 -7.94 -2.88 -15.00
CA ALA A 33 -6.67 -3.60 -15.15
C ALA A 33 -6.14 -4.14 -13.80
N TRP A 34 -6.96 -4.08 -12.73
CA TRP A 34 -6.65 -4.66 -11.43
C TRP A 34 -7.28 -6.07 -11.33
N ASP A 35 -6.45 -7.10 -11.10
CA ASP A 35 -6.88 -8.50 -10.84
C ASP A 35 -6.32 -8.94 -9.49
N SER A 36 -6.84 -10.07 -8.95
CA SER A 36 -6.39 -10.62 -7.64
C SER A 36 -4.89 -11.03 -7.72
N LEU A 37 -4.49 -11.47 -8.93
CA LEU A 37 -3.07 -11.74 -9.26
C LEU A 37 -2.21 -10.47 -9.07
N SER A 38 -2.75 -9.33 -9.53
CA SER A 38 -2.07 -8.01 -9.47
C SER A 38 -1.85 -7.59 -8.02
N HIS A 39 -2.84 -7.89 -7.15
CA HIS A 39 -2.75 -7.64 -5.69
C HIS A 39 -1.53 -8.31 -5.06
N MET A 40 -1.27 -9.57 -5.42
CA MET A 40 -0.14 -10.32 -4.84
C MET A 40 1.20 -9.65 -5.16
N ASN A 41 1.27 -8.96 -6.31
CA ASN A 41 2.42 -8.14 -6.72
C ASN A 41 2.48 -6.84 -5.89
N LEU A 42 1.29 -6.27 -5.54
CA LEU A 42 1.19 -5.09 -4.65
C LEU A 42 1.80 -5.40 -3.29
N ILE A 43 1.27 -6.47 -2.65
CA ILE A 43 1.64 -6.88 -1.28
C ILE A 43 3.17 -7.06 -1.19
N VAL A 44 3.75 -7.91 -2.05
CA VAL A 44 5.19 -8.23 -1.99
C VAL A 44 6.08 -6.97 -2.19
N SER A 45 5.59 -6.02 -3.01
CA SER A 45 6.26 -4.72 -3.21
C SER A 45 6.17 -3.83 -1.93
N LEU A 46 5.01 -3.86 -1.26
CA LEU A 46 4.80 -3.08 -0.01
C LEU A 46 5.67 -3.65 1.14
N GLU A 47 5.81 -4.98 1.14
CA GLU A 47 6.54 -5.73 2.18
C GLU A 47 8.05 -5.50 2.11
N VAL A 48 8.60 -5.40 0.88
CA VAL A 48 10.04 -5.15 0.69
C VAL A 48 10.40 -3.65 0.73
N HIS A 49 9.64 -2.80 0.00
CA HIS A 49 9.95 -1.34 -0.13
C HIS A 49 9.81 -0.61 1.22
N TYR A 50 8.72 -0.90 1.94
CA TYR A 50 8.45 -0.30 3.27
C TYR A 50 8.98 -1.18 4.39
N LYS A 51 9.49 -2.40 4.04
CA LYS A 51 9.97 -3.46 4.99
C LYS A 51 9.01 -3.64 6.20
N ILE A 52 7.70 -3.62 5.87
CA ILE A 52 6.59 -3.79 6.83
C ILE A 52 6.00 -5.20 6.68
N LYS A 53 4.90 -5.50 7.38
CA LYS A 53 4.28 -6.83 7.36
C LYS A 53 2.75 -6.71 7.45
N PHE A 54 2.07 -6.97 6.31
CA PHE A 54 0.62 -7.23 6.26
C PHE A 54 0.37 -8.73 6.47
N ALA A 55 -0.82 -9.06 6.94
CA ALA A 55 -1.36 -10.42 6.92
C ALA A 55 -2.54 -10.44 5.93
N LEU A 56 -2.77 -11.57 5.25
CA LEU A 56 -3.88 -11.70 4.25
C LEU A 56 -5.24 -11.52 4.96
N GLY A 57 -5.29 -11.85 6.28
CA GLY A 57 -6.43 -11.55 7.13
C GLY A 57 -6.75 -10.06 7.17
N GLU A 58 -5.68 -9.23 7.30
CA GLU A 58 -5.77 -7.76 7.24
C GLU A 58 -6.22 -7.31 5.83
N LEU A 59 -5.70 -8.00 4.78
CA LEU A 59 -6.06 -7.71 3.37
C LEU A 59 -7.58 -7.85 3.14
N GLN A 60 -8.18 -8.89 3.72
CA GLN A 60 -9.64 -9.13 3.62
C GLN A 60 -10.43 -8.05 4.37
N LYS A 61 -9.80 -7.40 5.37
CA LYS A 61 -10.39 -6.29 6.14
C LYS A 61 -10.25 -4.96 5.38
N LEU A 62 -9.42 -4.94 4.32
CA LEU A 62 -9.27 -3.76 3.44
C LEU A 62 -10.38 -3.78 2.38
N LYS A 63 -10.88 -2.62 2.01
CA LYS A 63 -11.86 -2.47 0.92
C LYS A 63 -11.27 -1.59 -0.20
N ASN A 64 -10.46 -0.61 0.21
CA ASN A 64 -9.93 0.44 -0.69
C ASN A 64 -8.57 0.97 -0.17
N VAL A 65 -7.95 1.91 -0.93
CA VAL A 65 -6.60 2.47 -0.64
C VAL A 65 -6.66 3.44 0.58
N GLY A 66 -7.88 3.79 1.03
CA GLY A 66 -8.06 4.48 2.31
C GLY A 66 -7.63 3.60 3.49
N ASP A 67 -7.84 2.28 3.34
CA ASP A 67 -7.40 1.27 4.31
C ASP A 67 -5.88 1.08 4.23
N LEU A 68 -5.30 1.13 3.00
CA LEU A 68 -3.84 1.07 2.82
C LEU A 68 -3.17 2.30 3.47
N ALA A 69 -3.79 3.48 3.33
CA ALA A 69 -3.30 4.73 3.94
C ALA A 69 -3.22 4.56 5.47
N ASP A 70 -4.27 3.92 6.02
CA ASP A 70 -4.36 3.60 7.44
C ASP A 70 -3.25 2.61 7.87
N LEU A 71 -3.24 1.42 7.24
CA LEU A 71 -2.36 0.29 7.64
C LEU A 71 -0.88 0.64 7.48
N VAL A 72 -0.50 1.15 6.29
CA VAL A 72 0.88 1.57 5.99
C VAL A 72 1.37 2.61 7.03
N ASP A 73 0.51 3.61 7.36
CA ASP A 73 0.86 4.66 8.37
C ASP A 73 1.17 4.05 9.75
N LYS A 74 0.32 3.11 10.16
CA LYS A 74 0.39 2.45 11.48
C LYS A 74 1.63 1.53 11.56
N LYS A 75 1.92 0.83 10.46
CA LYS A 75 3.03 -0.13 10.37
C LYS A 75 4.38 0.60 10.31
N LEU A 76 4.41 1.74 9.56
CA LEU A 76 5.60 2.61 9.51
C LEU A 76 5.93 3.14 10.91
N ALA A 77 4.88 3.53 11.66
CA ALA A 77 5.01 4.01 13.06
C ALA A 77 5.66 2.95 13.96
N ARG A 78 5.31 1.67 13.73
CA ARG A 78 5.90 0.52 14.44
C ARG A 78 7.36 0.31 14.02
N LYS A 79 7.67 0.64 12.77
CA LYS A 79 9.02 0.49 12.18
C LYS A 79 9.93 1.68 12.50
N LEU A 80 9.31 2.84 12.88
CA LEU A 80 10.07 4.04 13.34
C LEU A 80 10.60 3.85 14.78
N GLU A 81 10.26 2.69 15.38
CA GLU A 81 10.85 2.24 16.66
C GLU A 81 12.37 2.00 16.48
N HIS A 82 13.11 2.06 17.60
CA HIS A 82 14.57 1.85 17.64
C HIS A 82 14.98 0.41 17.18
N HIS A 83 16.30 0.12 17.18
CA HIS A 83 16.92 -1.15 16.73
C HIS A 83 16.98 -1.25 15.19
N HIS A 84 18.14 -1.78 14.68
CA HIS A 84 18.40 -2.05 13.26
C HIS A 84 18.40 -0.75 12.40
N HIS A 85 19.55 -0.06 12.40
CA HIS A 85 19.76 1.16 11.60
C HIS A 85 20.44 0.82 10.27
N HIS A 86 20.04 1.53 9.20
CA HIS A 86 20.63 1.40 7.86
C HIS A 86 21.95 2.21 7.80
N HIS A 87 23.06 1.53 7.46
CA HIS A 87 24.39 2.16 7.32
C HIS A 87 24.46 3.00 6.02
N MET A 1 -0.75 9.71 7.17
CA MET A 1 -0.33 11.03 6.64
C MET A 1 0.71 10.88 5.48
N PRO A 2 1.86 10.11 5.63
CA PRO A 2 2.90 10.03 4.56
C PRO A 2 2.72 8.83 3.59
N THR A 3 1.64 8.05 3.78
CA THR A 3 1.44 6.79 3.05
C THR A 3 1.12 7.01 1.56
N LEU A 4 -0.07 7.58 1.23
CA LEU A 4 -0.54 7.70 -0.18
C LEU A 4 0.49 8.41 -1.09
N ASP A 5 1.17 9.40 -0.51
CA ASP A 5 2.30 10.13 -1.15
C ASP A 5 3.39 9.15 -1.65
N ALA A 6 3.81 8.25 -0.76
CA ALA A 6 4.88 7.27 -1.02
C ALA A 6 4.32 6.03 -1.78
N LEU A 7 3.01 5.76 -1.64
CA LEU A 7 2.36 4.57 -2.22
C LEU A 7 2.08 4.77 -3.72
N THR A 8 1.76 6.02 -4.14
CA THR A 8 1.43 6.34 -5.55
C THR A 8 2.56 5.90 -6.55
N PRO A 9 3.89 6.20 -6.30
CA PRO A 9 5.02 5.61 -7.07
C PRO A 9 4.96 4.06 -7.17
N ILE A 10 4.60 3.41 -6.04
CA ILE A 10 4.59 1.93 -5.93
C ILE A 10 3.52 1.34 -6.87
N PHE A 11 2.28 1.88 -6.76
CA PHE A 11 1.12 1.41 -7.54
C PHE A 11 1.35 1.64 -9.04
N ARG A 12 1.96 2.79 -9.40
CA ARG A 12 2.28 3.10 -10.81
C ARG A 12 3.23 2.06 -11.41
N GLN A 13 4.25 1.64 -10.64
CA GLN A 13 5.27 0.69 -11.12
C GLN A 13 4.72 -0.75 -11.19
N VAL A 14 4.05 -1.19 -10.11
CA VAL A 14 3.39 -2.53 -10.02
C VAL A 14 2.44 -2.77 -11.20
N PHE A 15 1.51 -1.82 -11.38
CA PHE A 15 0.48 -1.90 -12.43
C PHE A 15 1.01 -1.41 -13.79
N ASP A 16 2.27 -0.91 -13.81
CA ASP A 16 3.00 -0.46 -15.03
C ASP A 16 2.35 0.83 -15.62
N ASP A 17 1.41 1.40 -14.86
CA ASP A 17 0.50 2.46 -15.31
C ASP A 17 1.05 3.86 -14.94
N ASP A 18 0.46 4.89 -15.54
CA ASP A 18 0.90 6.30 -15.40
C ASP A 18 -0.17 7.11 -14.65
N SER A 19 -1.44 6.84 -14.99
CA SER A 19 -2.58 7.68 -14.60
C SER A 19 -3.06 7.41 -13.15
N ILE A 20 -2.48 6.40 -12.47
CA ILE A 20 -2.77 6.10 -11.07
C ILE A 20 -2.27 7.25 -10.16
N VAL A 21 -3.22 8.02 -9.61
CA VAL A 21 -2.97 9.05 -8.59
C VAL A 21 -3.94 8.76 -7.43
N LEU A 22 -3.41 8.10 -6.40
CA LEU A 22 -4.21 7.45 -5.33
C LEU A 22 -5.13 8.41 -4.56
N THR A 23 -6.29 7.88 -4.18
CA THR A 23 -7.22 8.51 -3.24
C THR A 23 -7.74 7.42 -2.28
N ARG A 24 -8.42 7.86 -1.22
CA ARG A 24 -8.97 6.96 -0.19
C ARG A 24 -9.95 5.93 -0.76
N GLU A 25 -10.77 6.32 -1.75
CA GLU A 25 -11.87 5.48 -2.26
C GLU A 25 -11.48 4.66 -3.51
N THR A 26 -10.21 4.77 -3.96
CA THR A 26 -9.68 3.95 -5.08
C THR A 26 -9.71 2.43 -4.72
N SER A 27 -10.78 1.75 -5.10
CA SER A 27 -10.94 0.29 -4.89
C SER A 27 -10.42 -0.49 -6.12
N ALA A 28 -10.32 -1.83 -5.99
CA ALA A 28 -10.07 -2.72 -7.14
C ALA A 28 -11.26 -2.76 -8.12
N ASN A 29 -12.39 -2.20 -7.68
CA ASN A 29 -13.59 -1.99 -8.52
C ASN A 29 -13.42 -0.73 -9.39
N ASP A 30 -12.56 0.22 -8.96
CA ASP A 30 -12.25 1.46 -9.70
C ASP A 30 -11.13 1.25 -10.74
N ILE A 31 -10.35 0.17 -10.60
CA ILE A 31 -9.23 -0.16 -11.52
C ILE A 31 -9.47 -1.57 -12.10
N ASP A 32 -9.67 -1.66 -13.43
CA ASP A 32 -9.97 -2.94 -14.10
C ASP A 32 -8.72 -3.84 -14.19
N ALA A 33 -7.53 -3.19 -14.28
CA ALA A 33 -6.23 -3.88 -14.29
C ALA A 33 -5.97 -4.59 -12.94
N TRP A 34 -6.59 -4.07 -11.87
CA TRP A 34 -6.47 -4.63 -10.52
C TRP A 34 -7.34 -5.90 -10.43
N ASP A 35 -6.66 -7.04 -10.24
CA ASP A 35 -7.27 -8.36 -10.00
C ASP A 35 -6.54 -9.01 -8.81
N SER A 36 -7.01 -10.19 -8.35
CA SER A 36 -6.41 -10.94 -7.21
C SER A 36 -4.88 -11.10 -7.37
N LEU A 37 -4.49 -11.35 -8.62
CA LEU A 37 -3.10 -11.51 -9.03
C LEU A 37 -2.30 -10.20 -8.86
N SER A 38 -2.94 -9.08 -9.22
CA SER A 38 -2.35 -7.73 -9.11
C SER A 38 -2.22 -7.29 -7.62
N HIS A 39 -3.15 -7.78 -6.76
CA HIS A 39 -3.07 -7.59 -5.29
C HIS A 39 -1.80 -8.22 -4.73
N MET A 40 -1.50 -9.45 -5.19
CA MET A 40 -0.30 -10.20 -4.76
C MET A 40 0.98 -9.42 -5.11
N ASN A 41 1.01 -8.91 -6.36
CA ASN A 41 2.14 -8.09 -6.89
C ASN A 41 2.31 -6.78 -6.06
N LEU A 42 1.17 -6.12 -5.78
CA LEU A 42 1.15 -4.83 -5.06
C LEU A 42 1.63 -5.00 -3.61
N ILE A 43 1.13 -6.04 -2.95
CA ILE A 43 1.41 -6.30 -1.52
C ILE A 43 2.89 -6.70 -1.33
N VAL A 44 3.42 -7.62 -2.17
CA VAL A 44 4.83 -8.06 -2.06
C VAL A 44 5.81 -6.90 -2.31
N SER A 45 5.38 -5.92 -3.13
CA SER A 45 6.10 -4.66 -3.32
C SER A 45 6.14 -3.84 -2.01
N LEU A 46 5.01 -3.77 -1.28
CA LEU A 46 4.94 -3.04 0.01
C LEU A 46 5.78 -3.76 1.08
N GLU A 47 5.81 -5.11 1.01
CA GLU A 47 6.57 -5.98 1.93
C GLU A 47 8.07 -5.60 1.89
N VAL A 48 8.65 -5.64 0.69
CA VAL A 48 10.09 -5.40 0.49
C VAL A 48 10.48 -3.91 0.62
N HIS A 49 9.65 -3.00 0.05
CA HIS A 49 9.94 -1.54 0.05
C HIS A 49 9.91 -0.94 1.47
N TYR A 50 8.80 -1.19 2.20
CA TYR A 50 8.57 -0.61 3.55
C TYR A 50 9.04 -1.57 4.66
N LYS A 51 9.52 -2.77 4.27
CA LYS A 51 10.02 -3.83 5.20
C LYS A 51 8.88 -4.38 6.09
N ILE A 52 7.62 -4.27 5.62
CA ILE A 52 6.41 -4.54 6.44
C ILE A 52 5.82 -5.91 6.12
N LYS A 53 4.73 -6.27 6.83
CA LYS A 53 4.11 -7.60 6.72
C LYS A 53 2.58 -7.49 6.93
N PHE A 54 1.80 -7.81 5.89
CA PHE A 54 0.34 -7.95 5.96
C PHE A 54 -0.02 -9.43 6.18
N ALA A 55 -1.12 -9.69 6.89
CA ALA A 55 -1.74 -11.02 6.95
C ALA A 55 -2.88 -11.09 5.92
N LEU A 56 -3.28 -12.31 5.49
CA LEU A 56 -4.44 -12.50 4.58
C LEU A 56 -5.73 -11.97 5.26
N GLY A 57 -5.78 -12.09 6.60
CA GLY A 57 -6.84 -11.48 7.41
C GLY A 57 -6.89 -9.95 7.30
N GLU A 58 -5.71 -9.32 7.16
CA GLU A 58 -5.60 -7.86 6.93
C GLU A 58 -6.05 -7.49 5.51
N LEU A 59 -5.79 -8.39 4.54
CA LEU A 59 -6.16 -8.18 3.12
C LEU A 59 -7.70 -8.20 2.95
N GLN A 60 -8.38 -8.99 3.82
CA GLN A 60 -9.85 -8.97 3.94
C GLN A 60 -10.37 -7.57 4.32
N LYS A 61 -9.59 -6.85 5.14
CA LYS A 61 -9.97 -5.52 5.64
C LYS A 61 -9.54 -4.39 4.68
N LEU A 62 -8.98 -4.75 3.52
CA LEU A 62 -8.60 -3.78 2.47
C LEU A 62 -9.69 -3.75 1.39
N LYS A 63 -10.59 -2.75 1.48
CA LYS A 63 -11.66 -2.53 0.48
C LYS A 63 -11.15 -1.55 -0.60
N ASN A 64 -10.23 -0.66 -0.20
CA ASN A 64 -9.63 0.34 -1.10
C ASN A 64 -8.26 0.80 -0.59
N VAL A 65 -7.61 1.70 -1.35
CA VAL A 65 -6.26 2.23 -1.03
C VAL A 65 -6.28 3.13 0.24
N GLY A 66 -7.48 3.58 0.64
CA GLY A 66 -7.67 4.32 1.88
C GLY A 66 -7.45 3.44 3.10
N ASP A 67 -7.78 2.14 2.96
CA ASP A 67 -7.46 1.12 3.97
C ASP A 67 -5.95 0.90 4.03
N LEU A 68 -5.27 0.91 2.85
CA LEU A 68 -3.79 0.85 2.78
C LEU A 68 -3.15 2.12 3.38
N ALA A 69 -3.84 3.26 3.29
CA ALA A 69 -3.35 4.53 3.87
C ALA A 69 -3.19 4.37 5.39
N ASP A 70 -4.27 3.91 6.04
CA ASP A 70 -4.30 3.66 7.49
C ASP A 70 -3.43 2.45 7.88
N LEU A 71 -3.44 1.38 7.04
CA LEU A 71 -2.78 0.08 7.35
C LEU A 71 -1.24 0.25 7.34
N VAL A 72 -0.71 0.80 6.22
CA VAL A 72 0.72 1.06 6.06
C VAL A 72 1.18 2.14 7.07
N ASP A 73 0.27 3.07 7.48
CA ASP A 73 0.54 4.07 8.56
C ASP A 73 0.76 3.37 9.93
N LYS A 74 0.01 2.27 10.16
CA LYS A 74 0.20 1.42 11.38
C LYS A 74 1.63 0.87 11.38
N LYS A 75 2.04 0.41 10.19
CA LYS A 75 3.32 -0.24 9.97
C LYS A 75 4.48 0.78 10.03
N LEU A 76 4.24 2.01 9.54
CA LEU A 76 5.25 3.09 9.51
C LEU A 76 5.51 3.60 10.94
N ALA A 77 4.44 3.64 11.75
CA ALA A 77 4.52 3.92 13.20
C ALA A 77 5.43 2.90 13.90
N ARG A 78 5.39 1.64 13.43
CA ARG A 78 6.30 0.57 13.93
C ARG A 78 7.73 0.75 13.37
N LYS A 79 7.83 1.28 12.12
CA LYS A 79 9.12 1.57 11.46
C LYS A 79 9.76 2.88 11.96
N LEU A 80 9.04 3.63 12.82
CA LEU A 80 9.59 4.83 13.52
C LEU A 80 10.81 4.45 14.40
N GLU A 81 10.89 3.17 14.78
CA GLU A 81 12.03 2.61 15.53
C GLU A 81 13.26 2.40 14.63
N HIS A 82 13.07 2.55 13.30
CA HIS A 82 14.13 2.50 12.29
C HIS A 82 14.37 3.90 11.72
N HIS A 83 15.25 3.98 10.72
CA HIS A 83 15.56 5.23 9.97
C HIS A 83 16.09 4.82 8.57
N HIS A 84 16.90 5.72 7.94
CA HIS A 84 17.61 5.46 6.66
C HIS A 84 16.62 5.47 5.47
N HIS A 85 16.63 6.57 4.72
CA HIS A 85 15.68 6.83 3.63
C HIS A 85 16.42 7.26 2.35
N HIS A 86 15.67 7.42 1.25
CA HIS A 86 16.20 7.89 -0.04
C HIS A 86 15.10 8.57 -0.88
N HIS A 87 13.83 8.35 -0.51
CA HIS A 87 12.66 8.83 -1.26
C HIS A 87 11.42 8.90 -0.32
N MET A 1 0.77 9.76 7.71
CA MET A 1 0.73 11.00 6.90
C MET A 1 1.28 10.79 5.47
N PRO A 2 2.55 10.27 5.25
CA PRO A 2 3.16 10.22 3.90
C PRO A 2 2.89 8.89 3.15
N THR A 3 1.77 8.23 3.51
CA THR A 3 1.46 6.88 3.03
C THR A 3 1.02 6.88 1.57
N LEU A 4 -0.14 7.51 1.23
CA LEU A 4 -0.67 7.58 -0.17
C LEU A 4 0.41 8.14 -1.13
N ASP A 5 1.15 9.16 -0.64
CA ASP A 5 2.28 9.79 -1.34
C ASP A 5 3.38 8.76 -1.71
N ALA A 6 3.75 7.91 -0.74
CA ALA A 6 4.78 6.88 -0.92
C ALA A 6 4.25 5.67 -1.71
N LEU A 7 2.93 5.43 -1.63
CA LEU A 7 2.27 4.29 -2.28
C LEU A 7 2.05 4.57 -3.77
N THR A 8 1.81 5.86 -4.16
CA THR A 8 1.49 6.20 -5.58
C THR A 8 2.59 5.75 -6.59
N PRO A 9 3.94 5.99 -6.33
CA PRO A 9 5.04 5.41 -7.17
C PRO A 9 5.01 3.86 -7.25
N ILE A 10 4.56 3.21 -6.15
CA ILE A 10 4.45 1.73 -6.09
C ILE A 10 3.38 1.25 -7.07
N PHE A 11 2.23 1.94 -7.09
CA PHE A 11 1.09 1.62 -7.97
C PHE A 11 1.46 1.92 -9.44
N ARG A 12 2.12 3.06 -9.68
CA ARG A 12 2.61 3.46 -11.01
C ARG A 12 3.68 2.48 -11.54
N GLN A 13 4.37 1.76 -10.62
CA GLN A 13 5.34 0.71 -10.99
C GLN A 13 4.61 -0.60 -11.33
N VAL A 14 3.85 -1.12 -10.34
CA VAL A 14 3.14 -2.42 -10.41
C VAL A 14 2.16 -2.49 -11.59
N PHE A 15 1.26 -1.52 -11.68
CA PHE A 15 0.21 -1.46 -12.72
C PHE A 15 0.76 -0.83 -14.01
N ASP A 16 1.84 -0.03 -13.85
CA ASP A 16 2.49 0.70 -14.96
C ASP A 16 1.50 1.69 -15.61
N ASP A 17 1.33 2.84 -14.96
CA ASP A 17 0.40 3.90 -15.39
C ASP A 17 0.73 5.22 -14.68
N ASP A 18 1.15 6.23 -15.46
CA ASP A 18 1.50 7.59 -14.98
C ASP A 18 0.31 8.31 -14.32
N SER A 19 -0.90 7.97 -14.76
CA SER A 19 -2.11 8.73 -14.41
C SER A 19 -2.62 8.40 -12.99
N ILE A 20 -2.18 7.24 -12.42
CA ILE A 20 -2.59 6.82 -11.06
C ILE A 20 -2.18 7.88 -10.02
N VAL A 21 -3.18 8.51 -9.39
CA VAL A 21 -3.00 9.47 -8.29
C VAL A 21 -3.91 9.01 -7.14
N LEU A 22 -3.31 8.46 -6.08
CA LEU A 22 -4.06 7.80 -5.00
C LEU A 22 -4.80 8.78 -4.10
N THR A 23 -6.01 8.35 -3.70
CA THR A 23 -6.87 9.04 -2.74
C THR A 23 -7.34 7.97 -1.74
N ARG A 24 -8.06 8.39 -0.70
CA ARG A 24 -8.65 7.48 0.30
C ARG A 24 -9.77 6.61 -0.31
N GLU A 25 -10.44 7.12 -1.36
CA GLU A 25 -11.59 6.45 -1.99
C GLU A 25 -11.18 5.65 -3.23
N THR A 26 -9.90 5.81 -3.69
CA THR A 26 -9.35 4.99 -4.80
C THR A 26 -9.40 3.50 -4.42
N SER A 27 -9.74 2.66 -5.40
CA SER A 27 -9.89 1.21 -5.21
C SER A 27 -9.75 0.51 -6.56
N ALA A 28 -9.87 -0.82 -6.55
CA ALA A 28 -9.94 -1.63 -7.78
C ALA A 28 -11.32 -1.54 -8.43
N ASN A 29 -12.29 -0.91 -7.73
CA ASN A 29 -13.61 -0.62 -8.30
C ASN A 29 -13.50 0.68 -9.12
N ASP A 30 -12.57 1.55 -8.68
CA ASP A 30 -12.23 2.82 -9.33
C ASP A 30 -11.04 2.65 -10.33
N ILE A 31 -10.28 1.54 -10.20
CA ILE A 31 -9.16 1.20 -11.10
C ILE A 31 -9.50 -0.15 -11.77
N ASP A 32 -9.99 -0.08 -13.02
CA ASP A 32 -10.33 -1.27 -13.82
C ASP A 32 -9.08 -2.14 -14.08
N ALA A 33 -7.92 -1.47 -14.17
CA ALA A 33 -6.62 -2.14 -14.43
C ALA A 33 -6.03 -2.84 -13.16
N TRP A 34 -6.81 -2.92 -12.07
CA TRP A 34 -6.38 -3.57 -10.81
C TRP A 34 -7.18 -4.86 -10.57
N ASP A 35 -6.45 -5.95 -10.27
CA ASP A 35 -7.01 -7.28 -9.97
C ASP A 35 -6.49 -7.79 -8.62
N SER A 36 -7.06 -8.90 -8.14
CA SER A 36 -6.54 -9.64 -6.96
C SER A 36 -5.25 -10.41 -7.30
N LEU A 37 -4.99 -10.61 -8.60
CA LEU A 37 -3.66 -11.04 -9.07
C LEU A 37 -2.65 -9.90 -8.84
N SER A 38 -3.11 -8.67 -9.12
CA SER A 38 -2.32 -7.45 -8.95
C SER A 38 -2.15 -7.06 -7.46
N HIS A 39 -3.10 -7.51 -6.59
CA HIS A 39 -2.98 -7.38 -5.11
C HIS A 39 -1.70 -8.08 -4.61
N MET A 40 -1.42 -9.26 -5.17
CA MET A 40 -0.22 -10.04 -4.83
C MET A 40 1.06 -9.26 -5.16
N ASN A 41 1.10 -8.71 -6.39
CA ASN A 41 2.21 -7.88 -6.88
C ASN A 41 2.41 -6.64 -6.00
N LEU A 42 1.29 -5.96 -5.71
CA LEU A 42 1.26 -4.68 -4.98
C LEU A 42 1.78 -4.86 -3.53
N ILE A 43 1.20 -5.84 -2.82
CA ILE A 43 1.50 -6.10 -1.40
C ILE A 43 2.97 -6.49 -1.22
N VAL A 44 3.51 -7.41 -2.07
CA VAL A 44 4.91 -7.87 -1.94
C VAL A 44 5.92 -6.74 -2.22
N SER A 45 5.52 -5.75 -3.04
CA SER A 45 6.29 -4.50 -3.25
C SER A 45 6.40 -3.72 -1.92
N LEU A 46 5.30 -3.65 -1.17
CA LEU A 46 5.25 -2.93 0.13
C LEU A 46 6.06 -3.67 1.22
N GLU A 47 6.04 -5.02 1.15
CA GLU A 47 6.76 -5.89 2.10
C GLU A 47 8.26 -5.62 2.05
N VAL A 48 8.82 -5.65 0.82
CA VAL A 48 10.25 -5.46 0.59
C VAL A 48 10.71 -4.00 0.82
N HIS A 49 9.86 -3.03 0.43
CA HIS A 49 10.15 -1.58 0.58
C HIS A 49 10.20 -1.15 2.05
N TYR A 50 9.10 -1.38 2.78
CA TYR A 50 8.94 -0.89 4.17
C TYR A 50 9.42 -1.94 5.19
N LYS A 51 9.84 -3.13 4.70
CA LYS A 51 10.33 -4.26 5.55
C LYS A 51 9.21 -4.75 6.49
N ILE A 52 7.96 -4.68 6.01
CA ILE A 52 6.75 -4.96 6.80
C ILE A 52 6.13 -6.30 6.39
N LYS A 53 5.07 -6.71 7.10
CA LYS A 53 4.42 -8.01 6.89
C LYS A 53 2.90 -7.83 7.01
N PHE A 54 2.19 -7.87 5.88
CA PHE A 54 0.73 -7.94 5.84
C PHE A 54 0.29 -9.39 6.04
N ALA A 55 -0.70 -9.58 6.90
CA ALA A 55 -1.36 -10.87 7.12
C ALA A 55 -2.61 -10.91 6.24
N LEU A 56 -3.05 -12.12 5.83
CA LEU A 56 -4.28 -12.32 5.02
C LEU A 56 -5.51 -11.73 5.76
N GLY A 57 -5.47 -11.73 7.11
CA GLY A 57 -6.49 -11.08 7.94
C GLY A 57 -6.57 -9.57 7.71
N GLU A 58 -5.40 -8.95 7.51
CA GLU A 58 -5.26 -7.51 7.20
C GLU A 58 -5.62 -7.23 5.72
N LEU A 59 -5.46 -8.27 4.86
CA LEU A 59 -5.89 -8.24 3.44
C LEU A 59 -7.44 -8.24 3.35
N GLN A 60 -8.10 -8.97 4.27
CA GLN A 60 -9.57 -8.94 4.45
C GLN A 60 -10.08 -7.53 4.85
N LYS A 61 -9.17 -6.67 5.34
CA LYS A 61 -9.49 -5.27 5.73
C LYS A 61 -9.17 -4.27 4.61
N LEU A 62 -8.66 -4.73 3.45
CA LEU A 62 -8.28 -3.85 2.33
C LEU A 62 -9.41 -3.80 1.28
N LYS A 63 -10.31 -2.80 1.41
CA LYS A 63 -11.42 -2.56 0.47
C LYS A 63 -11.06 -1.38 -0.46
N ASN A 64 -10.28 -0.43 0.06
CA ASN A 64 -9.78 0.72 -0.72
C ASN A 64 -8.27 0.92 -0.43
N VAL A 65 -7.65 1.81 -1.23
CA VAL A 65 -6.27 2.30 -0.98
C VAL A 65 -6.23 3.15 0.31
N GLY A 66 -7.41 3.65 0.74
CA GLY A 66 -7.53 4.36 2.02
C GLY A 66 -7.33 3.41 3.19
N ASP A 67 -7.93 2.20 3.09
CA ASP A 67 -7.70 1.10 4.06
C ASP A 67 -6.23 0.68 4.07
N LEU A 68 -5.66 0.59 2.87
CA LEU A 68 -4.23 0.25 2.68
C LEU A 68 -3.31 1.38 3.19
N ALA A 69 -3.79 2.63 3.12
CA ALA A 69 -3.05 3.81 3.62
C ALA A 69 -2.99 3.79 5.14
N ASP A 70 -4.11 3.39 5.76
CA ASP A 70 -4.19 3.16 7.23
C ASP A 70 -3.27 2.01 7.62
N LEU A 71 -3.34 0.91 6.85
CA LEU A 71 -2.63 -0.35 7.16
C LEU A 71 -1.09 -0.13 7.12
N VAL A 72 -0.62 0.49 6.02
CA VAL A 72 0.80 0.88 5.85
C VAL A 72 1.23 1.85 6.97
N ASP A 73 0.33 2.80 7.32
CA ASP A 73 0.61 3.81 8.40
C ASP A 73 0.76 3.13 9.76
N LYS A 74 -0.02 2.05 9.98
CA LYS A 74 0.04 1.23 11.20
C LYS A 74 1.38 0.49 11.27
N LYS A 75 1.86 0.04 10.10
CA LYS A 75 3.15 -0.64 9.97
C LYS A 75 4.32 0.35 10.20
N LEU A 76 4.14 1.59 9.69
CA LEU A 76 5.12 2.68 9.83
C LEU A 76 5.10 3.23 11.26
N ALA A 77 3.98 3.03 11.98
CA ALA A 77 3.88 3.29 13.43
C ALA A 77 4.79 2.31 14.19
N ARG A 78 4.75 1.03 13.80
CA ARG A 78 5.57 -0.04 14.42
C ARG A 78 7.06 0.16 14.08
N LYS A 79 7.33 0.67 12.86
CA LYS A 79 8.70 0.94 12.38
C LYS A 79 9.27 2.18 13.07
N LEU A 80 8.62 3.34 12.81
CA LEU A 80 9.05 4.70 13.21
C LEU A 80 10.37 5.08 12.49
N GLU A 81 11.44 4.29 12.76
CA GLU A 81 12.73 4.37 12.08
C GLU A 81 13.57 5.58 12.51
N HIS A 82 14.77 5.69 11.90
CA HIS A 82 15.79 6.66 12.29
C HIS A 82 15.46 8.04 11.71
N HIS A 83 14.61 8.80 12.42
CA HIS A 83 14.33 10.21 12.10
C HIS A 83 15.50 11.06 12.62
N HIS A 84 16.02 10.64 13.78
CA HIS A 84 17.14 11.28 14.49
C HIS A 84 18.33 10.27 14.53
N HIS A 85 19.52 10.76 14.96
CA HIS A 85 20.75 9.93 15.00
C HIS A 85 20.67 8.82 16.07
N HIS A 86 21.60 7.84 15.97
CA HIS A 86 21.62 6.63 16.83
C HIS A 86 22.24 6.92 18.21
N HIS A 87 22.14 5.91 19.11
CA HIS A 87 22.58 5.97 20.53
C HIS A 87 22.17 7.30 21.24
N MET A 1 -0.05 13.29 6.50
CA MET A 1 0.07 11.87 6.08
C MET A 1 0.34 11.84 4.56
N PRO A 2 1.62 11.59 4.10
CA PRO A 2 1.99 11.55 2.67
C PRO A 2 2.01 10.10 2.15
N THR A 3 1.11 9.29 2.72
CA THR A 3 1.08 7.83 2.52
C THR A 3 0.77 7.50 1.06
N LEU A 4 -0.44 7.93 0.60
CA LEU A 4 -0.91 7.73 -0.78
C LEU A 4 0.09 8.30 -1.80
N ASP A 5 0.70 9.46 -1.43
CA ASP A 5 1.70 10.16 -2.25
C ASP A 5 2.95 9.28 -2.49
N ALA A 6 3.44 8.66 -1.41
CA ALA A 6 4.59 7.73 -1.46
C ALA A 6 4.22 6.41 -2.15
N LEU A 7 2.95 6.02 -2.00
CA LEU A 7 2.43 4.75 -2.55
C LEU A 7 2.16 4.86 -4.06
N THR A 8 1.80 6.08 -4.56
CA THR A 8 1.37 6.27 -5.98
C THR A 8 2.38 5.72 -7.03
N PRO A 9 3.74 6.01 -6.93
CA PRO A 9 4.75 5.40 -7.83
C PRO A 9 4.82 3.86 -7.73
N ILE A 10 4.53 3.32 -6.52
CA ILE A 10 4.56 1.84 -6.28
C ILE A 10 3.41 1.16 -7.05
N PHE A 11 2.21 1.76 -7.00
CA PHE A 11 1.01 1.26 -7.71
C PHE A 11 1.17 1.43 -9.23
N ARG A 12 1.77 2.55 -9.67
CA ARG A 12 2.05 2.82 -11.09
C ARG A 12 3.14 1.88 -11.65
N GLN A 13 3.99 1.34 -10.76
CA GLN A 13 5.00 0.33 -11.10
C GLN A 13 4.33 -1.07 -11.26
N VAL A 14 3.67 -1.51 -10.16
CA VAL A 14 3.04 -2.84 -10.06
C VAL A 14 1.94 -3.05 -11.13
N PHE A 15 1.01 -2.09 -11.21
CA PHE A 15 -0.13 -2.18 -12.14
C PHE A 15 0.26 -1.68 -13.55
N ASP A 16 1.47 -1.05 -13.67
CA ASP A 16 2.02 -0.57 -14.96
C ASP A 16 1.08 0.45 -15.62
N ASP A 17 1.15 1.72 -15.14
CA ASP A 17 0.19 2.76 -15.55
C ASP A 17 0.73 4.15 -15.17
N ASP A 18 0.02 5.22 -15.60
CA ASP A 18 0.39 6.62 -15.33
C ASP A 18 -0.82 7.45 -14.85
N SER A 19 -2.03 7.01 -15.26
CA SER A 19 -3.29 7.72 -14.96
C SER A 19 -3.83 7.36 -13.55
N ILE A 20 -3.33 6.27 -12.94
CA ILE A 20 -3.75 5.86 -11.57
C ILE A 20 -3.26 6.92 -10.55
N VAL A 21 -4.20 7.71 -10.05
CA VAL A 21 -3.95 8.73 -9.01
C VAL A 21 -4.69 8.23 -7.77
N LEU A 22 -3.94 7.83 -6.73
CA LEU A 22 -4.52 7.14 -5.57
C LEU A 22 -5.49 8.03 -4.81
N THR A 23 -6.67 7.48 -4.55
CA THR A 23 -7.70 8.10 -3.72
C THR A 23 -8.06 7.10 -2.62
N ARG A 24 -8.79 7.59 -1.62
CA ARG A 24 -9.29 6.76 -0.51
C ARG A 24 -10.34 5.72 -0.99
N GLU A 25 -10.88 5.92 -2.21
CA GLU A 25 -11.93 5.04 -2.79
C GLU A 25 -11.39 4.20 -3.98
N THR A 26 -10.12 4.42 -4.39
CA THR A 26 -9.45 3.60 -5.43
C THR A 26 -9.43 2.10 -5.02
N SER A 27 -9.79 1.21 -5.94
CA SER A 27 -9.96 -0.24 -5.65
C SER A 27 -10.06 -1.01 -6.96
N ALA A 28 -10.41 -2.32 -6.90
CA ALA A 28 -10.77 -3.10 -8.10
C ALA A 28 -12.19 -2.80 -8.59
N ASN A 29 -12.87 -1.82 -7.96
CA ASN A 29 -14.17 -1.32 -8.41
C ASN A 29 -13.93 -0.05 -9.26
N ASP A 30 -12.96 0.76 -8.80
CA ASP A 30 -12.47 1.94 -9.54
C ASP A 30 -11.56 1.52 -10.71
N ILE A 31 -10.81 0.42 -10.53
CA ILE A 31 -9.80 -0.04 -11.49
C ILE A 31 -10.18 -1.46 -11.92
N ASP A 32 -10.75 -1.55 -13.12
CA ASP A 32 -11.21 -2.80 -13.72
C ASP A 32 -10.03 -3.78 -13.97
N ALA A 33 -8.82 -3.23 -14.15
CA ALA A 33 -7.58 -4.02 -14.39
C ALA A 33 -6.95 -4.56 -13.07
N TRP A 34 -7.52 -4.19 -11.91
CA TRP A 34 -6.99 -4.61 -10.58
C TRP A 34 -7.47 -6.04 -10.25
N ASP A 35 -6.70 -7.03 -10.73
CA ASP A 35 -6.84 -8.44 -10.32
C ASP A 35 -6.21 -8.66 -8.94
N SER A 36 -6.61 -9.78 -8.29
CA SER A 36 -6.05 -10.19 -6.98
C SER A 36 -4.58 -10.65 -7.11
N LEU A 37 -4.19 -11.08 -8.32
CA LEU A 37 -2.78 -11.38 -8.65
C LEU A 37 -1.93 -10.10 -8.51
N SER A 38 -2.44 -9.01 -9.10
CA SER A 38 -1.78 -7.70 -9.13
C SER A 38 -1.85 -7.02 -7.74
N HIS A 39 -2.94 -7.34 -7.00
CA HIS A 39 -3.18 -6.91 -5.61
C HIS A 39 -2.10 -7.48 -4.68
N MET A 40 -1.83 -8.78 -4.79
CA MET A 40 -0.83 -9.47 -3.95
C MET A 40 0.58 -8.97 -4.28
N ASN A 41 0.84 -8.76 -5.60
CA ASN A 41 2.11 -8.16 -6.11
C ASN A 41 2.34 -6.77 -5.50
N LEU A 42 1.25 -6.01 -5.33
CA LEU A 42 1.28 -4.67 -4.74
C LEU A 42 1.66 -4.74 -3.25
N ILE A 43 0.95 -5.57 -2.48
CA ILE A 43 1.13 -5.68 -1.03
C ILE A 43 2.56 -6.13 -0.67
N VAL A 44 3.07 -7.15 -1.39
CA VAL A 44 4.42 -7.69 -1.14
C VAL A 44 5.51 -6.68 -1.55
N SER A 45 5.20 -5.82 -2.55
CA SER A 45 6.06 -4.66 -2.91
C SER A 45 6.15 -3.66 -1.74
N LEU A 46 5.02 -3.40 -1.06
CA LEU A 46 4.99 -2.49 0.10
C LEU A 46 5.84 -3.09 1.24
N GLU A 47 5.72 -4.41 1.42
CA GLU A 47 6.42 -5.16 2.47
C GLU A 47 7.96 -5.06 2.31
N VAL A 48 8.47 -5.43 1.12
CA VAL A 48 9.93 -5.46 0.85
C VAL A 48 10.54 -4.03 0.79
N HIS A 49 9.80 -3.06 0.20
CA HIS A 49 10.26 -1.65 0.07
C HIS A 49 10.36 -0.96 1.45
N TYR A 50 9.25 -0.96 2.20
CA TYR A 50 9.16 -0.21 3.47
C TYR A 50 9.63 -1.04 4.69
N LYS A 51 10.06 -2.30 4.43
CA LYS A 51 10.56 -3.25 5.46
C LYS A 51 9.43 -3.58 6.48
N ILE A 52 8.19 -3.62 5.97
CA ILE A 52 6.98 -3.85 6.77
C ILE A 52 6.39 -5.24 6.44
N LYS A 53 5.22 -5.57 7.02
CA LYS A 53 4.60 -6.90 6.82
C LYS A 53 3.08 -6.81 7.02
N PHE A 54 2.32 -7.21 5.99
CA PHE A 54 0.86 -7.37 6.05
C PHE A 54 0.55 -8.87 6.09
N ALA A 55 -0.48 -9.25 6.86
CA ALA A 55 -0.98 -10.63 6.95
C ALA A 55 -2.25 -10.76 6.09
N LEU A 56 -2.51 -11.99 5.58
CA LEU A 56 -3.63 -12.29 4.64
C LEU A 56 -5.00 -11.83 5.19
N GLY A 57 -5.19 -11.94 6.51
CA GLY A 57 -6.42 -11.48 7.17
C GLY A 57 -6.66 -9.99 7.00
N GLU A 58 -5.58 -9.20 7.16
CA GLU A 58 -5.60 -7.73 6.96
C GLU A 58 -5.85 -7.37 5.48
N LEU A 59 -5.39 -8.25 4.57
CA LEU A 59 -5.53 -8.06 3.10
C LEU A 59 -7.00 -8.16 2.70
N GLN A 60 -7.73 -9.09 3.35
CA GLN A 60 -9.19 -9.25 3.15
C GLN A 60 -10.00 -8.07 3.76
N LYS A 61 -9.31 -7.17 4.51
CA LYS A 61 -9.91 -5.92 5.03
C LYS A 61 -9.57 -4.73 4.12
N LEU A 62 -8.67 -4.92 3.14
CA LEU A 62 -8.25 -3.85 2.21
C LEU A 62 -9.27 -3.73 1.07
N LYS A 63 -10.33 -2.95 1.29
CA LYS A 63 -11.39 -2.75 0.29
C LYS A 63 -10.94 -1.70 -0.75
N ASN A 64 -10.15 -0.72 -0.27
CA ASN A 64 -9.67 0.42 -1.07
C ASN A 64 -8.22 0.74 -0.69
N VAL A 65 -7.62 1.67 -1.44
CA VAL A 65 -6.27 2.21 -1.16
C VAL A 65 -6.32 3.17 0.05
N GLY A 66 -7.54 3.56 0.46
CA GLY A 66 -7.75 4.26 1.72
C GLY A 66 -7.42 3.36 2.90
N ASP A 67 -7.74 2.05 2.76
CA ASP A 67 -7.35 1.01 3.73
C ASP A 67 -5.83 0.85 3.75
N LEU A 68 -5.18 0.93 2.57
CA LEU A 68 -3.70 0.92 2.47
C LEU A 68 -3.08 2.16 3.12
N ALA A 69 -3.77 3.31 3.04
CA ALA A 69 -3.30 4.56 3.69
C ALA A 69 -3.13 4.33 5.20
N ASP A 70 -4.21 3.82 5.82
CA ASP A 70 -4.23 3.47 7.26
C ASP A 70 -3.23 2.35 7.59
N LEU A 71 -3.29 1.24 6.82
CA LEU A 71 -2.49 0.02 7.08
C LEU A 71 -0.98 0.30 7.01
N VAL A 72 -0.52 0.89 5.88
CA VAL A 72 0.89 1.28 5.70
C VAL A 72 1.34 2.25 6.82
N ASP A 73 0.47 3.21 7.22
CA ASP A 73 0.75 4.14 8.36
C ASP A 73 0.96 3.39 9.68
N LYS A 74 0.18 2.32 9.88
CA LYS A 74 0.26 1.51 11.11
C LYS A 74 1.57 0.73 11.15
N LYS A 75 1.99 0.22 9.98
CA LYS A 75 3.23 -0.54 9.82
C LYS A 75 4.45 0.37 9.96
N LEU A 76 4.34 1.61 9.43
CA LEU A 76 5.41 2.62 9.48
C LEU A 76 5.48 3.25 10.89
N ALA A 77 4.35 3.24 11.61
CA ALA A 77 4.31 3.63 13.04
C ALA A 77 5.12 2.61 13.88
N ARG A 78 5.01 1.33 13.50
CA ARG A 78 5.82 0.24 14.09
C ARG A 78 7.31 0.37 13.69
N LYS A 79 7.55 0.98 12.50
CA LYS A 79 8.92 1.22 11.96
C LYS A 79 9.71 2.28 12.75
N LEU A 80 9.07 2.94 13.76
CA LEU A 80 9.79 3.76 14.77
C LEU A 80 10.55 2.83 15.75
N GLU A 81 11.48 2.06 15.17
CA GLU A 81 12.20 0.98 15.82
C GLU A 81 13.49 0.75 14.99
N HIS A 82 14.60 0.45 15.68
CA HIS A 82 15.94 0.30 15.07
C HIS A 82 15.94 -0.81 13.99
N HIS A 83 15.74 -2.08 14.40
CA HIS A 83 15.74 -3.23 13.45
C HIS A 83 15.29 -4.54 14.12
N HIS A 84 16.01 -4.97 15.18
CA HIS A 84 16.00 -6.36 15.71
C HIS A 84 16.40 -7.38 14.61
N HIS A 85 15.46 -7.69 13.68
CA HIS A 85 15.70 -8.65 12.58
C HIS A 85 16.53 -7.99 11.44
N HIS A 86 17.85 -7.90 11.66
CA HIS A 86 18.84 -7.53 10.62
C HIS A 86 20.20 -8.16 11.01
N HIS A 87 20.20 -9.49 11.06
CA HIS A 87 21.38 -10.32 11.32
C HIS A 87 21.06 -11.78 10.88
N MET A 1 0.00 9.59 7.58
CA MET A 1 -0.19 10.90 6.94
C MET A 1 0.35 10.91 5.47
N PRO A 2 1.69 10.64 5.19
CA PRO A 2 2.25 10.77 3.81
C PRO A 2 2.17 9.44 3.01
N THR A 3 1.19 8.61 3.40
CA THR A 3 1.13 7.22 2.97
C THR A 3 0.68 7.07 1.50
N LEU A 4 -0.46 7.71 1.11
CA LEU A 4 -0.99 7.64 -0.27
C LEU A 4 0.06 8.15 -1.28
N ASP A 5 0.73 9.26 -0.89
CA ASP A 5 1.84 9.87 -1.65
C ASP A 5 2.95 8.84 -1.92
N ALA A 6 3.37 8.15 -0.84
CA ALA A 6 4.45 7.16 -0.89
C ALA A 6 4.06 5.93 -1.72
N LEU A 7 2.78 5.50 -1.59
CA LEU A 7 2.26 4.28 -2.23
C LEU A 7 2.04 4.48 -3.73
N THR A 8 1.78 5.74 -4.16
CA THR A 8 1.43 6.05 -5.57
C THR A 8 2.54 5.56 -6.58
N PRO A 9 3.88 5.88 -6.39
CA PRO A 9 4.97 5.29 -7.22
C PRO A 9 5.04 3.75 -7.16
N ILE A 10 4.63 3.14 -6.02
CA ILE A 10 4.68 1.65 -5.85
C ILE A 10 3.63 0.99 -6.74
N PHE A 11 2.42 1.59 -6.76
CA PHE A 11 1.32 1.15 -7.64
C PHE A 11 1.71 1.39 -9.11
N ARG A 12 2.24 2.59 -9.39
CA ARG A 12 2.71 2.98 -10.74
C ARG A 12 3.88 2.11 -11.22
N GLN A 13 4.60 1.47 -10.29
CA GLN A 13 5.63 0.45 -10.62
C GLN A 13 4.94 -0.86 -11.09
N VAL A 14 4.09 -1.42 -10.19
CA VAL A 14 3.44 -2.74 -10.37
C VAL A 14 2.59 -2.80 -11.65
N PHE A 15 1.67 -1.84 -11.77
CA PHE A 15 0.70 -1.78 -12.87
C PHE A 15 1.31 -1.09 -14.11
N ASP A 16 2.35 -0.24 -13.88
CA ASP A 16 3.04 0.55 -14.93
C ASP A 16 2.05 1.49 -15.63
N ASP A 17 1.79 2.64 -15.01
CA ASP A 17 0.75 3.59 -15.43
C ASP A 17 1.00 4.99 -14.83
N ASP A 18 0.30 6.01 -15.34
CA ASP A 18 0.50 7.42 -14.93
C ASP A 18 -0.78 7.98 -14.29
N SER A 19 -1.93 7.37 -14.65
CA SER A 19 -3.27 7.83 -14.23
C SER A 19 -3.60 7.36 -12.80
N ILE A 20 -2.74 6.48 -12.22
CA ILE A 20 -2.87 6.05 -10.82
C ILE A 20 -2.54 7.23 -9.89
N VAL A 21 -3.59 7.87 -9.39
CA VAL A 21 -3.51 8.96 -8.40
C VAL A 21 -4.38 8.54 -7.22
N LEU A 22 -3.72 7.97 -6.20
CA LEU A 22 -4.41 7.27 -5.09
C LEU A 22 -5.25 8.23 -4.25
N THR A 23 -6.46 7.78 -3.92
CA THR A 23 -7.39 8.49 -3.04
C THR A 23 -7.96 7.48 -2.03
N ARG A 24 -8.71 7.97 -1.06
CA ARG A 24 -9.23 7.15 0.05
C ARG A 24 -10.20 6.04 -0.41
N GLU A 25 -11.08 6.34 -1.36
CA GLU A 25 -12.12 5.37 -1.79
C GLU A 25 -11.67 4.49 -2.98
N THR A 26 -10.42 4.67 -3.46
CA THR A 26 -9.84 3.89 -4.58
C THR A 26 -9.83 2.36 -4.28
N SER A 27 -10.83 1.64 -4.80
CA SER A 27 -10.95 0.19 -4.63
C SER A 27 -10.32 -0.55 -5.83
N ALA A 28 -10.24 -1.88 -5.70
CA ALA A 28 -9.93 -2.78 -6.82
C ALA A 28 -10.97 -2.68 -7.96
N ASN A 29 -12.19 -2.20 -7.62
CA ASN A 29 -13.27 -1.95 -8.58
C ASN A 29 -13.01 -0.62 -9.33
N ASP A 30 -12.36 0.35 -8.63
CA ASP A 30 -12.01 1.67 -9.18
C ASP A 30 -10.90 1.56 -10.24
N ILE A 31 -10.01 0.55 -10.06
CA ILE A 31 -8.86 0.31 -10.96
C ILE A 31 -9.06 -1.07 -11.61
N ASP A 32 -9.40 -1.09 -12.92
CA ASP A 32 -9.62 -2.33 -13.69
C ASP A 32 -8.34 -3.19 -13.70
N ALA A 33 -7.20 -2.52 -13.77
CA ALA A 33 -5.87 -3.16 -13.79
C ALA A 33 -5.53 -3.89 -12.47
N TRP A 34 -6.26 -3.59 -11.39
CA TRP A 34 -6.02 -4.15 -10.05
C TRP A 34 -6.85 -5.44 -9.84
N ASP A 35 -6.55 -6.46 -10.67
CA ASP A 35 -7.11 -7.83 -10.53
C ASP A 35 -6.50 -8.55 -9.32
N SER A 36 -7.14 -9.65 -8.86
CA SER A 36 -6.66 -10.51 -7.74
C SER A 36 -5.14 -10.85 -7.86
N LEU A 37 -4.75 -11.14 -9.10
CA LEU A 37 -3.38 -11.48 -9.49
C LEU A 37 -2.45 -10.27 -9.23
N SER A 38 -2.94 -9.09 -9.63
CA SER A 38 -2.22 -7.81 -9.52
C SER A 38 -2.10 -7.36 -8.05
N HIS A 39 -3.09 -7.76 -7.20
CA HIS A 39 -3.04 -7.56 -5.73
C HIS A 39 -1.82 -8.24 -5.13
N MET A 40 -1.59 -9.49 -5.53
CA MET A 40 -0.49 -10.32 -5.00
C MET A 40 0.87 -9.64 -5.24
N ASN A 41 1.06 -9.13 -6.48
CA ASN A 41 2.28 -8.38 -6.87
C ASN A 41 2.37 -7.03 -6.14
N LEU A 42 1.21 -6.36 -5.99
CA LEU A 42 1.11 -5.03 -5.35
C LEU A 42 1.54 -5.08 -3.87
N ILE A 43 0.96 -6.04 -3.13
CA ILE A 43 1.19 -6.20 -1.68
C ILE A 43 2.64 -6.60 -1.39
N VAL A 44 3.19 -7.57 -2.17
CA VAL A 44 4.58 -8.03 -1.95
C VAL A 44 5.61 -6.93 -2.34
N SER A 45 5.21 -6.02 -3.26
CA SER A 45 5.99 -4.82 -3.59
C SER A 45 6.01 -3.82 -2.41
N LEU A 46 4.87 -3.69 -1.71
CA LEU A 46 4.78 -2.86 -0.49
C LEU A 46 5.70 -3.46 0.61
N GLU A 47 5.75 -4.81 0.65
CA GLU A 47 6.53 -5.56 1.65
C GLU A 47 8.05 -5.36 1.44
N VAL A 48 8.53 -5.54 0.20
CA VAL A 48 9.97 -5.43 -0.10
C VAL A 48 10.49 -3.97 -0.03
N HIS A 49 9.66 -3.00 -0.47
CA HIS A 49 10.00 -1.56 -0.41
C HIS A 49 10.10 -1.06 1.04
N TYR A 50 9.01 -1.21 1.81
CA TYR A 50 8.91 -0.62 3.18
C TYR A 50 9.43 -1.58 4.27
N LYS A 51 9.80 -2.82 3.87
CA LYS A 51 10.22 -3.91 4.79
C LYS A 51 9.14 -4.17 5.85
N ILE A 52 7.88 -4.27 5.38
CA ILE A 52 6.70 -4.47 6.24
C ILE A 52 6.05 -5.83 5.95
N LYS A 53 5.31 -6.36 6.91
CA LYS A 53 4.68 -7.70 6.85
C LYS A 53 3.16 -7.52 6.75
N PHE A 54 2.55 -7.95 5.63
CA PHE A 54 1.08 -8.06 5.52
C PHE A 54 0.66 -9.50 5.82
N ALA A 55 -0.27 -9.66 6.77
CA ALA A 55 -0.93 -10.94 7.07
C ALA A 55 -2.23 -11.02 6.27
N LEU A 56 -2.63 -12.26 5.88
CA LEU A 56 -3.83 -12.50 5.05
C LEU A 56 -5.10 -11.91 5.71
N GLY A 57 -5.15 -11.98 7.06
CA GLY A 57 -6.21 -11.36 7.85
C GLY A 57 -6.32 -9.86 7.60
N GLU A 58 -5.16 -9.16 7.68
CA GLU A 58 -5.06 -7.70 7.43
C GLU A 58 -5.50 -7.34 6.00
N LEU A 59 -5.18 -8.24 5.04
CA LEU A 59 -5.52 -8.06 3.61
C LEU A 59 -7.04 -8.13 3.38
N GLN A 60 -7.72 -9.01 4.13
CA GLN A 60 -9.20 -9.12 4.11
C GLN A 60 -9.86 -7.94 4.86
N LYS A 61 -9.09 -7.28 5.76
CA LYS A 61 -9.56 -6.06 6.46
C LYS A 61 -9.40 -4.81 5.56
N LEU A 62 -8.69 -4.94 4.43
CA LEU A 62 -8.59 -3.87 3.43
C LEU A 62 -9.87 -3.86 2.57
N LYS A 63 -10.39 -2.67 2.24
CA LYS A 63 -11.52 -2.50 1.32
C LYS A 63 -11.08 -1.63 0.13
N ASN A 64 -10.22 -0.63 0.42
CA ASN A 64 -9.68 0.31 -0.59
C ASN A 64 -8.31 0.87 -0.14
N VAL A 65 -7.71 1.79 -0.93
CA VAL A 65 -6.37 2.38 -0.65
C VAL A 65 -6.43 3.35 0.56
N GLY A 66 -7.64 3.76 0.95
CA GLY A 66 -7.84 4.52 2.19
C GLY A 66 -7.58 3.67 3.43
N ASP A 67 -7.90 2.36 3.29
CA ASP A 67 -7.52 1.35 4.29
C ASP A 67 -6.01 1.17 4.29
N LEU A 68 -5.39 1.14 3.08
CA LEU A 68 -3.91 1.08 2.93
C LEU A 68 -3.24 2.36 3.49
N ALA A 69 -3.95 3.49 3.45
CA ALA A 69 -3.42 4.77 3.97
C ALA A 69 -3.22 4.66 5.48
N ASP A 70 -4.31 4.24 6.15
CA ASP A 70 -4.33 4.01 7.59
C ASP A 70 -3.37 2.86 7.97
N LEU A 71 -3.45 1.74 7.21
CA LEU A 71 -2.78 0.45 7.54
C LEU A 71 -1.25 0.54 7.37
N VAL A 72 -0.78 0.99 6.19
CA VAL A 72 0.68 1.16 5.94
C VAL A 72 1.26 2.28 6.84
N ASP A 73 0.42 3.26 7.25
CA ASP A 73 0.83 4.26 8.27
C ASP A 73 0.90 3.61 9.66
N LYS A 74 0.05 2.57 9.90
CA LYS A 74 0.11 1.78 11.14
C LYS A 74 1.42 0.97 11.18
N LYS A 75 1.88 0.51 10.00
CA LYS A 75 3.15 -0.19 9.84
C LYS A 75 4.31 0.75 10.21
N LEU A 76 4.26 1.98 9.68
CA LEU A 76 5.24 3.05 9.96
C LEU A 76 5.12 3.52 11.43
N ALA A 77 3.92 3.36 12.02
CA ALA A 77 3.63 3.66 13.44
C ALA A 77 4.20 2.56 14.35
N ARG A 78 4.45 1.37 13.77
CA ARG A 78 5.16 0.28 14.46
C ARG A 78 6.68 0.44 14.32
N LYS A 79 7.16 1.08 13.21
CA LYS A 79 8.61 1.17 12.91
C LYS A 79 9.36 2.10 13.90
N LEU A 80 9.20 3.43 13.70
CA LEU A 80 9.95 4.50 14.41
C LEU A 80 11.51 4.30 14.36
N GLU A 81 12.03 3.32 15.15
CA GLU A 81 13.47 3.03 15.27
C GLU A 81 14.14 2.71 13.93
N HIS A 82 13.51 1.85 13.11
CA HIS A 82 13.98 1.56 11.73
C HIS A 82 13.80 2.80 10.86
N HIS A 83 14.86 3.63 10.83
CA HIS A 83 14.88 4.89 10.10
C HIS A 83 15.13 4.66 8.60
N HIS A 84 14.29 5.25 7.76
CA HIS A 84 14.44 5.22 6.30
C HIS A 84 15.56 6.17 5.83
N HIS A 85 15.86 7.17 6.67
CA HIS A 85 16.92 8.17 6.41
C HIS A 85 17.81 8.30 7.66
N HIS A 86 19.14 8.37 7.47
CA HIS A 86 20.09 8.56 8.60
C HIS A 86 19.97 10.00 9.14
N HIS A 87 19.34 10.13 10.34
CA HIS A 87 19.05 11.43 10.99
C HIS A 87 18.03 12.23 10.13
N MET A 1 -0.90 9.39 7.59
CA MET A 1 -1.06 10.57 6.71
C MET A 1 -0.13 10.49 5.45
N PRO A 2 1.24 10.39 5.57
CA PRO A 2 2.16 10.56 4.40
C PRO A 2 2.32 9.28 3.54
N THR A 3 1.29 8.42 3.54
CA THR A 3 1.32 7.14 2.84
C THR A 3 1.08 7.30 1.33
N LEU A 4 -0.08 7.87 0.94
CA LEU A 4 -0.51 7.97 -0.49
C LEU A 4 0.56 8.62 -1.39
N ASP A 5 1.27 9.61 -0.83
CA ASP A 5 2.45 10.25 -1.46
C ASP A 5 3.50 9.19 -1.88
N ALA A 6 3.88 8.37 -0.90
CA ALA A 6 4.88 7.30 -1.06
C ALA A 6 4.30 6.11 -1.84
N LEU A 7 2.96 5.92 -1.78
CA LEU A 7 2.27 4.79 -2.41
C LEU A 7 2.13 5.01 -3.92
N THR A 8 2.04 6.27 -4.36
CA THR A 8 1.87 6.63 -5.79
C THR A 8 2.94 5.95 -6.72
N PRO A 9 4.30 6.07 -6.43
CA PRO A 9 5.33 5.34 -7.21
C PRO A 9 5.16 3.80 -7.17
N ILE A 10 4.65 3.27 -6.03
CA ILE A 10 4.45 1.82 -5.84
C ILE A 10 3.36 1.29 -6.79
N PHE A 11 2.17 1.90 -6.73
CA PHE A 11 0.98 1.48 -7.52
C PHE A 11 1.24 1.71 -9.03
N ARG A 12 1.82 2.87 -9.37
CA ARG A 12 2.19 3.20 -10.76
C ARG A 12 3.27 2.25 -11.30
N GLN A 13 4.10 1.65 -10.42
CA GLN A 13 5.11 0.65 -10.85
C GLN A 13 4.44 -0.72 -11.09
N VAL A 14 3.69 -1.19 -10.07
CA VAL A 14 2.99 -2.50 -10.07
C VAL A 14 2.04 -2.65 -11.27
N PHE A 15 1.16 -1.66 -11.46
CA PHE A 15 0.19 -1.66 -12.58
C PHE A 15 0.82 -1.12 -13.88
N ASP A 16 1.97 -0.41 -13.75
CA ASP A 16 2.74 0.19 -14.88
C ASP A 16 1.89 1.23 -15.62
N ASP A 17 1.77 2.42 -15.02
CA ASP A 17 0.87 3.49 -15.48
C ASP A 17 1.34 4.85 -14.87
N ASP A 18 0.68 5.96 -15.23
CA ASP A 18 1.09 7.33 -14.82
C ASP A 18 -0.13 8.17 -14.38
N SER A 19 -1.32 7.76 -14.83
CA SER A 19 -2.58 8.48 -14.57
C SER A 19 -3.24 7.99 -13.27
N ILE A 20 -2.64 6.97 -12.61
CA ILE A 20 -3.09 6.48 -11.30
C ILE A 20 -2.93 7.59 -10.25
N VAL A 21 -4.03 8.21 -9.85
CA VAL A 21 -4.06 9.28 -8.85
C VAL A 21 -4.81 8.74 -7.63
N LEU A 22 -4.03 8.34 -6.62
CA LEU A 22 -4.56 7.65 -5.43
C LEU A 22 -5.29 8.63 -4.51
N THR A 23 -6.40 8.14 -3.96
CA THR A 23 -7.15 8.81 -2.90
C THR A 23 -7.53 7.76 -1.86
N ARG A 24 -8.11 8.23 -0.74
CA ARG A 24 -8.58 7.36 0.35
C ARG A 24 -9.94 6.70 0.00
N GLU A 25 -10.41 6.87 -1.26
CA GLU A 25 -11.63 6.22 -1.77
C GLU A 25 -11.36 5.46 -3.09
N THR A 26 -10.15 5.61 -3.67
CA THR A 26 -9.71 4.82 -4.85
C THR A 26 -9.75 3.31 -4.52
N SER A 27 -10.43 2.52 -5.35
CA SER A 27 -10.57 1.05 -5.15
C SER A 27 -10.36 0.30 -6.49
N ALA A 28 -10.63 -1.02 -6.48
CA ALA A 28 -10.73 -1.86 -7.71
C ALA A 28 -11.80 -1.34 -8.70
N ASN A 29 -12.72 -0.50 -8.22
CA ASN A 29 -13.68 0.21 -9.08
C ASN A 29 -12.94 1.24 -9.96
N ASP A 30 -11.97 1.96 -9.37
CA ASP A 30 -11.19 3.02 -10.04
C ASP A 30 -10.04 2.40 -10.85
N ILE A 31 -9.56 1.23 -10.38
CA ILE A 31 -8.51 0.45 -11.04
C ILE A 31 -9.12 -0.90 -11.46
N ASP A 32 -9.70 -0.94 -12.67
CA ASP A 32 -10.34 -2.16 -13.24
C ASP A 32 -9.34 -3.32 -13.36
N ALA A 33 -8.06 -2.97 -13.54
CA ALA A 33 -6.93 -3.91 -13.64
C ALA A 33 -6.64 -4.64 -12.32
N TRP A 34 -7.24 -4.17 -11.21
CA TRP A 34 -6.98 -4.75 -9.88
C TRP A 34 -7.70 -6.12 -9.74
N ASP A 35 -6.89 -7.17 -9.53
CA ASP A 35 -7.32 -8.54 -9.23
C ASP A 35 -6.73 -8.93 -7.86
N SER A 36 -6.98 -10.17 -7.40
CA SER A 36 -6.35 -10.69 -6.16
C SER A 36 -4.87 -11.05 -6.40
N LEU A 37 -4.50 -11.23 -7.67
CA LEU A 37 -3.09 -11.37 -8.07
C LEU A 37 -2.41 -9.99 -8.04
N SER A 38 -3.14 -8.93 -8.42
CA SER A 38 -2.66 -7.54 -8.30
C SER A 38 -2.51 -7.14 -6.81
N HIS A 39 -3.43 -7.67 -5.95
CA HIS A 39 -3.32 -7.57 -4.48
C HIS A 39 -1.94 -8.06 -4.03
N MET A 40 -1.58 -9.28 -4.47
CA MET A 40 -0.34 -9.95 -4.02
C MET A 40 0.90 -9.18 -4.51
N ASN A 41 0.88 -8.75 -5.78
CA ASN A 41 1.99 -7.97 -6.40
C ASN A 41 2.21 -6.66 -5.64
N LEU A 42 1.12 -5.93 -5.42
CA LEU A 42 1.11 -4.61 -4.77
C LEU A 42 1.56 -4.71 -3.30
N ILE A 43 1.04 -5.72 -2.59
CA ILE A 43 1.27 -5.90 -1.15
C ILE A 43 2.72 -6.32 -0.86
N VAL A 44 3.27 -7.28 -1.65
CA VAL A 44 4.66 -7.72 -1.47
C VAL A 44 5.66 -6.59 -1.82
N SER A 45 5.25 -5.69 -2.73
CA SER A 45 5.99 -4.45 -3.03
C SER A 45 6.05 -3.53 -1.81
N LEU A 46 4.93 -3.43 -1.08
CA LEU A 46 4.86 -2.64 0.17
C LEU A 46 5.76 -3.27 1.25
N GLU A 47 5.75 -4.61 1.30
CA GLU A 47 6.49 -5.38 2.31
C GLU A 47 8.00 -5.25 2.11
N VAL A 48 8.48 -5.39 0.86
CA VAL A 48 9.93 -5.33 0.56
C VAL A 48 10.48 -3.87 0.60
N HIS A 49 9.70 -2.89 0.10
CA HIS A 49 10.10 -1.47 0.10
C HIS A 49 10.09 -0.86 1.52
N TYR A 50 8.94 -0.97 2.21
CA TYR A 50 8.70 -0.30 3.52
C TYR A 50 9.16 -1.19 4.70
N LYS A 51 9.54 -2.44 4.42
CA LYS A 51 9.99 -3.43 5.42
C LYS A 51 8.81 -3.85 6.35
N ILE A 52 7.58 -3.67 5.85
CA ILE A 52 6.34 -3.93 6.62
C ILE A 52 5.79 -5.32 6.22
N LYS A 53 4.61 -5.71 6.73
CA LYS A 53 4.06 -7.06 6.48
C LYS A 53 2.52 -7.05 6.45
N PHE A 54 1.93 -7.57 5.35
CA PHE A 54 0.49 -7.85 5.28
C PHE A 54 0.27 -9.38 5.28
N ALA A 55 -0.71 -9.81 6.07
CA ALA A 55 -1.23 -11.19 6.05
C ALA A 55 -2.49 -11.21 5.19
N LEU A 56 -2.95 -12.40 4.77
CA LEU A 56 -4.20 -12.57 3.98
C LEU A 56 -5.41 -12.00 4.77
N GLY A 57 -5.31 -12.03 6.13
CA GLY A 57 -6.29 -11.37 7.00
C GLY A 57 -6.35 -9.85 6.80
N GLU A 58 -5.16 -9.23 6.60
CA GLU A 58 -5.05 -7.79 6.26
C GLU A 58 -5.64 -7.52 4.87
N LEU A 59 -5.39 -8.47 3.93
CA LEU A 59 -5.90 -8.42 2.54
C LEU A 59 -7.46 -8.43 2.51
N GLN A 60 -8.06 -9.18 3.44
CA GLN A 60 -9.53 -9.17 3.66
C GLN A 60 -10.02 -7.78 4.12
N LYS A 61 -9.19 -7.07 4.92
CA LYS A 61 -9.50 -5.72 5.42
C LYS A 61 -9.28 -4.64 4.32
N LEU A 62 -8.57 -5.01 3.22
CA LEU A 62 -8.26 -4.09 2.11
C LEU A 62 -9.41 -4.10 1.10
N LYS A 63 -10.32 -3.13 1.24
CA LYS A 63 -11.45 -2.89 0.33
C LYS A 63 -11.13 -1.74 -0.63
N ASN A 64 -10.09 -0.94 -0.30
CA ASN A 64 -9.61 0.13 -1.20
C ASN A 64 -8.21 0.62 -0.78
N VAL A 65 -7.64 1.53 -1.60
CA VAL A 65 -6.32 2.15 -1.38
C VAL A 65 -6.28 3.01 -0.09
N GLY A 66 -7.47 3.43 0.37
CA GLY A 66 -7.62 4.12 1.65
C GLY A 66 -7.36 3.19 2.83
N ASP A 67 -7.69 1.90 2.65
CA ASP A 67 -7.32 0.84 3.61
C ASP A 67 -5.80 0.63 3.59
N LEU A 68 -5.18 0.65 2.39
CA LEU A 68 -3.70 0.61 2.27
C LEU A 68 -3.07 1.83 2.96
N ALA A 69 -3.71 3.01 2.83
CA ALA A 69 -3.22 4.25 3.47
C ALA A 69 -3.17 4.10 4.99
N ASP A 70 -4.24 3.50 5.55
CA ASP A 70 -4.35 3.20 6.98
C ASP A 70 -3.29 2.17 7.42
N LEU A 71 -3.30 0.99 6.78
CA LEU A 71 -2.47 -0.15 7.19
C LEU A 71 -0.97 0.15 7.06
N VAL A 72 -0.55 0.70 5.90
CA VAL A 72 0.86 1.10 5.67
C VAL A 72 1.33 2.11 6.75
N ASP A 73 0.46 3.08 7.12
CA ASP A 73 0.80 4.11 8.14
C ASP A 73 1.00 3.48 9.53
N LYS A 74 0.13 2.50 9.84
CA LYS A 74 0.16 1.78 11.12
C LYS A 74 1.41 0.90 11.25
N LYS A 75 1.80 0.30 10.13
CA LYS A 75 2.97 -0.57 10.05
C LYS A 75 4.27 0.26 10.00
N LEU A 76 4.19 1.50 9.47
CA LEU A 76 5.32 2.45 9.48
C LEU A 76 5.49 3.08 10.88
N ALA A 77 4.39 3.10 11.66
CA ALA A 77 4.45 3.42 13.10
C ALA A 77 5.20 2.33 13.88
N ARG A 78 5.03 1.07 13.43
CA ARG A 78 5.78 -0.09 13.96
C ARG A 78 7.25 -0.05 13.47
N LYS A 79 7.45 0.45 12.22
CA LYS A 79 8.78 0.59 11.59
C LYS A 79 9.48 1.89 12.02
N LEU A 80 8.75 2.79 12.71
CA LEU A 80 9.32 4.03 13.27
C LEU A 80 10.40 3.61 14.28
N GLU A 81 11.63 4.09 14.06
CA GLU A 81 12.86 3.59 14.72
C GLU A 81 12.70 3.56 16.27
N HIS A 82 13.17 2.45 16.87
CA HIS A 82 12.96 2.09 18.29
C HIS A 82 13.41 3.20 19.26
N HIS A 83 14.50 3.89 18.91
CA HIS A 83 14.99 5.04 19.67
C HIS A 83 14.08 6.24 19.38
N HIS A 84 13.41 6.77 20.42
CA HIS A 84 12.52 7.94 20.29
C HIS A 84 13.32 9.24 20.06
N HIS A 85 14.63 9.19 20.40
CA HIS A 85 15.56 10.32 20.22
C HIS A 85 15.86 10.55 18.71
N HIS A 86 14.91 11.20 18.03
CA HIS A 86 14.97 11.56 16.59
C HIS A 86 14.01 12.75 16.34
N HIS A 87 14.13 13.41 15.18
CA HIS A 87 13.26 14.53 14.78
C HIS A 87 11.95 13.97 14.19
N MET A 1 1.26 9.80 7.79
CA MET A 1 1.91 10.99 7.19
C MET A 1 2.07 10.82 5.64
N PRO A 2 2.79 9.76 5.09
CA PRO A 2 3.01 9.59 3.64
C PRO A 2 2.01 8.60 3.02
N THR A 3 0.75 8.66 3.50
CA THR A 3 -0.28 7.63 3.26
C THR A 3 -0.51 7.33 1.75
N LEU A 4 -1.21 8.20 1.01
CA LEU A 4 -1.42 8.01 -0.44
C LEU A 4 -0.15 8.40 -1.23
N ASP A 5 0.56 9.42 -0.70
CA ASP A 5 1.74 10.07 -1.34
C ASP A 5 2.82 9.05 -1.74
N ALA A 6 3.24 8.25 -0.75
CA ALA A 6 4.34 7.27 -0.92
C ALA A 6 3.86 6.05 -1.70
N LEU A 7 2.52 5.79 -1.67
CA LEU A 7 1.92 4.66 -2.39
C LEU A 7 1.78 4.93 -3.89
N THR A 8 1.65 6.21 -4.31
CA THR A 8 1.39 6.55 -5.73
C THR A 8 2.51 6.00 -6.70
N PRO A 9 3.86 6.17 -6.42
CA PRO A 9 4.93 5.52 -7.22
C PRO A 9 4.91 3.96 -7.13
N ILE A 10 4.44 3.43 -5.98
CA ILE A 10 4.34 1.95 -5.76
C ILE A 10 3.33 1.35 -6.76
N PHE A 11 2.09 1.90 -6.73
CA PHE A 11 0.95 1.38 -7.49
C PHE A 11 1.19 1.55 -9.00
N ARG A 12 1.70 2.73 -9.40
CA ARG A 12 2.06 3.00 -10.80
C ARG A 12 3.10 1.98 -11.33
N GLN A 13 4.03 1.56 -10.45
CA GLN A 13 5.05 0.54 -10.80
C GLN A 13 4.41 -0.87 -10.94
N VAL A 14 3.65 -1.27 -9.90
CA VAL A 14 3.00 -2.59 -9.80
C VAL A 14 2.12 -2.91 -11.03
N PHE A 15 1.20 -1.98 -11.33
CA PHE A 15 0.23 -2.15 -12.41
C PHE A 15 0.84 -1.77 -13.77
N ASP A 16 2.04 -1.13 -13.75
CA ASP A 16 2.80 -0.70 -14.94
C ASP A 16 1.96 0.36 -15.72
N ASP A 17 1.88 1.55 -15.11
CA ASP A 17 0.92 2.60 -15.51
C ASP A 17 1.44 3.98 -15.03
N ASP A 18 0.74 5.04 -15.44
CA ASP A 18 1.10 6.45 -15.12
C ASP A 18 -0.17 7.28 -14.85
N SER A 19 -1.30 6.84 -15.45
CA SER A 19 -2.61 7.52 -15.33
C SER A 19 -3.20 7.36 -13.89
N ILE A 20 -2.71 6.34 -13.16
CA ILE A 20 -3.15 6.04 -11.78
C ILE A 20 -2.90 7.23 -10.83
N VAL A 21 -4.00 7.81 -10.35
CA VAL A 21 -3.99 8.87 -9.32
C VAL A 21 -4.80 8.36 -8.12
N LEU A 22 -4.11 8.08 -7.00
CA LEU A 22 -4.71 7.40 -5.85
C LEU A 22 -5.58 8.34 -5.00
N THR A 23 -6.71 7.81 -4.54
CA THR A 23 -7.59 8.45 -3.55
C THR A 23 -7.85 7.41 -2.45
N ARG A 24 -8.42 7.85 -1.33
CA ARG A 24 -8.69 6.99 -0.17
C ARG A 24 -9.76 5.93 -0.48
N GLU A 25 -10.57 6.14 -1.56
CA GLU A 25 -11.65 5.21 -1.96
C GLU A 25 -11.39 4.54 -3.33
N THR A 26 -10.17 4.73 -3.89
CA THR A 26 -9.73 3.96 -5.09
C THR A 26 -9.63 2.46 -4.75
N SER A 27 -10.16 1.57 -5.62
CA SER A 27 -10.29 0.13 -5.30
C SER A 27 -10.33 -0.73 -6.56
N ALA A 28 -10.34 -2.07 -6.37
CA ALA A 28 -10.54 -3.03 -7.44
C ALA A 28 -12.02 -3.38 -7.40
N ASN A 29 -12.78 -2.63 -8.19
CA ASN A 29 -14.20 -2.30 -7.94
C ASN A 29 -14.44 -1.00 -8.73
N ASP A 30 -13.66 0.02 -8.33
CA ASP A 30 -13.54 1.31 -9.05
C ASP A 30 -12.61 1.15 -10.28
N ILE A 31 -11.75 0.10 -10.28
CA ILE A 31 -10.72 -0.12 -11.33
C ILE A 31 -10.81 -1.58 -11.84
N ASP A 32 -10.70 -1.76 -13.18
CA ASP A 32 -10.75 -3.08 -13.85
C ASP A 32 -9.36 -3.72 -13.89
N ALA A 33 -8.31 -2.90 -14.16
CA ALA A 33 -6.90 -3.37 -14.37
C ALA A 33 -6.31 -4.05 -13.11
N TRP A 34 -6.94 -3.81 -11.96
CA TRP A 34 -6.48 -4.29 -10.66
C TRP A 34 -7.16 -5.64 -10.35
N ASP A 35 -6.68 -6.72 -11.01
CA ASP A 35 -7.10 -8.12 -10.72
C ASP A 35 -6.41 -8.65 -9.44
N SER A 36 -6.79 -9.85 -8.97
CA SER A 36 -6.33 -10.41 -7.67
C SER A 36 -4.81 -10.66 -7.66
N LEU A 37 -4.26 -11.10 -8.82
CA LEU A 37 -2.82 -11.34 -8.98
C LEU A 37 -2.03 -10.01 -8.96
N SER A 38 -2.69 -8.92 -9.38
CA SER A 38 -2.14 -7.56 -9.26
C SER A 38 -2.13 -7.08 -7.80
N HIS A 39 -3.11 -7.54 -6.97
CA HIS A 39 -3.10 -7.32 -5.50
C HIS A 39 -1.91 -8.06 -4.85
N MET A 40 -1.64 -9.28 -5.33
CA MET A 40 -0.52 -10.09 -4.84
C MET A 40 0.81 -9.35 -5.06
N ASN A 41 0.99 -8.82 -6.29
CA ASN A 41 2.17 -8.01 -6.65
C ASN A 41 2.20 -6.69 -5.85
N LEU A 42 1.01 -6.11 -5.62
CA LEU A 42 0.85 -4.82 -4.91
C LEU A 42 1.35 -4.91 -3.46
N ILE A 43 0.82 -5.89 -2.72
CA ILE A 43 1.13 -6.09 -1.30
C ILE A 43 2.61 -6.47 -1.11
N VAL A 44 3.14 -7.40 -1.93
CA VAL A 44 4.54 -7.86 -1.79
C VAL A 44 5.54 -6.73 -2.13
N SER A 45 5.14 -5.80 -3.03
CA SER A 45 5.91 -4.58 -3.33
C SER A 45 6.01 -3.70 -2.08
N LEU A 46 4.88 -3.57 -1.35
CA LEU A 46 4.84 -2.80 -0.09
C LEU A 46 5.74 -3.46 0.97
N GLU A 47 5.64 -4.80 1.05
CA GLU A 47 6.37 -5.62 2.04
C GLU A 47 7.89 -5.49 1.86
N VAL A 48 8.38 -5.55 0.60
CA VAL A 48 9.82 -5.47 0.31
C VAL A 48 10.36 -4.01 0.36
N HIS A 49 9.60 -3.04 -0.21
CA HIS A 49 10.00 -1.60 -0.27
C HIS A 49 10.10 -0.99 1.15
N TYR A 50 9.01 -1.12 1.93
CA TYR A 50 8.92 -0.52 3.28
C TYR A 50 9.46 -1.48 4.37
N LYS A 51 9.85 -2.72 3.97
CA LYS A 51 10.32 -3.78 4.91
C LYS A 51 9.21 -4.12 5.95
N ILE A 52 7.97 -4.20 5.46
CA ILE A 52 6.76 -4.45 6.28
C ILE A 52 6.14 -5.82 5.93
N LYS A 53 4.97 -6.13 6.51
CA LYS A 53 4.28 -7.42 6.30
C LYS A 53 2.80 -7.27 6.70
N PHE A 54 1.88 -7.74 5.82
CA PHE A 54 0.41 -7.73 6.09
C PHE A 54 -0.07 -9.16 6.37
N ALA A 55 -1.13 -9.28 7.17
CA ALA A 55 -1.84 -10.55 7.37
C ALA A 55 -2.95 -10.65 6.30
N LEU A 56 -3.25 -11.88 5.85
CA LEU A 56 -4.36 -12.15 4.90
C LEU A 56 -5.71 -11.74 5.55
N GLY A 57 -5.78 -11.82 6.89
CA GLY A 57 -6.91 -11.28 7.65
C GLY A 57 -7.10 -9.78 7.42
N GLU A 58 -5.97 -9.04 7.35
CA GLU A 58 -5.96 -7.60 7.05
C GLU A 58 -6.32 -7.35 5.58
N LEU A 59 -5.94 -8.28 4.67
CA LEU A 59 -6.30 -8.24 3.22
C LEU A 59 -7.84 -8.22 3.02
N GLN A 60 -8.55 -8.98 3.86
CA GLN A 60 -10.04 -9.01 3.87
C GLN A 60 -10.64 -7.66 4.35
N LYS A 61 -9.83 -6.87 5.07
CA LYS A 61 -10.21 -5.53 5.55
C LYS A 61 -9.70 -4.42 4.61
N LEU A 62 -8.79 -4.78 3.67
CA LEU A 62 -8.24 -3.83 2.68
C LEU A 62 -9.26 -3.70 1.52
N LYS A 63 -10.22 -2.75 1.66
CA LYS A 63 -11.28 -2.52 0.65
C LYS A 63 -10.78 -1.50 -0.38
N ASN A 64 -9.88 -0.59 0.04
CA ASN A 64 -9.38 0.51 -0.83
C ASN A 64 -7.86 0.74 -0.64
N VAL A 65 -7.32 1.64 -1.48
CA VAL A 65 -5.97 2.22 -1.35
C VAL A 65 -5.83 2.98 -0.04
N GLY A 66 -6.94 3.58 0.43
CA GLY A 66 -6.98 4.27 1.73
C GLY A 66 -6.78 3.32 2.89
N ASP A 67 -7.31 2.08 2.74
CA ASP A 67 -7.08 0.98 3.71
C ASP A 67 -5.62 0.56 3.70
N LEU A 68 -5.03 0.41 2.49
CA LEU A 68 -3.56 0.18 2.35
C LEU A 68 -2.78 1.34 3.00
N ALA A 69 -3.20 2.57 2.73
CA ALA A 69 -2.53 3.79 3.20
C ALA A 69 -2.51 3.83 4.73
N ASP A 70 -3.62 3.38 5.31
CA ASP A 70 -3.79 3.25 6.76
C ASP A 70 -2.84 2.18 7.32
N LEU A 71 -2.88 0.97 6.71
CA LEU A 71 -2.13 -0.21 7.21
C LEU A 71 -0.61 -0.03 7.04
N VAL A 72 -0.15 0.38 5.84
CA VAL A 72 1.26 0.75 5.54
C VAL A 72 1.77 1.76 6.59
N ASP A 73 0.95 2.79 6.89
CA ASP A 73 1.29 3.84 7.87
C ASP A 73 1.31 3.29 9.31
N LYS A 74 0.47 2.28 9.57
CA LYS A 74 0.45 1.55 10.87
C LYS A 74 1.78 0.81 11.06
N LYS A 75 2.33 0.26 9.95
CA LYS A 75 3.60 -0.48 9.96
C LYS A 75 4.78 0.53 10.14
N LEU A 76 4.66 1.69 9.47
CA LEU A 76 5.62 2.81 9.57
C LEU A 76 5.69 3.34 11.02
N ALA A 77 4.52 3.34 11.70
CA ALA A 77 4.39 3.72 13.12
C ALA A 77 5.08 2.69 14.05
N ARG A 78 5.07 1.41 13.63
CA ARG A 78 5.80 0.33 14.33
C ARG A 78 7.33 0.48 14.10
N LYS A 79 7.71 1.12 12.97
CA LYS A 79 9.13 1.37 12.61
C LYS A 79 9.73 2.56 13.38
N LEU A 80 8.87 3.31 14.12
CA LEU A 80 9.30 4.48 14.94
C LEU A 80 10.36 4.03 15.98
N GLU A 81 11.62 4.20 15.56
CA GLU A 81 12.80 3.70 16.26
C GLU A 81 13.14 4.65 17.44
N HIS A 82 13.55 4.07 18.58
CA HIS A 82 13.72 4.80 19.86
C HIS A 82 14.75 5.95 19.73
N HIS A 83 15.92 5.63 19.16
CA HIS A 83 17.00 6.59 18.85
C HIS A 83 18.15 5.85 18.16
N HIS A 84 18.70 6.46 17.13
CA HIS A 84 19.85 5.94 16.38
C HIS A 84 21.16 6.38 17.07
N HIS A 85 22.32 6.17 16.41
CA HIS A 85 23.64 6.47 17.02
C HIS A 85 23.82 7.97 17.32
N HIS A 86 23.29 8.83 16.41
CA HIS A 86 23.30 10.29 16.57
C HIS A 86 21.89 10.80 16.90
N HIS A 87 20.91 10.49 16.03
CA HIS A 87 19.52 10.99 16.15
C HIS A 87 18.55 9.92 15.59
N MET A 1 1.03 12.87 6.45
CA MET A 1 1.38 11.43 6.55
C MET A 1 1.60 10.88 5.13
N PRO A 2 2.61 9.98 4.91
CA PRO A 2 2.93 9.43 3.57
C PRO A 2 2.03 8.23 3.19
N THR A 3 0.74 8.34 3.52
CA THR A 3 -0.24 7.27 3.33
C THR A 3 -0.43 6.96 1.82
N LEU A 4 -1.08 7.86 1.09
CA LEU A 4 -1.32 7.71 -0.37
C LEU A 4 -0.05 8.07 -1.17
N ASP A 5 0.76 9.00 -0.59
CA ASP A 5 2.00 9.52 -1.22
C ASP A 5 2.99 8.38 -1.54
N ALA A 6 3.26 7.54 -0.52
CA ALA A 6 4.21 6.41 -0.64
C ALA A 6 3.70 5.33 -1.63
N LEU A 7 2.37 5.18 -1.66
CA LEU A 7 1.70 4.18 -2.51
C LEU A 7 1.72 4.57 -4.00
N THR A 8 1.62 5.88 -4.29
CA THR A 8 1.51 6.40 -5.68
C THR A 8 2.56 5.82 -6.68
N PRO A 9 3.93 5.87 -6.40
CA PRO A 9 4.95 5.25 -7.28
C PRO A 9 4.80 3.71 -7.40
N ILE A 10 4.30 3.09 -6.32
CA ILE A 10 4.17 1.61 -6.22
C ILE A 10 3.07 1.11 -7.18
N PHE A 11 1.92 1.81 -7.19
CA PHE A 11 0.77 1.48 -8.04
C PHE A 11 1.10 1.70 -9.52
N ARG A 12 1.64 2.89 -9.82
CA ARG A 12 2.01 3.27 -11.19
C ARG A 12 3.13 2.39 -11.78
N GLN A 13 3.91 1.74 -10.90
CA GLN A 13 4.94 0.74 -11.30
C GLN A 13 4.28 -0.63 -11.59
N VAL A 14 3.56 -1.18 -10.57
CA VAL A 14 2.95 -2.53 -10.61
C VAL A 14 1.91 -2.65 -11.73
N PHE A 15 0.96 -1.70 -11.76
CA PHE A 15 -0.12 -1.67 -12.76
C PHE A 15 0.35 -1.02 -14.08
N ASP A 16 1.55 -0.36 -14.04
CA ASP A 16 2.24 0.19 -15.24
C ASP A 16 1.39 1.31 -15.88
N ASP A 17 0.65 2.04 -15.04
CA ASP A 17 -0.30 3.08 -15.48
C ASP A 17 -0.17 4.32 -14.58
N ASP A 18 0.19 5.46 -15.20
CA ASP A 18 0.36 6.76 -14.50
C ASP A 18 -1.00 7.46 -14.26
N SER A 19 -2.05 7.00 -14.98
CA SER A 19 -3.41 7.60 -14.90
C SER A 19 -4.04 7.38 -13.51
N ILE A 20 -3.48 6.41 -12.75
CA ILE A 20 -3.84 6.13 -11.36
C ILE A 20 -3.56 7.35 -10.46
N VAL A 21 -4.63 7.96 -9.93
CA VAL A 21 -4.55 9.03 -8.92
C VAL A 21 -5.35 8.55 -7.69
N LEU A 22 -4.63 8.29 -6.59
CA LEU A 22 -5.17 7.60 -5.42
C LEU A 22 -5.99 8.54 -4.52
N THR A 23 -7.09 8.00 -4.00
CA THR A 23 -7.91 8.63 -2.95
C THR A 23 -8.13 7.61 -1.83
N ARG A 24 -8.83 8.04 -0.77
CA ARG A 24 -9.23 7.16 0.35
C ARG A 24 -10.31 6.14 -0.09
N GLU A 25 -10.91 6.34 -1.28
CA GLU A 25 -12.03 5.51 -1.81
C GLU A 25 -11.66 4.82 -3.14
N THR A 26 -10.46 5.09 -3.70
CA THR A 26 -9.92 4.31 -4.85
C THR A 26 -9.68 2.86 -4.37
N SER A 27 -9.93 1.86 -5.22
CA SER A 27 -9.84 0.44 -4.84
C SER A 27 -9.73 -0.48 -6.09
N ALA A 28 -9.85 -1.80 -5.85
CA ALA A 28 -9.86 -2.84 -6.90
C ALA A 28 -10.97 -2.60 -7.96
N ASN A 29 -12.06 -1.93 -7.52
CA ASN A 29 -13.20 -1.54 -8.37
C ASN A 29 -12.79 -0.48 -9.43
N ASP A 30 -11.90 0.44 -9.03
CA ASP A 30 -11.56 1.64 -9.82
C ASP A 30 -10.46 1.38 -10.87
N ILE A 31 -9.76 0.25 -10.74
CA ILE A 31 -8.68 -0.15 -11.68
C ILE A 31 -9.07 -1.50 -12.29
N ASP A 32 -9.40 -1.49 -13.59
CA ASP A 32 -9.87 -2.70 -14.32
C ASP A 32 -8.80 -3.82 -14.33
N ALA A 33 -7.53 -3.42 -14.48
CA ALA A 33 -6.39 -4.36 -14.54
C ALA A 33 -6.02 -4.94 -13.14
N TRP A 34 -6.69 -4.47 -12.07
CA TRP A 34 -6.45 -4.93 -10.69
C TRP A 34 -7.15 -6.29 -10.44
N ASP A 35 -6.51 -7.39 -10.89
CA ASP A 35 -6.86 -8.75 -10.45
C ASP A 35 -6.38 -9.02 -9.02
N SER A 36 -6.76 -10.19 -8.49
CA SER A 36 -6.25 -10.74 -7.21
C SER A 36 -4.74 -10.93 -7.28
N LEU A 37 -4.31 -11.34 -8.47
CA LEU A 37 -2.90 -11.56 -8.82
C LEU A 37 -2.14 -10.22 -8.74
N SER A 38 -2.75 -9.16 -9.31
CA SER A 38 -2.19 -7.79 -9.34
C SER A 38 -2.17 -7.18 -7.91
N HIS A 39 -3.19 -7.53 -7.10
CA HIS A 39 -3.31 -7.14 -5.68
C HIS A 39 -2.12 -7.71 -4.89
N MET A 40 -1.79 -8.98 -5.15
CA MET A 40 -0.67 -9.67 -4.50
C MET A 40 0.68 -9.08 -4.94
N ASN A 41 0.80 -8.70 -6.23
CA ASN A 41 2.02 -8.00 -6.76
C ASN A 41 2.23 -6.67 -6.00
N LEU A 42 1.12 -5.96 -5.77
CA LEU A 42 1.13 -4.65 -5.10
C LEU A 42 1.63 -4.78 -3.64
N ILE A 43 1.04 -5.72 -2.90
CA ILE A 43 1.34 -5.93 -1.47
C ILE A 43 2.80 -6.40 -1.27
N VAL A 44 3.28 -7.38 -2.09
CA VAL A 44 4.65 -7.92 -1.96
C VAL A 44 5.73 -6.86 -2.31
N SER A 45 5.36 -5.89 -3.17
CA SER A 45 6.20 -4.71 -3.46
C SER A 45 6.39 -3.85 -2.21
N LEU A 46 5.29 -3.61 -1.47
CA LEU A 46 5.32 -2.81 -0.24
C LEU A 46 6.17 -3.50 0.87
N GLU A 47 6.10 -4.84 0.90
CA GLU A 47 6.87 -5.68 1.84
C GLU A 47 8.38 -5.44 1.70
N VAL A 48 8.88 -5.67 0.47
CA VAL A 48 10.33 -5.60 0.18
C VAL A 48 10.85 -4.16 0.27
N HIS A 49 10.05 -3.18 -0.21
CA HIS A 49 10.40 -1.75 -0.18
C HIS A 49 10.58 -1.22 1.27
N TYR A 50 9.50 -1.30 2.04
CA TYR A 50 9.41 -0.65 3.37
C TYR A 50 9.81 -1.59 4.52
N LYS A 51 10.20 -2.85 4.17
CA LYS A 51 10.65 -3.89 5.14
C LYS A 51 9.53 -4.22 6.16
N ILE A 52 8.27 -4.18 5.67
CA ILE A 52 7.06 -4.34 6.52
C ILE A 52 6.43 -5.73 6.27
N LYS A 53 5.35 -6.03 7.01
CA LYS A 53 4.69 -7.35 6.95
C LYS A 53 3.17 -7.14 7.06
N PHE A 54 2.45 -7.33 5.95
CA PHE A 54 0.99 -7.41 5.93
C PHE A 54 0.55 -8.83 6.30
N ALA A 55 -0.42 -8.92 7.20
CA ALA A 55 -1.10 -10.18 7.53
C ALA A 55 -2.32 -10.28 6.59
N LEU A 56 -2.64 -11.51 6.13
CA LEU A 56 -3.79 -11.77 5.23
C LEU A 56 -5.11 -11.27 5.86
N GLY A 57 -5.22 -11.41 7.19
CA GLY A 57 -6.37 -10.91 7.94
C GLY A 57 -6.53 -9.38 7.82
N GLU A 58 -5.38 -8.66 7.85
CA GLU A 58 -5.34 -7.19 7.66
C GLU A 58 -5.79 -6.83 6.24
N LEU A 59 -5.39 -7.66 5.26
CA LEU A 59 -5.75 -7.44 3.83
C LEU A 59 -7.27 -7.59 3.59
N GLN A 60 -7.90 -8.49 4.36
CA GLN A 60 -9.38 -8.64 4.38
C GLN A 60 -10.06 -7.43 5.04
N LYS A 61 -9.32 -6.71 5.90
CA LYS A 61 -9.79 -5.47 6.54
C LYS A 61 -9.52 -4.23 5.65
N LEU A 62 -8.88 -4.44 4.47
CA LEU A 62 -8.62 -3.36 3.50
C LEU A 62 -9.61 -3.47 2.35
N LYS A 63 -10.49 -2.45 2.18
CA LYS A 63 -11.46 -2.41 1.07
C LYS A 63 -10.95 -1.45 -0.01
N ASN A 64 -10.19 -0.44 0.40
CA ASN A 64 -9.68 0.61 -0.49
C ASN A 64 -8.19 0.83 -0.28
N VAL A 65 -7.60 1.59 -1.22
CA VAL A 65 -6.24 2.12 -1.15
C VAL A 65 -6.08 3.03 0.08
N GLY A 66 -7.17 3.68 0.50
CA GLY A 66 -7.19 4.52 1.71
C GLY A 66 -7.01 3.70 2.98
N ASP A 67 -7.64 2.51 3.00
CA ASP A 67 -7.45 1.51 4.08
C ASP A 67 -6.02 0.99 4.06
N LEU A 68 -5.55 0.62 2.86
CA LEU A 68 -4.18 0.12 2.63
C LEU A 68 -3.13 1.18 3.02
N ALA A 69 -3.47 2.46 2.77
CA ALA A 69 -2.61 3.61 3.05
C ALA A 69 -2.45 3.84 4.55
N ASP A 70 -3.61 3.73 5.23
CA ASP A 70 -3.69 3.75 6.69
C ASP A 70 -2.86 2.62 7.30
N LEU A 71 -2.92 1.44 6.66
CA LEU A 71 -2.26 0.21 7.16
C LEU A 71 -0.72 0.33 7.00
N VAL A 72 -0.25 0.85 5.84
CA VAL A 72 1.18 1.16 5.61
C VAL A 72 1.70 2.17 6.67
N ASP A 73 0.85 3.17 6.96
CA ASP A 73 1.12 4.22 7.97
C ASP A 73 1.28 3.61 9.39
N LYS A 74 0.47 2.56 9.66
CA LYS A 74 0.53 1.80 10.93
C LYS A 74 1.86 1.05 11.03
N LYS A 75 2.32 0.49 9.90
CA LYS A 75 3.58 -0.26 9.82
C LYS A 75 4.79 0.67 10.02
N LEU A 76 4.73 1.85 9.37
CA LEU A 76 5.77 2.88 9.47
C LEU A 76 5.82 3.47 10.89
N ALA A 77 4.66 3.47 11.59
CA ALA A 77 4.58 3.83 13.02
C ALA A 77 5.35 2.80 13.88
N ARG A 78 5.21 1.51 13.53
CA ARG A 78 5.91 0.41 14.23
C ARG A 78 7.41 0.37 13.85
N LYS A 79 7.77 1.04 12.75
CA LYS A 79 9.18 1.24 12.35
C LYS A 79 9.86 2.28 13.27
N LEU A 80 9.08 3.24 13.80
CA LEU A 80 9.58 4.25 14.75
C LEU A 80 9.40 3.78 16.22
N GLU A 81 9.15 2.46 16.42
CA GLU A 81 9.18 1.83 17.76
C GLU A 81 10.61 1.79 18.31
N HIS A 82 11.58 1.42 17.45
CA HIS A 82 13.00 1.45 17.82
C HIS A 82 13.49 2.92 17.87
N HIS A 83 13.48 3.48 19.09
CA HIS A 83 13.84 4.88 19.35
C HIS A 83 15.36 5.07 19.35
N HIS A 84 15.91 5.25 18.14
CA HIS A 84 17.32 5.62 17.94
C HIS A 84 17.45 7.14 17.96
N HIS A 85 18.58 7.63 18.49
CA HIS A 85 18.89 9.06 18.52
C HIS A 85 19.27 9.50 17.09
N HIS A 86 18.52 10.47 16.54
CA HIS A 86 18.75 11.00 15.18
C HIS A 86 20.03 11.88 15.16
N HIS A 87 20.46 12.34 16.35
CA HIS A 87 21.75 13.03 16.54
C HIS A 87 22.42 12.53 17.84
N MET A 1 2.95 12.57 6.33
CA MET A 1 2.61 11.14 6.39
C MET A 1 2.66 10.53 4.98
N PRO A 2 3.31 9.34 4.78
CA PRO A 2 3.50 8.73 3.45
C PRO A 2 2.33 7.80 3.06
N THR A 3 1.10 8.26 3.35
CA THR A 3 -0.12 7.47 3.19
C THR A 3 -0.46 7.27 1.69
N LEU A 4 -1.01 8.30 1.01
CA LEU A 4 -1.24 8.25 -0.45
C LEU A 4 0.07 8.59 -1.18
N ASP A 5 0.91 9.41 -0.51
CA ASP A 5 2.21 9.94 -1.02
C ASP A 5 3.12 8.83 -1.56
N ALA A 6 3.49 7.91 -0.66
CA ALA A 6 4.46 6.86 -0.96
C ALA A 6 3.85 5.72 -1.79
N LEU A 7 2.52 5.52 -1.67
CA LEU A 7 1.80 4.46 -2.41
C LEU A 7 1.78 4.74 -3.93
N THR A 8 1.73 6.03 -4.31
CA THR A 8 1.59 6.44 -5.74
C THR A 8 2.74 5.87 -6.66
N PRO A 9 4.10 5.98 -6.28
CA PRO A 9 5.20 5.29 -7.00
C PRO A 9 5.01 3.77 -7.14
N ILE A 10 4.51 3.13 -6.05
CA ILE A 10 4.34 1.66 -5.98
C ILE A 10 3.32 1.19 -7.04
N PHE A 11 2.14 1.80 -7.01
CA PHE A 11 1.00 1.44 -7.87
C PHE A 11 1.35 1.75 -9.36
N ARG A 12 1.92 2.94 -9.61
CA ARG A 12 2.33 3.36 -10.97
C ARG A 12 3.37 2.40 -11.56
N GLN A 13 4.23 1.80 -10.71
CA GLN A 13 5.25 0.84 -11.17
C GLN A 13 4.61 -0.55 -11.46
N VAL A 14 3.92 -1.12 -10.45
CA VAL A 14 3.27 -2.45 -10.52
C VAL A 14 2.34 -2.56 -11.74
N PHE A 15 1.46 -1.56 -11.90
CA PHE A 15 0.48 -1.51 -13.00
C PHE A 15 1.10 -0.94 -14.29
N ASP A 16 2.24 -0.22 -14.15
CA ASP A 16 2.97 0.41 -15.28
C ASP A 16 2.08 1.49 -15.93
N ASP A 17 2.05 2.67 -15.31
CA ASP A 17 1.08 3.73 -15.62
C ASP A 17 1.59 5.07 -15.04
N ASP A 18 0.90 6.18 -15.39
CA ASP A 18 1.29 7.55 -14.98
C ASP A 18 0.04 8.36 -14.58
N SER A 19 -1.14 7.90 -15.02
CA SER A 19 -2.44 8.54 -14.74
C SER A 19 -3.02 8.12 -13.37
N ILE A 20 -2.39 7.12 -12.70
CA ILE A 20 -2.77 6.69 -11.34
C ILE A 20 -2.57 7.83 -10.34
N VAL A 21 -3.67 8.50 -9.94
CA VAL A 21 -3.65 9.59 -8.96
C VAL A 21 -4.56 9.15 -7.82
N LEU A 22 -3.95 8.39 -6.88
CA LEU A 22 -4.65 7.65 -5.82
C LEU A 22 -5.53 8.56 -4.94
N THR A 23 -6.74 8.05 -4.69
CA THR A 23 -7.68 8.61 -3.73
C THR A 23 -7.91 7.52 -2.67
N ARG A 24 -8.74 7.81 -1.68
CA ARG A 24 -9.13 6.79 -0.69
C ARG A 24 -10.01 5.74 -1.37
N GLU A 25 -10.97 6.19 -2.22
CA GLU A 25 -11.99 5.31 -2.81
C GLU A 25 -11.45 4.49 -4.01
N THR A 26 -10.19 4.74 -4.42
CA THR A 26 -9.51 3.92 -5.43
C THR A 26 -9.42 2.47 -4.93
N SER A 27 -9.60 1.49 -5.82
CA SER A 27 -9.71 0.08 -5.47
C SER A 27 -9.56 -0.78 -6.72
N ALA A 28 -9.64 -2.10 -6.53
CA ALA A 28 -9.66 -3.07 -7.64
C ALA A 28 -11.03 -3.09 -8.36
N ASN A 29 -12.01 -2.37 -7.79
CA ASN A 29 -13.28 -2.08 -8.47
C ASN A 29 -13.09 -0.85 -9.38
N ASP A 30 -12.37 0.15 -8.85
CA ASP A 30 -12.07 1.44 -9.52
C ASP A 30 -10.93 1.28 -10.56
N ILE A 31 -10.16 0.17 -10.45
CA ILE A 31 -9.09 -0.21 -11.40
C ILE A 31 -9.44 -1.61 -11.94
N ASP A 32 -9.85 -1.66 -13.21
CA ASP A 32 -10.43 -2.88 -13.84
C ASP A 32 -9.34 -3.96 -14.03
N ALA A 33 -8.10 -3.52 -14.27
CA ALA A 33 -6.96 -4.42 -14.53
C ALA A 33 -6.32 -4.95 -13.22
N TRP A 34 -6.82 -4.50 -12.06
CA TRP A 34 -6.31 -4.93 -10.74
C TRP A 34 -6.97 -6.28 -10.36
N ASP A 35 -6.49 -7.36 -11.01
CA ASP A 35 -6.88 -8.77 -10.74
C ASP A 35 -6.63 -9.15 -9.26
N SER A 36 -7.16 -10.30 -8.82
CA SER A 36 -7.06 -10.77 -7.43
C SER A 36 -5.57 -11.00 -7.07
N LEU A 37 -4.84 -11.65 -8.00
CA LEU A 37 -3.40 -11.97 -7.83
C LEU A 37 -2.51 -10.75 -8.17
N SER A 38 -3.09 -9.68 -8.77
CA SER A 38 -2.39 -8.40 -8.94
C SER A 38 -2.15 -7.76 -7.56
N HIS A 39 -3.10 -7.99 -6.62
CA HIS A 39 -2.92 -7.66 -5.20
C HIS A 39 -1.66 -8.31 -4.61
N MET A 40 -1.38 -9.58 -4.97
CA MET A 40 -0.18 -10.30 -4.46
C MET A 40 1.12 -9.56 -4.83
N ASN A 41 1.12 -8.90 -6.00
CA ASN A 41 2.21 -8.01 -6.44
C ASN A 41 2.29 -6.73 -5.57
N LEU A 42 1.11 -6.22 -5.16
CA LEU A 42 1.01 -5.06 -4.22
C LEU A 42 1.60 -5.43 -2.86
N ILE A 43 1.12 -6.56 -2.26
CA ILE A 43 1.54 -7.04 -0.93
C ILE A 43 3.07 -7.12 -0.84
N VAL A 44 3.69 -7.89 -1.75
CA VAL A 44 5.13 -8.15 -1.72
C VAL A 44 5.95 -6.85 -1.91
N SER A 45 5.44 -5.93 -2.77
CA SER A 45 6.08 -4.62 -3.00
C SER A 45 6.03 -3.75 -1.73
N LEU A 46 4.87 -3.68 -1.07
CA LEU A 46 4.68 -2.83 0.12
C LEU A 46 5.55 -3.36 1.30
N GLU A 47 5.61 -4.68 1.44
CA GLU A 47 6.40 -5.36 2.46
C GLU A 47 7.90 -5.05 2.32
N VAL A 48 8.47 -5.25 1.11
CA VAL A 48 9.92 -5.11 0.89
C VAL A 48 10.39 -3.64 0.81
N HIS A 49 9.61 -2.77 0.11
CA HIS A 49 9.96 -1.33 -0.08
C HIS A 49 9.94 -0.56 1.26
N TYR A 50 8.84 -0.71 2.01
CA TYR A 50 8.63 -0.02 3.30
C TYR A 50 9.26 -0.79 4.49
N LYS A 51 9.66 -2.05 4.22
CA LYS A 51 10.27 -2.97 5.23
C LYS A 51 9.26 -3.33 6.33
N ILE A 52 7.95 -3.28 5.99
CA ILE A 52 6.86 -3.43 6.97
C ILE A 52 6.37 -4.88 6.99
N LYS A 53 5.44 -5.18 7.92
CA LYS A 53 4.92 -6.55 8.12
C LYS A 53 3.40 -6.47 8.34
N PHE A 54 2.64 -6.96 7.35
CA PHE A 54 1.19 -7.20 7.48
C PHE A 54 0.85 -8.63 7.05
N ALA A 55 -0.28 -9.11 7.56
CA ALA A 55 -0.81 -10.45 7.27
C ALA A 55 -1.93 -10.33 6.22
N LEU A 56 -1.99 -11.31 5.31
CA LEU A 56 -2.96 -11.34 4.18
C LEU A 56 -4.42 -11.29 4.69
N GLY A 57 -4.65 -11.77 5.93
CA GLY A 57 -5.95 -11.65 6.60
C GLY A 57 -6.41 -10.19 6.75
N GLU A 58 -5.46 -9.30 7.12
CA GLU A 58 -5.67 -7.84 7.19
C GLU A 58 -6.03 -7.28 5.80
N LEU A 59 -5.35 -7.81 4.77
CA LEU A 59 -5.51 -7.37 3.35
C LEU A 59 -6.91 -7.69 2.81
N GLN A 60 -7.50 -8.81 3.25
CA GLN A 60 -8.90 -9.18 2.92
C GLN A 60 -9.91 -8.15 3.47
N LYS A 61 -9.51 -7.42 4.52
CA LYS A 61 -10.33 -6.36 5.15
C LYS A 61 -10.11 -4.99 4.49
N LEU A 62 -9.05 -4.88 3.65
CA LEU A 62 -8.70 -3.62 2.97
C LEU A 62 -9.48 -3.55 1.65
N LYS A 63 -10.59 -2.81 1.68
CA LYS A 63 -11.58 -2.74 0.60
C LYS A 63 -11.19 -1.65 -0.43
N ASN A 64 -10.37 -0.67 0.00
CA ASN A 64 -9.92 0.43 -0.88
C ASN A 64 -8.55 1.00 -0.40
N VAL A 65 -7.98 1.94 -1.19
CA VAL A 65 -6.64 2.52 -0.95
C VAL A 65 -6.66 3.49 0.26
N GLY A 66 -7.88 3.82 0.73
CA GLY A 66 -8.05 4.52 2.00
C GLY A 66 -7.67 3.64 3.18
N ASP A 67 -8.03 2.35 3.07
CA ASP A 67 -7.62 1.32 4.03
C ASP A 67 -6.11 1.10 3.94
N LEU A 68 -5.56 1.04 2.70
CA LEU A 68 -4.10 0.89 2.47
C LEU A 68 -3.31 2.10 3.00
N ALA A 69 -3.86 3.30 2.84
CA ALA A 69 -3.20 4.56 3.26
C ALA A 69 -2.95 4.53 4.77
N ASP A 70 -4.04 4.26 5.51
CA ASP A 70 -4.02 4.09 6.96
C ASP A 70 -3.10 2.92 7.36
N LEU A 71 -3.31 1.76 6.72
CA LEU A 71 -2.62 0.47 7.03
C LEU A 71 -1.10 0.59 6.94
N VAL A 72 -0.62 0.98 5.75
CA VAL A 72 0.81 1.11 5.46
C VAL A 72 1.47 2.12 6.43
N ASP A 73 0.75 3.20 6.78
CA ASP A 73 1.20 4.21 7.76
C ASP A 73 1.26 3.62 9.20
N LYS A 74 0.29 2.73 9.54
CA LYS A 74 0.26 2.06 10.88
C LYS A 74 1.50 1.17 11.04
N LYS A 75 1.83 0.49 9.94
CA LYS A 75 2.95 -0.44 9.87
C LYS A 75 4.29 0.31 9.94
N LEU A 76 4.33 1.48 9.27
CA LEU A 76 5.49 2.39 9.29
C LEU A 76 5.66 3.04 10.67
N ALA A 77 4.54 3.22 11.39
CA ALA A 77 4.55 3.70 12.79
C ALA A 77 5.17 2.64 13.71
N ARG A 78 4.88 1.36 13.40
CA ARG A 78 5.48 0.21 14.08
C ARG A 78 6.98 0.07 13.72
N LYS A 79 7.37 0.60 12.55
CA LYS A 79 8.77 0.58 12.07
C LYS A 79 9.63 1.63 12.77
N LEU A 80 9.01 2.56 13.53
CA LEU A 80 9.74 3.57 14.33
C LEU A 80 10.54 2.89 15.45
N GLU A 81 11.74 2.45 15.08
CA GLU A 81 12.73 1.83 15.97
C GLU A 81 13.87 2.83 16.13
N HIS A 82 14.51 2.83 17.29
CA HIS A 82 15.67 3.69 17.57
C HIS A 82 16.90 3.26 16.74
N HIS A 83 16.86 2.01 16.24
CA HIS A 83 17.95 1.35 15.52
C HIS A 83 19.13 1.13 16.48
N HIS A 84 19.20 -0.08 17.03
CA HIS A 84 20.23 -0.49 17.98
C HIS A 84 21.61 -0.56 17.29
N HIS A 85 22.67 -0.16 18.01
CA HIS A 85 24.07 -0.22 17.52
C HIS A 85 24.70 -1.60 17.85
N HIS A 86 23.90 -2.66 17.63
CA HIS A 86 24.27 -4.07 17.84
C HIS A 86 24.35 -4.79 16.47
N HIS A 87 23.70 -4.20 15.44
CA HIS A 87 23.55 -4.77 14.09
C HIS A 87 22.64 -6.02 14.14
N MET A 1 1.01 9.94 7.73
CA MET A 1 1.61 11.18 7.16
C MET A 1 1.99 10.98 5.66
N PRO A 2 2.90 10.00 5.27
CA PRO A 2 3.36 9.85 3.87
C PRO A 2 2.56 8.75 3.15
N THR A 3 1.28 8.63 3.51
CA THR A 3 0.45 7.45 3.21
C THR A 3 0.22 7.24 1.70
N LEU A 4 -0.67 8.05 1.07
CA LEU A 4 -1.01 7.94 -0.37
C LEU A 4 0.25 8.20 -1.22
N ASP A 5 1.07 9.16 -0.74
CA ASP A 5 2.31 9.61 -1.40
C ASP A 5 3.27 8.43 -1.64
N ALA A 6 3.53 7.68 -0.57
CA ALA A 6 4.45 6.51 -0.60
C ALA A 6 3.87 5.38 -1.46
N LEU A 7 2.54 5.24 -1.41
CA LEU A 7 1.81 4.23 -2.20
C LEU A 7 1.89 4.55 -3.71
N THR A 8 1.88 5.85 -4.07
CA THR A 8 1.77 6.30 -5.49
C THR A 8 2.83 5.66 -6.46
N PRO A 9 4.19 5.66 -6.15
CA PRO A 9 5.21 4.98 -7.00
C PRO A 9 4.99 3.44 -7.05
N ILE A 10 4.44 2.87 -5.96
CA ILE A 10 4.21 1.41 -5.84
C ILE A 10 3.12 0.96 -6.83
N PHE A 11 2.02 1.72 -6.87
CA PHE A 11 0.85 1.42 -7.72
C PHE A 11 1.20 1.69 -9.20
N ARG A 12 1.85 2.84 -9.46
CA ARG A 12 2.34 3.21 -10.81
C ARG A 12 3.32 2.16 -11.37
N GLN A 13 4.11 1.53 -10.48
CA GLN A 13 5.00 0.41 -10.82
C GLN A 13 4.19 -0.82 -11.26
N VAL A 14 3.35 -1.30 -10.34
CA VAL A 14 2.60 -2.58 -10.45
C VAL A 14 1.68 -2.60 -11.68
N PHE A 15 0.89 -1.53 -11.85
CA PHE A 15 -0.11 -1.45 -12.95
C PHE A 15 0.53 -0.87 -14.24
N ASP A 16 1.80 -0.37 -14.12
CA ASP A 16 2.62 0.10 -15.27
C ASP A 16 1.96 1.32 -15.95
N ASP A 17 1.64 2.32 -15.11
CA ASP A 17 0.95 3.55 -15.56
C ASP A 17 1.29 4.70 -14.61
N ASP A 18 1.97 5.73 -15.12
CA ASP A 18 2.41 6.92 -14.35
C ASP A 18 1.24 7.91 -14.13
N SER A 19 0.11 7.71 -14.83
CA SER A 19 -1.03 8.64 -14.77
C SER A 19 -1.93 8.37 -13.55
N ILE A 20 -1.65 7.26 -12.82
CA ILE A 20 -2.36 6.91 -11.58
C ILE A 20 -2.24 8.04 -10.53
N VAL A 21 -3.40 8.60 -10.14
CA VAL A 21 -3.51 9.63 -9.11
C VAL A 21 -4.41 9.03 -8.02
N LEU A 22 -3.78 8.48 -6.97
CA LEU A 22 -4.48 7.73 -5.92
C LEU A 22 -5.47 8.60 -5.16
N THR A 23 -6.70 8.10 -5.07
CA THR A 23 -7.77 8.68 -4.27
C THR A 23 -8.05 7.72 -3.13
N ARG A 24 -8.70 8.21 -2.07
CA ARG A 24 -9.02 7.40 -0.89
C ARG A 24 -9.86 6.17 -1.30
N GLU A 25 -10.89 6.40 -2.12
CA GLU A 25 -11.85 5.36 -2.54
C GLU A 25 -11.37 4.51 -3.75
N THR A 26 -10.07 4.63 -4.13
CA THR A 26 -9.48 3.78 -5.19
C THR A 26 -9.45 2.29 -4.75
N SER A 27 -10.44 1.50 -5.17
CA SER A 27 -10.49 0.06 -4.90
C SER A 27 -10.14 -0.74 -6.16
N ALA A 28 -10.23 -2.08 -6.05
CA ALA A 28 -10.09 -3.01 -7.18
C ALA A 28 -11.17 -2.77 -8.29
N ASN A 29 -12.22 -1.99 -7.96
CA ASN A 29 -13.24 -1.55 -8.93
C ASN A 29 -12.78 -0.27 -9.67
N ASP A 30 -12.06 0.61 -8.95
CA ASP A 30 -11.61 1.92 -9.49
C ASP A 30 -10.39 1.75 -10.41
N ILE A 31 -9.63 0.67 -10.21
CA ILE A 31 -8.52 0.26 -11.10
C ILE A 31 -8.92 -1.10 -11.68
N ASP A 32 -9.26 -1.10 -12.98
CA ASP A 32 -9.78 -2.31 -13.67
C ASP A 32 -8.72 -3.42 -13.71
N ALA A 33 -7.45 -3.03 -13.90
CA ALA A 33 -6.30 -3.94 -13.99
C ALA A 33 -5.92 -4.55 -12.62
N TRP A 34 -6.56 -4.08 -11.53
CA TRP A 34 -6.29 -4.54 -10.15
C TRP A 34 -7.09 -5.82 -9.86
N ASP A 35 -6.74 -6.91 -10.54
CA ASP A 35 -7.28 -8.27 -10.27
C ASP A 35 -6.50 -8.91 -9.10
N SER A 36 -6.99 -10.06 -8.63
CA SER A 36 -6.44 -10.80 -7.45
C SER A 36 -4.92 -11.08 -7.54
N LEU A 37 -4.43 -11.36 -8.75
CA LEU A 37 -3.00 -11.63 -8.98
C LEU A 37 -2.17 -10.32 -8.96
N SER A 38 -2.79 -9.21 -9.42
CA SER A 38 -2.20 -7.86 -9.33
C SER A 38 -2.15 -7.36 -7.86
N HIS A 39 -3.13 -7.80 -7.03
CA HIS A 39 -3.11 -7.58 -5.55
C HIS A 39 -1.82 -8.16 -4.93
N MET A 40 -1.44 -9.36 -5.38
CA MET A 40 -0.24 -10.06 -4.87
C MET A 40 1.04 -9.25 -5.17
N ASN A 41 1.14 -8.75 -6.41
CA ASN A 41 2.28 -7.92 -6.88
C ASN A 41 2.34 -6.59 -6.12
N LEU A 42 1.15 -6.00 -5.87
CA LEU A 42 1.00 -4.73 -5.14
C LEU A 42 1.55 -4.86 -3.70
N ILE A 43 1.13 -5.93 -3.02
CA ILE A 43 1.49 -6.21 -1.63
C ILE A 43 3.01 -6.45 -1.50
N VAL A 44 3.57 -7.38 -2.31
CA VAL A 44 4.99 -7.77 -2.20
C VAL A 44 5.94 -6.57 -2.46
N SER A 45 5.47 -5.61 -3.29
CA SER A 45 6.19 -4.33 -3.52
C SER A 45 6.26 -3.49 -2.23
N LEU A 46 5.12 -3.37 -1.52
CA LEU A 46 5.06 -2.63 -0.23
C LEU A 46 5.96 -3.30 0.84
N GLU A 47 5.94 -4.64 0.86
CA GLU A 47 6.68 -5.46 1.84
C GLU A 47 8.20 -5.21 1.74
N VAL A 48 8.76 -5.33 0.53
CA VAL A 48 10.21 -5.19 0.30
C VAL A 48 10.72 -3.75 0.51
N HIS A 49 9.95 -2.75 0.02
CA HIS A 49 10.34 -1.32 0.06
C HIS A 49 10.43 -0.79 1.50
N TYR A 50 9.36 -1.00 2.29
CA TYR A 50 9.23 -0.43 3.66
C TYR A 50 9.66 -1.43 4.75
N LYS A 51 10.03 -2.67 4.32
CA LYS A 51 10.39 -3.79 5.24
C LYS A 51 9.24 -4.11 6.20
N ILE A 52 7.99 -3.95 5.70
CA ILE A 52 6.76 -4.14 6.51
C ILE A 52 6.19 -5.55 6.23
N LYS A 53 5.13 -5.90 6.96
CA LYS A 53 4.52 -7.24 6.89
C LYS A 53 3.00 -7.14 7.07
N PHE A 54 2.23 -7.37 5.99
CA PHE A 54 0.78 -7.52 6.07
C PHE A 54 0.43 -8.96 6.51
N ALA A 55 -0.48 -9.07 7.46
CA ALA A 55 -1.11 -10.35 7.81
C ALA A 55 -2.36 -10.49 6.92
N LEU A 56 -2.56 -11.69 6.34
CA LEU A 56 -3.62 -11.98 5.34
C LEU A 56 -5.03 -11.58 5.85
N GLY A 57 -5.25 -11.72 7.18
CA GLY A 57 -6.52 -11.32 7.81
C GLY A 57 -6.81 -9.83 7.67
N GLU A 58 -5.78 -9.00 7.95
CA GLU A 58 -5.83 -7.52 7.81
C GLU A 58 -6.03 -7.14 6.34
N LEU A 59 -5.37 -7.92 5.46
CA LEU A 59 -5.24 -7.64 4.03
C LEU A 59 -6.60 -7.75 3.31
N GLN A 60 -7.42 -8.73 3.72
CA GLN A 60 -8.79 -8.91 3.18
C GLN A 60 -9.76 -7.81 3.66
N LYS A 61 -9.39 -7.11 4.75
CA LYS A 61 -10.16 -5.96 5.28
C LYS A 61 -9.78 -4.67 4.56
N LEU A 62 -8.72 -4.72 3.71
CA LEU A 62 -8.26 -3.55 2.96
C LEU A 62 -9.10 -3.44 1.68
N LYS A 63 -10.19 -2.68 1.78
CA LYS A 63 -11.23 -2.55 0.74
C LYS A 63 -10.76 -1.61 -0.39
N ASN A 64 -9.87 -0.66 -0.06
CA ASN A 64 -9.38 0.36 -1.01
C ASN A 64 -8.04 0.97 -0.54
N VAL A 65 -7.51 1.93 -1.34
CA VAL A 65 -6.21 2.61 -1.08
C VAL A 65 -6.29 3.50 0.17
N GLY A 66 -7.52 3.85 0.58
CA GLY A 66 -7.76 4.52 1.86
C GLY A 66 -7.36 3.62 3.03
N ASP A 67 -7.72 2.32 2.89
CA ASP A 67 -7.33 1.28 3.86
C ASP A 67 -5.82 1.02 3.80
N LEU A 68 -5.23 0.96 2.59
CA LEU A 68 -3.75 0.81 2.41
C LEU A 68 -3.01 2.01 3.04
N ALA A 69 -3.59 3.21 2.92
CA ALA A 69 -3.00 4.46 3.43
C ALA A 69 -2.80 4.36 4.94
N ASP A 70 -3.92 4.09 5.64
CA ASP A 70 -3.95 3.90 7.09
C ASP A 70 -3.07 2.72 7.51
N LEU A 71 -3.23 1.56 6.82
CA LEU A 71 -2.63 0.26 7.25
C LEU A 71 -1.09 0.27 7.12
N VAL A 72 -0.57 0.70 5.95
CA VAL A 72 0.88 0.85 5.71
C VAL A 72 1.48 1.84 6.74
N ASP A 73 0.72 2.91 7.07
CA ASP A 73 1.13 3.92 8.06
C ASP A 73 1.09 3.34 9.49
N LYS A 74 0.16 2.39 9.74
CA LYS A 74 0.08 1.66 11.02
C LYS A 74 1.34 0.80 11.20
N LYS A 75 1.84 0.25 10.06
CA LYS A 75 3.07 -0.54 10.03
C LYS A 75 4.29 0.36 10.29
N LEU A 76 4.26 1.59 9.71
CA LEU A 76 5.33 2.61 9.89
C LEU A 76 5.33 3.14 11.34
N ALA A 77 4.16 3.12 11.99
CA ALA A 77 4.00 3.45 13.42
C ALA A 77 4.52 2.28 14.29
N ARG A 78 4.35 1.04 13.77
CA ARG A 78 4.92 -0.16 14.42
C ARG A 78 6.44 -0.25 14.22
N LYS A 79 6.99 0.56 13.29
CA LYS A 79 8.44 0.71 13.11
C LYS A 79 8.99 1.76 14.10
N LEU A 80 8.68 3.07 13.82
CA LEU A 80 9.32 4.24 14.47
C LEU A 80 10.83 4.03 14.66
N GLU A 81 11.45 3.53 13.57
CA GLU A 81 12.81 2.98 13.58
C GLU A 81 13.83 4.09 13.90
N HIS A 82 14.89 3.71 14.65
CA HIS A 82 15.98 4.59 15.10
C HIS A 82 16.54 5.45 13.94
N HIS A 83 16.97 4.76 12.85
CA HIS A 83 17.51 5.39 11.63
C HIS A 83 17.98 4.31 10.63
N HIS A 84 18.58 3.24 11.17
CA HIS A 84 19.37 2.23 10.41
C HIS A 84 20.57 2.90 9.70
N HIS A 85 20.28 3.50 8.53
CA HIS A 85 21.24 4.16 7.63
C HIS A 85 20.49 4.77 6.43
N HIS A 86 19.13 4.86 6.56
CA HIS A 86 18.24 5.22 5.45
C HIS A 86 17.11 6.10 6.00
N HIS A 87 17.40 7.40 6.15
CA HIS A 87 16.43 8.45 6.51
C HIS A 87 17.19 9.80 6.57
#